data_9QIV
#
_entry.id   9QIV
#
loop_
_entity.id
_entity.type
_entity.pdbx_description
1 polymer 'Dual E2 ubiquitin-conjugating enzyme/E3 ubiquitin-protein ligase BIRC6'
2 polymer 'Ubiquitin-like modifier-activating enzyme 6'
3 non-polymer 'INOSITOL HEXAKISPHOSPHATE'
4 non-polymer "ADENOSINE-5'-TRIPHOSPHATE"
#
loop_
_entity_poly.entity_id
_entity_poly.type
_entity_poly.pdbx_seq_one_letter_code
_entity_poly.pdbx_strand_id
1 'polypeptide(L)'
;GPANQEKKLGEYSKKAAMKPKPLSVLKSLEEKYVAVMKKLQFDTFEMVSEDEDGKLGFKVNYHYMSQVKNANDANSAARA
RRLAQEAVTLSTSLPLSSSSSVFVRCDEERLDIMKVLITGPADTPYANGCFEFDVYFPQDYPSSPPLVNLETTGGHSVRF
NPNLYNDGKVCLSILNTWHGRPEEKWNPQTSSFLQVLVSVQSLILVAEPYFNEPGYERSRGTPSGTQSSREYDGNIRQAT
VKWAMLEQIRNPSPCFKEVIHKHFYLKRVEIMAQCEEWIADIQQYSSDKRVGRTMSHHAAALKRHTAQLREELLKLPCPE
GLDPD
;
A
2 'polypeptide(L)'
;GPMEGSEPVAAHQGEEASCSSWGTGSTNKNLPIMSTASVEIDDALYSRQRYVLGDTAMQKMAKSHVFLSGMGGLGLEIAK
NLVLAGIKAVTIHDTEKCQAWDLGTNFFLSEDDVVNKRNRAEAVLKHIAELNPYVHVTSSSVPFNETTDLSFLDKYQCVV
LTEMKLPLQKKINDFCRSQCPPIKFISADVHGIWSRLFCDFGDEFEVLDTTGEEPKEIFISNITQANPGIVTCLENHPHK
LETGQFLTFREINGMTGLNGSIQQITVISPFSFSIGDTTELEPYLHGGIAVQVKTPKTVFFESLERQLKHPKCLIVDFSN
PEAPLEIHTAMLALDQFQEKYSRKPNVGCQQDSEELLKLATSISETLEEKPDVNADIVHWLSWTAQGFLSPLAAAVGGVA
SQEVLKAVTGKFSPLCQWLYLEAADIVESLGKPECEEFLPRGDRYDALRACIGDTLCQKLQNLNIFLVGCGAIGCEMLKN
FALLGVGTSKEKGMITVTDPDLIEKSNLNRQFLFRPHHIQKPKSYTAADATLKINSQIKIDAHLNKVCPTTETIYNDEFY
TKQDVIITALDNVEARRYVDSRCLANLRPLLDSGTMGTKGHTEVIVPHLTESYNSHRDPPEEEIPFSTLKSFPAAIEHTI
QWARDKFESSFSHKPSLFNKFWQTYSSAEEVLQKIQSGHSLEGCFQVIKLLSRRPRNWSQCVELARLKFEKYFNHKALQL
LHCFPLDIRLKDGSLFWQSPKRPPSPIKFDLNEPLHLSFLQNAAKLYATVYCIPFAEEDLSADALLNILSEVKIQEFKPS
NKVVQTDETARKPDHVPISSEDERNAIFQLEKAILSNEATKSDLQMAVLSFEKDDDHNGHIDFITAASNLRAKMYSIEPA
DRFKTKRIAGKIIPAIATTTATVSGLVALEMIKVTGGYPFEAYKNCFLNLAIPIVVFTETTEVRKTKIRNGISFTIWDRW
TVHGKEDFTLLDFINAVKEKYGIEPTMVVQGVKMLYVPVMPGHAKRLKLTMHKLVKPTTEKKYVDLTVSFAPDIDGDEDL
PGPPVRYYFSHDTD
;
B
#
loop_
_chem_comp.id
_chem_comp.type
_chem_comp.name
_chem_comp.formula
ATP non-polymer ADENOSINE-5'-TRIPHOSPHATE 'C10 H16 N5 O13 P3'
IHP non-polymer 'INOSITOL HEXAKISPHOSPHATE' 'C6 H18 O24 P6'
#
# COMPACT_ATOMS: atom_id res chain seq x y z
N SER A 28 -47.91 12.93 -28.62
CA SER A 28 -47.61 14.32 -28.28
C SER A 28 -47.10 14.43 -26.85
N LEU A 29 -47.61 13.56 -25.97
CA LEU A 29 -47.18 13.58 -24.58
C LEU A 29 -45.70 13.25 -24.46
N GLU A 30 -45.24 12.25 -25.21
CA GLU A 30 -43.82 11.90 -25.16
C GLU A 30 -42.95 13.03 -25.70
N GLU A 31 -43.39 13.68 -26.77
CA GLU A 31 -42.62 14.80 -27.31
C GLU A 31 -42.55 15.95 -26.31
N LYS A 32 -43.67 16.25 -25.64
CA LYS A 32 -43.67 17.30 -24.62
C LYS A 32 -42.75 16.93 -23.47
N TYR A 33 -42.78 15.66 -23.04
CA TYR A 33 -41.91 15.22 -21.96
C TYR A 33 -40.44 15.35 -22.34
N VAL A 34 -40.10 15.00 -23.57
CA VAL A 34 -38.72 15.13 -24.04
C VAL A 34 -38.33 16.61 -24.07
N ALA A 35 -39.20 17.46 -24.59
CA ALA A 35 -38.86 18.88 -24.71
C ALA A 35 -38.67 19.52 -23.34
N VAL A 36 -39.56 19.22 -22.40
CA VAL A 36 -39.44 19.86 -21.09
C VAL A 36 -38.23 19.34 -20.33
N MET A 37 -38.04 18.02 -20.32
CA MET A 37 -36.96 17.44 -19.54
C MET A 37 -35.57 17.77 -20.08
N LYS A 38 -35.47 18.15 -21.36
CA LYS A 38 -34.14 18.37 -21.94
C LYS A 38 -33.43 19.53 -21.25
N LYS A 39 -34.16 20.58 -20.91
CA LYS A 39 -33.56 21.74 -20.26
C LYS A 39 -33.04 21.42 -18.86
N LEU A 40 -33.50 20.33 -18.25
CA LEU A 40 -33.12 19.99 -16.89
C LEU A 40 -32.19 18.77 -16.81
N GLN A 41 -31.68 18.30 -17.95
CA GLN A 41 -30.81 17.12 -17.92
C GLN A 41 -29.51 17.42 -17.20
N PHE A 42 -28.92 18.59 -17.44
CA PHE A 42 -27.64 18.96 -16.85
C PHE A 42 -27.73 20.35 -16.26
N ASP A 43 -27.27 20.50 -15.02
CA ASP A 43 -27.29 21.78 -14.33
C ASP A 43 -26.30 21.71 -13.18
N THR A 44 -26.17 22.82 -12.46
CA THR A 44 -25.24 22.93 -11.34
C THR A 44 -26.01 23.29 -10.09
N PHE A 45 -25.61 22.67 -8.98
CA PHE A 45 -26.24 22.90 -7.68
C PHE A 45 -25.15 22.99 -6.62
N GLU A 46 -25.44 23.73 -5.55
CA GLU A 46 -24.47 23.94 -4.47
C GLU A 46 -24.64 22.82 -3.45
N MET A 47 -23.81 21.78 -3.58
CA MET A 47 -23.81 20.68 -2.64
C MET A 47 -22.87 20.90 -1.46
N VAL A 48 -21.72 21.53 -1.70
CA VAL A 48 -20.73 21.76 -0.66
C VAL A 48 -20.36 23.24 -0.66
N SER A 49 -20.39 23.86 0.53
CA SER A 49 -19.96 25.22 0.72
C SER A 49 -18.92 25.26 1.83
N GLU A 50 -17.88 26.07 1.63
CA GLU A 50 -16.81 26.21 2.62
C GLU A 50 -17.09 27.41 3.51
N ASP A 51 -16.94 27.22 4.82
CA ASP A 51 -17.06 28.33 5.74
C ASP A 51 -15.78 29.17 5.73
N GLU A 52 -15.74 30.19 6.58
CA GLU A 52 -14.61 31.11 6.59
C GLU A 52 -13.35 30.43 7.12
N ASP A 53 -13.50 29.49 8.07
CA ASP A 53 -12.34 28.77 8.58
C ASP A 53 -11.68 27.93 7.48
N GLY A 54 -12.49 27.28 6.65
CA GLY A 54 -11.95 26.50 5.56
C GLY A 54 -12.39 25.06 5.57
N LYS A 55 -13.37 24.73 6.39
CA LYS A 55 -13.89 23.37 6.48
C LYS A 55 -14.96 23.14 5.42
N LEU A 56 -15.20 21.86 5.13
CA LEU A 56 -16.19 21.48 4.11
C LEU A 56 -17.54 21.29 4.80
N GLY A 57 -18.50 22.15 4.46
CA GLY A 57 -19.86 22.02 4.92
C GLY A 57 -20.73 21.43 3.82
N PHE A 58 -21.51 20.41 4.16
CA PHE A 58 -22.36 19.72 3.22
C PHE A 58 -23.80 20.15 3.44
N LYS A 59 -24.45 20.63 2.39
CA LYS A 59 -25.82 21.08 2.46
C LYS A 59 -26.83 19.98 2.20
N VAL A 60 -26.44 18.92 1.49
CA VAL A 60 -27.31 17.78 1.23
C VAL A 60 -26.54 16.51 1.57
N ASN A 61 -27.28 15.42 1.75
CA ASN A 61 -26.69 14.15 2.12
C ASN A 61 -25.82 13.62 0.99
N TYR A 62 -24.66 13.08 1.36
CA TYR A 62 -23.70 12.56 0.39
C TYR A 62 -23.06 11.29 0.96
N HIS A 63 -22.92 10.28 0.11
CA HIS A 63 -22.41 8.99 0.56
C HIS A 63 -20.90 9.00 0.75
N TYR A 64 -20.17 9.74 -0.08
CA TYR A 64 -18.70 9.73 -0.04
C TYR A 64 -18.15 10.94 0.71
N MET A 65 -18.85 11.38 1.76
CA MET A 65 -18.45 12.57 2.48
C MET A 65 -17.06 12.44 3.08
N SER A 66 -16.74 11.27 3.64
CA SER A 66 -15.46 11.10 4.34
C SER A 66 -14.29 11.25 3.37
N GLN A 67 -14.37 10.61 2.21
CA GLN A 67 -13.28 10.70 1.23
C GLN A 67 -13.14 12.11 0.69
N VAL A 68 -14.25 12.82 0.50
CA VAL A 68 -14.18 14.20 0.06
C VAL A 68 -13.47 15.07 1.09
N LYS A 69 -13.77 14.85 2.37
CA LYS A 69 -13.10 15.62 3.42
C LYS A 69 -11.61 15.34 3.47
N ASN A 70 -11.16 14.16 3.04
CA ASN A 70 -9.76 13.78 3.09
C ASN A 70 -9.07 13.93 1.73
N ALA A 71 -9.71 14.54 0.75
CA ALA A 71 -9.10 14.73 -0.55
C ALA A 71 -8.00 15.79 -0.48
N ASN A 72 -6.84 15.46 -1.03
CA ASN A 72 -5.73 16.40 -1.05
C ASN A 72 -5.97 17.49 -2.09
N ASP A 73 -5.28 18.61 -1.91
CA ASP A 73 -5.32 19.69 -2.87
C ASP A 73 -4.30 19.55 -4.00
N ALA A 74 -3.48 18.50 -3.96
CA ALA A 74 -2.50 18.27 -5.01
C ALA A 74 -3.14 17.53 -6.18
N ASN A 75 -4.27 18.04 -6.65
CA ASN A 75 -4.99 17.38 -7.74
C ASN A 75 -4.25 17.57 -9.06
N SER A 76 -4.11 16.47 -9.81
CA SER A 76 -3.49 16.55 -11.12
C SER A 76 -4.38 17.32 -12.08
N ALA A 77 -3.75 18.13 -12.92
CA ALA A 77 -4.49 18.85 -13.96
C ALA A 77 -5.11 17.89 -14.97
N ALA A 78 -4.56 16.68 -15.11
CA ALA A 78 -5.17 15.69 -16.00
C ALA A 78 -6.55 15.31 -15.52
N ARG A 79 -6.72 15.14 -14.21
CA ARG A 79 -8.04 14.83 -13.66
C ARG A 79 -9.04 15.94 -13.94
N ALA A 80 -8.61 17.20 -13.78
CA ALA A 80 -9.50 18.32 -14.06
C ALA A 80 -9.87 18.38 -15.54
N ARG A 81 -8.88 18.14 -16.42
CA ARG A 81 -9.17 18.13 -17.85
C ARG A 81 -10.15 17.03 -18.21
N ARG A 82 -9.95 15.83 -17.67
CA ARG A 82 -10.86 14.73 -17.95
C ARG A 82 -12.25 15.04 -17.45
N LEU A 83 -12.36 15.62 -16.25
CA LEU A 83 -13.68 15.97 -15.72
C LEU A 83 -14.35 17.03 -16.59
N ALA A 84 -13.59 18.01 -17.08
CA ALA A 84 -14.18 19.03 -17.94
C ALA A 84 -14.68 18.43 -19.24
N GLN A 85 -13.89 17.55 -19.86
CA GLN A 85 -14.33 16.91 -21.09
C GLN A 85 -15.56 16.03 -20.86
N GLU A 86 -15.58 15.31 -19.73
CA GLU A 86 -16.76 14.52 -19.39
C GLU A 86 -17.98 15.41 -19.19
N ALA A 87 -17.78 16.60 -18.60
CA ALA A 87 -18.88 17.53 -18.44
C ALA A 87 -19.40 18.01 -19.79
N VAL A 88 -18.48 18.26 -20.73
CA VAL A 88 -18.89 18.64 -22.09
C VAL A 88 -19.74 17.53 -22.70
N THR A 89 -19.27 16.29 -22.59
CA THR A 89 -20.00 15.17 -23.17
C THR A 89 -21.37 15.00 -22.52
N LEU A 90 -21.43 15.17 -21.19
CA LEU A 90 -22.72 15.04 -20.49
C LEU A 90 -23.68 16.14 -20.92
N SER A 91 -23.21 17.39 -21.01
CA SER A 91 -24.09 18.46 -21.42
C SER A 91 -24.55 18.28 -22.85
N THR A 92 -23.76 17.60 -23.67
CA THR A 92 -24.14 17.47 -25.08
C THR A 92 -25.05 16.27 -25.35
N SER A 93 -24.72 15.08 -24.86
CA SER A 93 -25.33 13.86 -25.36
C SER A 93 -25.78 12.94 -24.22
N LEU A 94 -26.47 13.50 -23.24
CA LEU A 94 -27.06 12.61 -22.23
C LEU A 94 -28.30 11.92 -22.80
N PRO A 95 -28.53 10.65 -22.44
CA PRO A 95 -29.72 9.96 -22.93
C PRO A 95 -31.00 10.62 -22.42
N LEU A 96 -32.03 10.63 -23.27
CA LEU A 96 -33.30 11.25 -22.92
C LEU A 96 -34.39 10.65 -23.79
N SER A 97 -35.39 10.03 -23.16
CA SER A 97 -36.51 9.45 -23.88
C SER A 97 -37.65 9.25 -22.89
N SER A 98 -38.84 8.97 -23.43
CA SER A 98 -39.99 8.71 -22.58
C SER A 98 -39.77 7.47 -21.74
N SER A 99 -39.18 6.42 -22.33
CA SER A 99 -38.95 5.19 -21.59
C SER A 99 -37.96 5.39 -20.47
N SER A 100 -36.85 6.09 -20.73
CA SER A 100 -35.82 6.29 -19.71
C SER A 100 -35.12 7.62 -19.97
N SER A 101 -34.60 8.19 -18.89
CA SER A 101 -33.89 9.47 -18.96
C SER A 101 -32.83 9.50 -17.87
N VAL A 102 -31.82 10.34 -18.09
CA VAL A 102 -30.73 10.52 -17.15
C VAL A 102 -30.62 12.01 -16.81
N PHE A 103 -30.50 12.30 -15.52
CA PHE A 103 -30.33 13.67 -15.05
C PHE A 103 -29.10 13.73 -14.16
N VAL A 104 -28.23 14.69 -14.41
CA VAL A 104 -26.97 14.83 -13.71
C VAL A 104 -26.88 16.22 -13.11
N ARG A 105 -26.53 16.30 -11.83
CA ARG A 105 -26.29 17.56 -11.14
C ARG A 105 -24.86 17.57 -10.63
N CYS A 106 -24.12 18.62 -10.97
CA CYS A 106 -22.73 18.76 -10.58
C CYS A 106 -22.58 19.92 -9.60
N ASP A 107 -21.66 19.78 -8.65
CA ASP A 107 -21.43 20.82 -7.67
C ASP A 107 -20.93 22.09 -8.34
N GLU A 108 -21.36 23.24 -7.82
CA GLU A 108 -20.99 24.52 -8.40
C GLU A 108 -19.52 24.87 -8.21
N GLU A 109 -18.80 24.13 -7.36
CA GLU A 109 -17.40 24.45 -7.12
C GLU A 109 -16.50 23.22 -7.02
N ARG A 110 -17.02 22.02 -7.28
CA ARG A 110 -16.23 20.80 -7.21
C ARG A 110 -16.71 19.85 -8.30
N LEU A 111 -15.84 19.56 -9.27
CA LEU A 111 -16.22 18.68 -10.37
C LEU A 111 -16.36 17.23 -9.92
N ASP A 112 -15.80 16.86 -8.77
CA ASP A 112 -15.84 15.47 -8.31
C ASP A 112 -17.10 15.14 -7.52
N ILE A 113 -18.01 16.09 -7.35
CA ILE A 113 -19.28 15.86 -6.66
C ILE A 113 -20.38 15.86 -7.70
N MET A 114 -21.11 14.76 -7.79
CA MET A 114 -22.17 14.61 -8.77
C MET A 114 -23.24 13.66 -8.25
N LYS A 115 -24.50 14.00 -8.53
CA LYS A 115 -25.64 13.15 -8.24
C LYS A 115 -26.36 12.84 -9.54
N VAL A 116 -26.79 11.60 -9.69
CA VAL A 116 -27.42 11.13 -10.93
C VAL A 116 -28.79 10.58 -10.59
N LEU A 117 -29.79 11.00 -11.35
CA LEU A 117 -31.14 10.47 -11.23
C LEU A 117 -31.50 9.74 -12.52
N ILE A 118 -31.91 8.48 -12.40
CA ILE A 118 -32.21 7.63 -13.54
C ILE A 118 -33.64 7.15 -13.42
N THR A 119 -34.42 7.32 -14.49
CA THR A 119 -35.78 6.82 -14.53
C THR A 119 -35.77 5.43 -15.16
N GLY A 120 -36.40 4.47 -14.48
CA GLY A 120 -36.42 3.11 -14.94
C GLY A 120 -37.06 2.93 -16.29
N PRO A 121 -36.44 2.14 -17.15
CA PRO A 121 -37.01 1.90 -18.48
C PRO A 121 -38.34 1.16 -18.37
N ALA A 122 -39.20 1.40 -19.36
CA ALA A 122 -40.51 0.77 -19.37
C ALA A 122 -40.37 -0.74 -19.56
N ASP A 123 -41.47 -1.45 -19.29
CA ASP A 123 -41.58 -2.90 -19.43
C ASP A 123 -40.64 -3.65 -18.48
N THR A 124 -40.15 -2.98 -17.44
CA THR A 124 -39.31 -3.57 -16.42
C THR A 124 -39.91 -3.28 -15.06
N PRO A 125 -39.57 -4.06 -14.04
CA PRO A 125 -40.07 -3.77 -12.69
C PRO A 125 -39.62 -2.42 -12.15
N TYR A 126 -38.58 -1.82 -12.72
CA TYR A 126 -38.12 -0.51 -12.30
C TYR A 126 -38.80 0.63 -13.06
N ALA A 127 -39.78 0.32 -13.90
CA ALA A 127 -40.31 1.30 -14.85
C ALA A 127 -40.82 2.54 -14.14
N ASN A 128 -40.42 3.70 -14.65
CA ASN A 128 -40.87 5.00 -14.17
C ASN A 128 -40.49 5.25 -12.71
N GLY A 129 -39.47 4.55 -12.21
CA GLY A 129 -38.97 4.78 -10.87
C GLY A 129 -37.74 5.68 -10.91
N CYS A 130 -37.71 6.64 -10.00
CA CYS A 130 -36.61 7.59 -9.92
C CYS A 130 -35.56 7.06 -8.95
N PHE A 131 -34.38 6.73 -9.46
CA PHE A 131 -33.30 6.17 -8.66
C PHE A 131 -32.16 7.17 -8.59
N GLU A 132 -31.72 7.47 -7.36
CA GLU A 132 -30.70 8.46 -7.12
C GLU A 132 -29.35 7.79 -6.85
N PHE A 133 -28.29 8.38 -7.38
CA PHE A 133 -26.94 7.83 -7.24
C PHE A 133 -26.00 8.94 -6.81
N ASP A 134 -24.97 8.55 -6.07
CA ASP A 134 -23.90 9.46 -5.67
C ASP A 134 -22.61 8.99 -6.34
N VAL A 135 -21.98 9.89 -7.10
CA VAL A 135 -20.75 9.57 -7.82
C VAL A 135 -19.65 10.50 -7.32
N TYR A 136 -18.56 9.90 -6.85
CA TYR A 136 -17.38 10.64 -6.45
C TYR A 136 -16.19 10.19 -7.29
N PHE A 137 -15.46 11.14 -7.84
CA PHE A 137 -14.30 10.83 -8.66
C PHE A 137 -13.06 10.79 -7.79
N PRO A 138 -12.30 9.70 -7.78
CA PRO A 138 -11.11 9.62 -6.92
C PRO A 138 -10.02 10.57 -7.40
N GLN A 139 -9.03 10.76 -6.54
CA GLN A 139 -7.94 11.69 -6.83
C GLN A 139 -7.14 11.26 -8.05
N ASP A 140 -7.03 9.96 -8.30
CA ASP A 140 -6.24 9.45 -9.40
C ASP A 140 -7.06 9.29 -10.68
N TYR A 141 -8.31 9.72 -10.68
CA TYR A 141 -9.14 9.61 -11.87
C TYR A 141 -8.48 10.34 -13.04
N PRO A 142 -8.54 9.79 -14.26
CA PRO A 142 -9.28 8.60 -14.69
C PRO A 142 -8.51 7.30 -14.59
N SER A 143 -7.45 7.20 -13.79
CA SER A 143 -6.77 5.93 -13.62
C SER A 143 -7.67 4.89 -12.98
N SER A 144 -8.45 5.31 -11.97
CA SER A 144 -9.41 4.42 -11.34
C SER A 144 -10.82 4.80 -11.75
N PRO A 145 -11.73 3.83 -11.84
CA PRO A 145 -13.10 4.15 -12.21
C PRO A 145 -13.76 4.98 -11.11
N PRO A 146 -14.70 5.85 -11.47
CA PRO A 146 -15.40 6.63 -10.44
C PRO A 146 -16.24 5.73 -9.55
N LEU A 147 -16.36 6.14 -8.29
CA LEU A 147 -17.15 5.39 -7.33
C LEU A 147 -18.61 5.79 -7.42
N VAL A 148 -19.47 4.80 -7.60
CA VAL A 148 -20.92 5.01 -7.74
C VAL A 148 -21.62 4.22 -6.65
N ASN A 149 -22.50 4.89 -5.91
CA ASN A 149 -23.25 4.27 -4.83
C ASN A 149 -24.72 4.62 -4.96
N LEU A 150 -25.58 3.60 -4.89
CA LEU A 150 -27.02 3.83 -4.96
C LEU A 150 -27.52 4.44 -3.65
N GLU A 151 -28.39 5.45 -3.77
CA GLU A 151 -28.96 6.13 -2.63
C GLU A 151 -30.40 5.73 -2.34
N THR A 152 -31.14 5.28 -3.35
CA THR A 152 -32.53 4.87 -3.14
C THR A 152 -32.58 3.39 -2.73
N THR A 153 -31.93 3.10 -1.60
CA THR A 153 -31.89 1.76 -1.06
C THR A 153 -32.99 1.51 -0.02
N GLY A 154 -33.80 2.51 0.28
CA GLY A 154 -34.84 2.35 1.29
C GLY A 154 -34.30 2.06 2.67
N GLY A 155 -33.24 2.78 3.08
CA GLY A 155 -32.61 2.50 4.36
C GLY A 155 -31.94 1.15 4.42
N HIS A 156 -31.32 0.72 3.33
CA HIS A 156 -30.59 -0.55 3.25
C HIS A 156 -31.47 -1.76 3.52
N SER A 157 -32.78 -1.63 3.26
CA SER A 157 -33.71 -2.73 3.48
C SER A 157 -34.11 -3.44 2.19
N VAL A 158 -33.74 -2.91 1.03
CA VAL A 158 -34.17 -3.45 -0.25
C VAL A 158 -32.94 -3.72 -1.10
N ARG A 159 -32.88 -4.91 -1.70
CA ARG A 159 -31.86 -5.25 -2.68
C ARG A 159 -32.52 -5.20 -4.05
N PHE A 160 -32.43 -4.04 -4.71
CA PHE A 160 -33.16 -3.83 -5.95
C PHE A 160 -32.67 -4.71 -7.09
N ASN A 161 -31.47 -5.26 -7.00
CA ASN A 161 -30.90 -6.05 -8.08
C ASN A 161 -29.77 -6.89 -7.52
N PRO A 162 -29.47 -8.03 -8.14
CA PRO A 162 -28.27 -8.78 -7.71
C PRO A 162 -27.00 -7.97 -7.80
N ASN A 163 -26.91 -7.05 -8.75
CA ASN A 163 -25.76 -6.14 -8.83
C ASN A 163 -25.94 -4.88 -8.01
N LEU A 164 -27.11 -4.66 -7.43
CA LEU A 164 -27.38 -3.51 -6.58
C LEU A 164 -27.65 -4.03 -5.17
N TYR A 165 -26.58 -4.15 -4.38
CA TYR A 165 -26.71 -4.65 -3.03
C TYR A 165 -27.47 -3.65 -2.15
N ASN A 166 -28.06 -4.17 -1.08
CA ASN A 166 -28.88 -3.35 -0.19
C ASN A 166 -28.08 -2.23 0.46
N ASP A 167 -26.77 -2.40 0.61
CA ASP A 167 -25.92 -1.38 1.19
C ASP A 167 -25.63 -0.24 0.22
N GLY A 168 -26.02 -0.37 -1.04
CA GLY A 168 -25.84 0.67 -2.04
C GLY A 168 -24.71 0.44 -3.01
N LYS A 169 -23.88 -0.58 -2.82
CA LYS A 169 -22.80 -0.85 -3.75
C LYS A 169 -23.35 -1.29 -5.10
N VAL A 170 -22.75 -0.78 -6.17
CA VAL A 170 -23.11 -1.14 -7.54
C VAL A 170 -21.98 -1.99 -8.11
N CYS A 171 -22.32 -3.17 -8.61
CA CYS A 171 -21.35 -4.11 -9.16
C CYS A 171 -21.42 -4.06 -10.67
N LEU A 172 -20.33 -3.61 -11.29
CA LEU A 172 -20.23 -3.56 -12.75
C LEU A 172 -18.80 -3.85 -13.15
N SER A 173 -18.65 -4.45 -14.34
CA SER A 173 -17.32 -4.74 -14.86
C SER A 173 -16.56 -3.45 -15.16
N ILE A 174 -17.25 -2.45 -15.69
CA ILE A 174 -16.60 -1.19 -16.05
C ILE A 174 -16.14 -0.42 -14.81
N LEU A 175 -16.66 -0.75 -13.63
CA LEU A 175 -16.21 -0.15 -12.39
C LEU A 175 -15.21 -1.03 -11.64
N ASN A 176 -14.73 -2.09 -12.27
CA ASN A 176 -13.77 -3.03 -11.68
C ASN A 176 -14.30 -3.68 -10.41
N THR A 177 -15.60 -3.60 -10.17
CA THR A 177 -16.23 -4.24 -9.03
C THR A 177 -16.88 -5.57 -9.38
N TRP A 178 -16.73 -6.04 -10.62
CA TRP A 178 -17.38 -7.26 -11.06
C TRP A 178 -16.42 -8.04 -11.96
N HIS A 179 -16.64 -9.35 -12.03
CA HIS A 179 -15.83 -10.20 -12.90
C HIS A 179 -16.19 -9.94 -14.36
N GLY A 180 -15.16 -9.79 -15.19
CA GLY A 180 -15.38 -9.48 -16.59
C GLY A 180 -14.08 -9.49 -17.36
N ARG A 181 -14.20 -9.31 -18.66
CA ARG A 181 -13.05 -9.30 -19.55
C ARG A 181 -12.26 -8.00 -19.38
N PRO A 182 -10.98 -7.99 -19.74
CA PRO A 182 -10.21 -6.74 -19.68
C PRO A 182 -10.82 -5.62 -20.50
N GLU A 183 -11.40 -5.94 -21.67
CA GLU A 183 -12.08 -4.92 -22.45
C GLU A 183 -13.36 -4.45 -21.77
N GLU A 184 -13.91 -5.24 -20.85
CA GLU A 184 -15.07 -4.86 -20.07
C GLU A 184 -14.69 -4.12 -18.79
N LYS A 185 -13.41 -4.04 -18.47
CA LYS A 185 -12.96 -3.36 -17.26
C LYS A 185 -12.70 -1.88 -17.55
N TRP A 186 -12.43 -1.13 -16.48
CA TRP A 186 -12.21 0.31 -16.61
C TRP A 186 -10.92 0.57 -17.36
N ASN A 187 -10.98 1.46 -18.35
CA ASN A 187 -9.84 1.83 -19.17
C ASN A 187 -9.61 3.33 -19.05
N PRO A 188 -8.45 3.76 -18.53
CA PRO A 188 -8.23 5.21 -18.32
C PRO A 188 -8.26 6.02 -19.60
N GLN A 189 -8.05 5.41 -20.75
CA GLN A 189 -7.99 6.15 -22.01
C GLN A 189 -9.28 6.12 -22.80
N THR A 190 -10.04 5.03 -22.73
CA THR A 190 -11.23 4.86 -23.56
C THR A 190 -12.53 4.89 -22.80
N SER A 191 -12.56 4.42 -21.55
CA SER A 191 -13.79 4.40 -20.79
C SER A 191 -14.19 5.81 -20.36
N SER A 192 -15.48 6.09 -20.39
CA SER A 192 -16.02 7.39 -20.02
C SER A 192 -17.21 7.22 -19.10
N PHE A 193 -17.53 8.28 -18.38
CA PHE A 193 -18.66 8.25 -17.44
C PHE A 193 -19.98 8.05 -18.16
N LEU A 194 -20.13 8.61 -19.35
CA LEU A 194 -21.34 8.39 -20.13
C LEU A 194 -21.51 6.91 -20.45
N GLN A 195 -20.41 6.21 -20.75
CA GLN A 195 -20.47 4.77 -20.94
C GLN A 195 -20.92 4.08 -19.68
N VAL A 196 -20.49 4.57 -18.51
CA VAL A 196 -20.93 3.99 -17.24
C VAL A 196 -22.45 4.13 -17.09
N LEU A 197 -22.97 5.32 -17.38
CA LEU A 197 -24.41 5.52 -17.26
C LEU A 197 -25.19 4.65 -18.24
N VAL A 198 -24.71 4.55 -19.48
CA VAL A 198 -25.39 3.71 -20.47
C VAL A 198 -25.35 2.25 -20.05
N SER A 199 -24.21 1.81 -19.51
CA SER A 199 -24.11 0.44 -19.02
C SER A 199 -25.07 0.19 -17.87
N VAL A 200 -25.20 1.15 -16.95
CA VAL A 200 -26.16 1.00 -15.86
C VAL A 200 -27.56 0.81 -16.43
N GLN A 201 -27.96 1.70 -17.35
CA GLN A 201 -29.30 1.64 -17.92
C GLN A 201 -29.54 0.32 -18.64
N SER A 202 -28.57 -0.14 -19.43
CA SER A 202 -28.79 -1.27 -20.31
C SER A 202 -28.45 -2.62 -19.68
N LEU A 203 -27.87 -2.64 -18.49
CA LEU A 203 -27.49 -3.90 -17.86
C LEU A 203 -28.09 -4.11 -16.49
N ILE A 204 -28.33 -3.05 -15.72
CA ILE A 204 -28.86 -3.20 -14.38
C ILE A 204 -30.38 -3.16 -14.36
N LEU A 205 -30.97 -2.16 -15.04
CA LEU A 205 -32.43 -2.03 -15.10
C LEU A 205 -32.92 -2.75 -16.36
N VAL A 206 -33.00 -4.06 -16.27
CA VAL A 206 -33.39 -4.91 -17.39
C VAL A 206 -34.81 -5.40 -17.18
N ALA A 207 -35.34 -6.08 -18.19
CA ALA A 207 -36.71 -6.59 -18.13
C ALA A 207 -36.85 -7.67 -17.05
N GLU A 208 -35.87 -8.55 -16.92
CA GLU A 208 -35.92 -9.66 -15.99
C GLU A 208 -34.68 -9.60 -15.10
N PRO A 209 -34.73 -8.80 -14.03
CA PRO A 209 -33.54 -8.65 -13.17
C PRO A 209 -33.15 -9.91 -12.44
N TYR A 210 -34.05 -10.87 -12.26
CA TYR A 210 -33.71 -12.09 -11.53
C TYR A 210 -32.61 -12.87 -12.22
N PHE A 211 -32.55 -12.81 -13.55
CA PHE A 211 -31.55 -13.56 -14.30
C PHE A 211 -30.22 -12.83 -14.42
N ASN A 212 -30.11 -11.62 -13.85
CA ASN A 212 -28.80 -10.97 -13.79
C ASN A 212 -27.82 -11.73 -12.92
N GLU A 213 -28.32 -12.55 -12.00
CA GLU A 213 -27.44 -13.35 -11.15
C GLU A 213 -26.69 -14.36 -12.01
N PRO A 214 -25.37 -14.51 -11.83
CA PRO A 214 -24.59 -15.33 -12.76
C PRO A 214 -24.77 -16.83 -12.57
N GLY A 215 -25.75 -17.24 -11.77
CA GLY A 215 -26.00 -18.66 -11.58
C GLY A 215 -27.35 -19.11 -12.06
N TYR A 216 -28.36 -18.23 -11.96
CA TYR A 216 -29.71 -18.58 -12.36
C TYR A 216 -29.95 -18.42 -13.85
N GLU A 217 -29.07 -17.70 -14.55
CA GLU A 217 -29.31 -17.39 -15.96
C GLU A 217 -29.30 -18.64 -16.84
N ARG A 218 -28.75 -19.75 -16.35
CA ARG A 218 -28.76 -20.98 -17.13
C ARG A 218 -30.09 -21.71 -17.05
N SER A 219 -31.01 -21.27 -16.19
CA SER A 219 -32.35 -21.83 -16.10
C SER A 219 -33.41 -20.86 -16.61
N ARG A 220 -33.01 -19.88 -17.42
CA ARG A 220 -33.96 -18.93 -17.98
C ARG A 220 -34.89 -19.64 -18.95
N GLY A 221 -36.19 -19.44 -18.77
CA GLY A 221 -37.19 -20.11 -19.57
C GLY A 221 -37.75 -21.38 -18.98
N THR A 222 -37.05 -21.99 -18.02
CA THR A 222 -37.59 -23.15 -17.35
C THR A 222 -38.75 -22.74 -16.44
N PRO A 223 -39.70 -23.65 -16.17
CA PRO A 223 -40.84 -23.29 -15.33
C PRO A 223 -40.45 -22.79 -13.95
N SER A 224 -39.52 -23.48 -13.27
CA SER A 224 -39.09 -23.02 -11.95
C SER A 224 -38.37 -21.69 -12.03
N GLY A 225 -37.52 -21.52 -13.04
CA GLY A 225 -36.87 -20.23 -13.23
C GLY A 225 -37.85 -19.13 -13.52
N THR A 226 -38.89 -19.42 -14.32
CA THR A 226 -39.92 -18.43 -14.60
C THR A 226 -40.67 -18.04 -13.33
N GLN A 227 -41.01 -19.03 -12.49
CA GLN A 227 -41.70 -18.73 -11.23
C GLN A 227 -40.83 -17.88 -10.31
N SER A 228 -39.55 -18.22 -10.21
CA SER A 228 -38.64 -17.44 -9.38
C SER A 228 -38.50 -16.01 -9.92
N SER A 229 -38.41 -15.87 -11.25
CA SER A 229 -38.33 -14.55 -11.84
C SER A 229 -39.60 -13.75 -11.58
N ARG A 230 -40.76 -14.41 -11.63
CA ARG A 230 -42.00 -13.71 -11.34
C ARG A 230 -42.06 -13.24 -9.89
N GLU A 231 -41.62 -14.09 -8.96
CA GLU A 231 -41.58 -13.68 -7.56
C GLU A 231 -40.63 -12.50 -7.35
N TYR A 232 -39.46 -12.57 -7.98
CA TYR A 232 -38.50 -11.47 -7.87
C TYR A 232 -39.05 -10.20 -8.47
N ASP A 233 -39.75 -10.31 -9.61
CA ASP A 233 -40.34 -9.13 -10.23
C ASP A 233 -41.42 -8.53 -9.36
N GLY A 234 -42.24 -9.36 -8.72
CA GLY A 234 -43.25 -8.83 -7.83
C GLY A 234 -42.63 -8.09 -6.65
N ASN A 235 -41.60 -8.67 -6.05
CA ASN A 235 -40.93 -8.00 -4.94
C ASN A 235 -40.31 -6.68 -5.39
N ILE A 236 -39.66 -6.68 -6.56
CA ILE A 236 -39.02 -5.47 -7.03
C ILE A 236 -40.05 -4.41 -7.39
N ARG A 237 -41.20 -4.81 -7.94
CA ARG A 237 -42.26 -3.85 -8.26
C ARG A 237 -42.80 -3.21 -6.98
N GLN A 238 -43.07 -4.02 -5.97
CA GLN A 238 -43.58 -3.44 -4.72
C GLN A 238 -42.55 -2.52 -4.08
N ALA A 239 -41.27 -2.91 -4.13
CA ALA A 239 -40.22 -2.05 -3.57
C ALA A 239 -40.09 -0.75 -4.36
N THR A 240 -40.22 -0.84 -5.69
CA THR A 240 -40.12 0.35 -6.52
C THR A 240 -41.25 1.33 -6.22
N VAL A 241 -42.47 0.81 -6.11
CA VAL A 241 -43.58 1.70 -5.79
C VAL A 241 -43.41 2.28 -4.37
N LYS A 242 -42.87 1.49 -3.45
CA LYS A 242 -42.68 1.98 -2.09
C LYS A 242 -41.62 3.08 -2.02
N TRP A 243 -40.51 2.91 -2.72
CA TRP A 243 -39.35 3.79 -2.54
C TRP A 243 -39.07 4.69 -3.72
N ALA A 244 -38.96 4.12 -4.92
CA ALA A 244 -38.51 4.89 -6.08
C ALA A 244 -39.48 6.00 -6.47
N MET A 245 -40.73 5.93 -6.05
CA MET A 245 -41.64 7.01 -6.39
C MET A 245 -42.34 7.60 -5.17
N LEU A 246 -42.78 6.77 -4.22
CA LEU A 246 -43.49 7.29 -3.06
C LEU A 246 -42.59 8.18 -2.22
N GLU A 247 -41.41 7.68 -1.85
CA GLU A 247 -40.50 8.47 -1.03
C GLU A 247 -39.87 9.60 -1.84
N GLN A 248 -39.75 9.44 -3.15
CA GLN A 248 -39.20 10.51 -3.97
C GLN A 248 -40.18 11.65 -4.17
N ILE A 249 -41.48 11.38 -4.09
CA ILE A 249 -42.44 12.47 -4.17
C ILE A 249 -42.76 13.04 -2.77
N ARG A 250 -42.66 12.22 -1.72
CA ARG A 250 -42.90 12.73 -0.38
C ARG A 250 -41.74 13.58 0.13
N ASN A 251 -40.51 13.11 -0.07
CA ASN A 251 -39.31 13.81 0.40
C ASN A 251 -38.30 13.87 -0.73
N PRO A 252 -38.55 14.70 -1.73
CA PRO A 252 -37.61 14.81 -2.85
C PRO A 252 -36.28 15.42 -2.41
N SER A 253 -35.22 14.96 -3.06
CA SER A 253 -33.92 15.55 -2.81
C SER A 253 -33.89 16.99 -3.33
N PRO A 254 -33.22 17.91 -2.64
CA PRO A 254 -33.16 19.29 -3.12
C PRO A 254 -32.54 19.43 -4.49
N CYS A 255 -31.62 18.54 -4.85
CA CYS A 255 -30.93 18.66 -6.13
C CYS A 255 -31.88 18.45 -7.31
N PHE A 256 -32.72 17.43 -7.24
CA PHE A 256 -33.57 17.04 -8.36
C PHE A 256 -35.04 17.39 -8.15
N LYS A 257 -35.36 18.20 -7.16
CA LYS A 257 -36.75 18.37 -6.74
C LYS A 257 -37.65 18.79 -7.90
N GLU A 258 -37.23 19.81 -8.65
CA GLU A 258 -38.01 20.27 -9.79
C GLU A 258 -38.16 19.17 -10.83
N VAL A 259 -37.07 18.45 -11.11
CA VAL A 259 -37.10 17.38 -12.10
C VAL A 259 -38.09 16.29 -11.67
N ILE A 260 -38.03 15.89 -10.41
CA ILE A 260 -38.91 14.83 -9.90
C ILE A 260 -40.36 15.28 -10.00
N HIS A 261 -40.65 16.50 -9.56
CA HIS A 261 -42.02 17.00 -9.59
C HIS A 261 -42.55 17.05 -11.01
N LYS A 262 -41.78 17.63 -11.94
CA LYS A 262 -42.24 17.74 -13.31
C LYS A 262 -42.44 16.37 -13.94
N HIS A 263 -41.51 15.44 -13.70
CA HIS A 263 -41.61 14.11 -14.27
C HIS A 263 -42.87 13.40 -13.79
N PHE A 264 -43.10 13.42 -12.47
CA PHE A 264 -44.27 12.74 -11.94
C PHE A 264 -45.57 13.40 -12.41
N TYR A 265 -45.60 14.73 -12.47
CA TYR A 265 -46.79 15.40 -12.95
C TYR A 265 -47.07 15.06 -14.41
N LEU A 266 -46.03 14.99 -15.24
CA LEU A 266 -46.23 14.68 -16.64
C LEU A 266 -46.68 13.24 -16.84
N LYS A 267 -46.15 12.30 -16.06
CA LYS A 267 -46.41 10.88 -16.28
C LYS A 267 -47.42 10.29 -15.30
N ARG A 268 -48.16 11.13 -14.56
CA ARG A 268 -49.00 10.62 -13.48
C ARG A 268 -50.02 9.60 -13.97
N VAL A 269 -50.61 9.83 -15.15
CA VAL A 269 -51.59 8.88 -15.68
C VAL A 269 -50.92 7.55 -16.00
N GLU A 270 -49.75 7.60 -16.62
CA GLU A 270 -49.01 6.37 -16.94
C GLU A 270 -48.66 5.59 -15.68
N ILE A 271 -48.34 6.31 -14.59
CA ILE A 271 -48.06 5.64 -13.32
C ILE A 271 -49.28 4.86 -12.86
N MET A 272 -50.45 5.48 -12.94
CA MET A 272 -51.68 4.79 -12.53
C MET A 272 -51.94 3.56 -13.38
N ALA A 273 -51.79 3.69 -14.70
CA ALA A 273 -52.03 2.54 -15.57
C ALA A 273 -51.04 1.42 -15.27
N GLN A 274 -49.76 1.76 -15.08
CA GLN A 274 -48.75 0.76 -14.79
C GLN A 274 -49.01 0.06 -13.47
N CYS A 275 -49.39 0.83 -12.45
CA CYS A 275 -49.69 0.23 -11.15
C CYS A 275 -50.89 -0.70 -11.22
N GLU A 276 -51.94 -0.29 -11.94
CA GLU A 276 -53.10 -1.17 -12.10
C GLU A 276 -52.73 -2.45 -12.82
N GLU A 277 -51.93 -2.34 -13.89
CA GLU A 277 -51.51 -3.54 -14.62
C GLU A 277 -50.67 -4.45 -13.74
N TRP A 278 -49.76 -3.87 -12.95
CA TRP A 278 -48.95 -4.68 -12.05
C TRP A 278 -49.80 -5.38 -11.01
N ILE A 279 -50.79 -4.67 -10.44
CA ILE A 279 -51.66 -5.28 -9.45
C ILE A 279 -52.43 -6.44 -10.04
N ALA A 280 -52.98 -6.26 -11.24
CA ALA A 280 -53.71 -7.34 -11.89
C ALA A 280 -52.80 -8.53 -12.18
N ASP A 281 -51.60 -8.27 -12.71
CA ASP A 281 -50.70 -9.36 -13.05
C ASP A 281 -50.26 -10.13 -11.81
N ILE A 282 -49.96 -9.42 -10.72
CA ILE A 282 -49.52 -10.11 -9.51
C ILE A 282 -50.68 -10.85 -8.86
N GLN A 283 -51.92 -10.33 -9.00
CA GLN A 283 -53.07 -11.06 -8.48
C GLN A 283 -53.41 -12.27 -9.34
N GLN A 284 -52.95 -12.31 -10.59
CA GLN A 284 -53.20 -13.48 -11.42
C GLN A 284 -52.56 -14.73 -10.83
N TYR A 285 -51.34 -14.60 -10.29
CA TYR A 285 -50.60 -15.74 -9.77
C TYR A 285 -50.70 -15.87 -8.25
N SER A 286 -51.63 -15.16 -7.62
CA SER A 286 -51.80 -15.25 -6.18
C SER A 286 -52.31 -16.62 -5.72
N SER A 287 -52.82 -17.44 -6.64
CA SER A 287 -53.33 -18.76 -6.31
C SER A 287 -52.29 -19.86 -6.48
N ASP A 288 -51.04 -19.50 -6.75
CA ASP A 288 -49.99 -20.50 -6.92
C ASP A 288 -49.80 -21.30 -5.63
N LYS A 289 -49.55 -22.59 -5.76
CA LYS A 289 -49.41 -23.46 -4.61
C LYS A 289 -48.03 -23.41 -3.98
N ARG A 290 -47.04 -22.84 -4.66
CA ARG A 290 -45.68 -22.79 -4.16
C ARG A 290 -45.30 -21.41 -3.63
N VAL A 291 -45.68 -20.35 -4.32
CA VAL A 291 -45.35 -18.98 -3.94
C VAL A 291 -46.60 -18.14 -3.72
N GLY A 292 -47.75 -18.80 -3.46
CA GLY A 292 -48.99 -18.06 -3.34
C GLY A 292 -49.00 -17.10 -2.17
N ARG A 293 -48.44 -17.50 -1.03
CA ARG A 293 -48.40 -16.64 0.14
C ARG A 293 -47.57 -15.38 -0.12
N THR A 294 -46.40 -15.56 -0.75
CA THR A 294 -45.57 -14.40 -1.08
C THR A 294 -46.27 -13.50 -2.09
N MET A 295 -46.97 -14.10 -3.06
CA MET A 295 -47.73 -13.31 -4.02
C MET A 295 -48.80 -12.49 -3.32
N SER A 296 -49.52 -13.09 -2.38
CA SER A 296 -50.54 -12.36 -1.65
C SER A 296 -49.94 -11.22 -0.84
N HIS A 297 -48.83 -11.48 -0.16
CA HIS A 297 -48.17 -10.44 0.63
C HIS A 297 -47.71 -9.29 -0.25
N HIS A 298 -47.06 -9.61 -1.37
CA HIS A 298 -46.59 -8.58 -2.29
C HIS A 298 -47.76 -7.80 -2.88
N ALA A 299 -48.85 -8.49 -3.20
CA ALA A 299 -50.02 -7.82 -3.76
C ALA A 299 -50.64 -6.86 -2.75
N ALA A 300 -50.75 -7.27 -1.49
CA ALA A 300 -51.29 -6.37 -0.48
C ALA A 300 -50.40 -5.15 -0.30
N ALA A 301 -49.08 -5.37 -0.22
CA ALA A 301 -48.16 -4.24 -0.09
C ALA A 301 -48.26 -3.32 -1.30
N LEU A 302 -48.37 -3.90 -2.50
CA LEU A 302 -48.48 -3.11 -3.71
C LEU A 302 -49.77 -2.30 -3.73
N LYS A 303 -50.87 -2.88 -3.26
CA LYS A 303 -52.13 -2.15 -3.21
C LYS A 303 -52.05 -0.98 -2.24
N ARG A 304 -51.45 -1.21 -1.07
CA ARG A 304 -51.29 -0.11 -0.11
C ARG A 304 -50.41 0.99 -0.70
N HIS A 305 -49.31 0.61 -1.34
CA HIS A 305 -48.43 1.60 -1.95
C HIS A 305 -49.14 2.34 -3.09
N THR A 306 -49.99 1.63 -3.83
CA THR A 306 -50.75 2.26 -4.91
C THR A 306 -51.74 3.29 -4.37
N ALA A 307 -52.41 2.95 -3.26
CA ALA A 307 -53.31 3.92 -2.64
C ALA A 307 -52.54 5.15 -2.17
N GLN A 308 -51.38 4.94 -1.55
CA GLN A 308 -50.58 6.09 -1.10
C GLN A 308 -50.10 6.92 -2.30
N LEU A 309 -49.70 6.26 -3.38
CA LEU A 309 -49.29 6.97 -4.58
C LEU A 309 -50.44 7.77 -5.17
N ARG A 310 -51.65 7.19 -5.17
CA ARG A 310 -52.83 7.89 -5.64
C ARG A 310 -53.06 9.16 -4.82
N GLU A 311 -52.98 9.04 -3.49
CA GLU A 311 -53.13 10.21 -2.64
C GLU A 311 -52.08 11.27 -2.97
N GLU A 312 -50.82 10.86 -3.05
CA GLU A 312 -49.74 11.83 -3.28
C GLU A 312 -49.88 12.51 -4.64
N LEU A 313 -50.22 11.75 -5.68
CA LEU A 313 -50.39 12.34 -7.00
C LEU A 313 -51.60 13.27 -7.05
N LEU A 314 -52.67 12.93 -6.32
CA LEU A 314 -53.80 13.86 -6.23
C LEU A 314 -53.38 15.14 -5.53
N LYS A 315 -52.50 15.04 -4.53
CA LYS A 315 -52.03 16.22 -3.83
C LYS A 315 -50.88 16.93 -4.53
N LEU A 316 -50.40 16.40 -5.65
CA LEU A 316 -49.28 17.02 -6.35
C LEU A 316 -49.76 18.22 -7.14
N PRO A 317 -49.23 19.42 -6.89
CA PRO A 317 -49.61 20.58 -7.67
C PRO A 317 -48.91 20.60 -9.03
N CYS A 318 -49.39 21.48 -9.90
CA CYS A 318 -48.78 21.63 -11.22
C CYS A 318 -47.47 22.38 -11.10
N PRO A 319 -46.35 21.81 -11.54
CA PRO A 319 -45.07 22.53 -11.47
C PRO A 319 -45.06 23.73 -12.40
N GLU A 320 -44.21 24.68 -12.06
CA GLU A 320 -44.07 25.91 -12.85
C GLU A 320 -43.52 25.61 -14.23
N GLU B 40 11.25 -20.48 22.76
CA GLU B 40 10.24 -19.49 22.36
C GLU B 40 10.91 -18.19 21.95
N ILE B 41 10.29 -17.49 20.99
CA ILE B 41 10.79 -16.23 20.46
C ILE B 41 9.79 -15.14 20.80
N ASP B 42 10.25 -14.10 21.47
CA ASP B 42 9.38 -12.99 21.84
C ASP B 42 8.99 -12.21 20.59
N ASP B 43 7.73 -12.35 20.16
CA ASP B 43 7.31 -11.76 18.91
C ASP B 43 7.23 -10.24 18.98
N ALA B 44 7.00 -9.69 20.18
CA ALA B 44 6.87 -8.24 20.32
C ALA B 44 8.14 -7.50 19.91
N LEU B 45 9.27 -8.18 19.87
CA LEU B 45 10.53 -7.58 19.46
C LEU B 45 11.00 -8.02 18.08
N TYR B 46 10.72 -9.25 17.67
CA TYR B 46 11.21 -9.79 16.41
C TYR B 46 10.10 -10.10 15.41
N SER B 47 8.94 -9.42 15.50
CA SER B 47 7.84 -9.75 14.61
C SER B 47 8.22 -9.48 13.15
N ARG B 48 8.76 -8.29 12.88
CA ARG B 48 9.08 -7.93 11.50
C ARG B 48 10.20 -8.80 10.95
N GLN B 49 11.16 -9.19 11.79
CA GLN B 49 12.22 -10.06 11.30
C GLN B 49 11.74 -11.50 11.10
N ARG B 50 10.80 -11.96 11.92
CA ARG B 50 10.20 -13.28 11.70
C ARG B 50 9.42 -13.31 10.40
N TYR B 51 8.76 -12.20 10.07
CA TYR B 51 8.05 -12.13 8.80
C TYR B 51 8.98 -12.18 7.59
N VAL B 52 10.28 -12.00 7.79
CA VAL B 52 11.27 -12.09 6.72
C VAL B 52 11.98 -13.43 6.71
N LEU B 53 12.50 -13.85 7.86
CA LEU B 53 13.36 -15.02 7.95
C LEU B 53 12.59 -16.31 8.22
N GLY B 54 11.59 -16.25 9.09
CA GLY B 54 10.85 -17.43 9.48
C GLY B 54 11.35 -18.06 10.76
N ASP B 55 10.59 -19.04 11.25
CA ASP B 55 10.92 -19.65 12.53
C ASP B 55 12.18 -20.51 12.46
N THR B 56 12.34 -21.29 11.39
CA THR B 56 13.52 -22.14 11.27
C THR B 56 14.80 -21.32 11.20
N ALA B 57 14.77 -20.23 10.43
CA ALA B 57 15.93 -19.35 10.36
C ALA B 57 16.23 -18.74 11.72
N MET B 58 15.19 -18.34 12.46
CA MET B 58 15.41 -17.80 13.80
C MET B 58 16.04 -18.83 14.72
N GLN B 59 15.53 -20.07 14.70
CA GLN B 59 16.09 -21.10 15.56
C GLN B 59 17.53 -21.39 15.20
N LYS B 60 17.85 -21.40 13.91
CA LYS B 60 19.25 -21.60 13.51
C LYS B 60 20.11 -20.42 13.91
N MET B 61 19.56 -19.21 13.92
CA MET B 61 20.32 -18.04 14.36
C MET B 61 20.71 -18.15 15.82
N ALA B 62 19.78 -18.63 16.66
CA ALA B 62 20.16 -19.00 18.01
C ALA B 62 21.12 -20.18 17.96
N LYS B 63 21.93 -20.31 19.02
CA LYS B 63 22.99 -21.31 19.10
C LYS B 63 24.05 -21.11 18.03
N SER B 64 24.19 -19.89 17.52
CA SER B 64 25.22 -19.55 16.55
C SER B 64 26.16 -18.53 17.16
N HIS B 65 27.46 -18.79 17.07
CA HIS B 65 28.49 -17.93 17.62
C HIS B 65 29.27 -17.34 16.47
N VAL B 66 29.37 -16.01 16.43
CA VAL B 66 29.97 -15.28 15.32
C VAL B 66 31.20 -14.55 15.82
N PHE B 67 32.32 -14.72 15.12
CA PHE B 67 33.56 -14.03 15.43
C PHE B 67 33.80 -12.93 14.40
N LEU B 68 34.07 -11.72 14.87
CA LEU B 68 34.26 -10.56 14.02
C LEU B 68 35.53 -9.84 14.44
N SER B 69 36.41 -9.58 13.47
CA SER B 69 37.70 -8.96 13.74
C SER B 69 37.80 -7.64 12.99
N GLY B 70 38.28 -6.62 13.69
CA GLY B 70 38.46 -5.30 13.12
C GLY B 70 37.33 -4.35 13.49
N MET B 71 37.55 -3.51 14.49
CA MET B 71 36.53 -2.57 14.95
C MET B 71 36.76 -1.17 14.39
N GLY B 72 36.75 -1.09 13.06
CA GLY B 72 36.65 0.17 12.36
C GLY B 72 35.21 0.54 12.17
N GLY B 73 34.97 1.46 11.23
CA GLY B 73 33.60 1.83 10.91
C GLY B 73 32.82 0.66 10.33
N LEU B 74 33.43 -0.04 9.37
CA LEU B 74 32.76 -1.17 8.73
C LEU B 74 32.49 -2.29 9.73
N GLY B 75 33.47 -2.61 10.56
CA GLY B 75 33.27 -3.64 11.58
C GLY B 75 32.20 -3.25 12.58
N LEU B 76 32.16 -1.98 12.97
CA LEU B 76 31.12 -1.52 13.88
C LEU B 76 29.75 -1.64 13.25
N GLU B 77 29.62 -1.29 11.97
CA GLU B 77 28.33 -1.42 11.30
C GLU B 77 27.90 -2.88 11.24
N ILE B 78 28.83 -3.78 10.91
CA ILE B 78 28.49 -5.20 10.83
C ILE B 78 28.06 -5.71 12.20
N ALA B 79 28.79 -5.35 13.25
CA ALA B 79 28.45 -5.80 14.60
C ALA B 79 27.09 -5.26 15.02
N LYS B 80 26.80 -4.00 14.70
CA LYS B 80 25.50 -3.42 15.06
C LYS B 80 24.37 -4.17 14.36
N ASN B 81 24.52 -4.42 13.06
CA ASN B 81 23.47 -5.12 12.34
C ASN B 81 23.28 -6.54 12.87
N LEU B 82 24.37 -7.24 13.17
CA LEU B 82 24.25 -8.60 13.69
C LEU B 82 23.59 -8.60 15.05
N VAL B 83 23.98 -7.69 15.94
CA VAL B 83 23.40 -7.67 17.28
C VAL B 83 21.94 -7.25 17.23
N LEU B 84 21.55 -6.44 16.25
CA LEU B 84 20.14 -6.17 16.07
C LEU B 84 19.40 -7.38 15.52
N ALA B 85 20.07 -8.19 14.70
CA ALA B 85 19.42 -9.37 14.13
C ALA B 85 19.03 -10.36 15.21
N GLY B 86 19.88 -10.55 16.22
CA GLY B 86 19.56 -11.44 17.31
C GLY B 86 20.42 -12.69 17.38
N ILE B 87 21.70 -12.57 17.00
CA ILE B 87 22.62 -13.68 17.14
C ILE B 87 22.81 -14.00 18.62
N LYS B 88 23.00 -15.28 18.93
CA LYS B 88 23.14 -15.70 20.31
C LYS B 88 24.34 -15.04 20.98
N ALA B 89 25.48 -15.02 20.31
CA ALA B 89 26.68 -14.43 20.89
C ALA B 89 27.61 -13.96 19.77
N VAL B 90 28.15 -12.76 19.94
CA VAL B 90 29.06 -12.16 18.97
C VAL B 90 30.33 -11.78 19.71
N THR B 91 31.48 -12.14 19.14
CA THR B 91 32.78 -11.81 19.70
C THR B 91 33.45 -10.79 18.79
N ILE B 92 33.73 -9.60 19.32
CA ILE B 92 34.42 -8.56 18.60
C ILE B 92 35.88 -8.57 19.03
N HIS B 93 36.78 -8.52 18.06
CA HIS B 93 38.21 -8.61 18.32
C HIS B 93 38.92 -7.46 17.62
N ASP B 94 39.79 -6.77 18.36
CA ASP B 94 40.60 -5.71 17.78
C ASP B 94 41.81 -5.49 18.70
N THR B 95 42.96 -5.25 18.08
CA THR B 95 44.20 -5.09 18.83
C THR B 95 44.69 -3.65 18.92
N GLU B 96 44.28 -2.77 18.01
CA GLU B 96 44.75 -1.41 18.01
C GLU B 96 44.00 -0.57 19.02
N LYS B 97 44.64 0.50 19.48
CA LYS B 97 44.07 1.39 20.47
C LYS B 97 43.33 2.55 19.78
N CYS B 98 42.53 3.25 20.57
CA CYS B 98 41.73 4.34 20.02
C CYS B 98 42.62 5.52 19.63
N GLN B 99 42.23 6.21 18.56
CA GLN B 99 42.95 7.37 18.07
C GLN B 99 41.96 8.47 17.72
N ALA B 100 42.47 9.70 17.67
CA ALA B 100 41.62 10.84 17.32
C ALA B 100 41.08 10.72 15.90
N TRP B 101 41.76 9.99 15.02
CA TRP B 101 41.27 9.79 13.66
C TRP B 101 40.04 8.90 13.61
N ASP B 102 39.79 8.11 14.66
CA ASP B 102 38.68 7.16 14.66
C ASP B 102 37.33 7.80 14.93
N LEU B 103 37.30 9.04 15.43
CA LEU B 103 36.02 9.67 15.75
C LEU B 103 35.17 9.91 14.50
N GLY B 104 35.81 10.19 13.37
CA GLY B 104 35.07 10.45 12.15
C GLY B 104 34.50 9.22 11.47
N THR B 105 34.82 8.03 11.96
CA THR B 105 34.33 6.80 11.37
C THR B 105 33.55 5.93 12.35
N ASN B 106 33.63 6.22 13.65
CA ASN B 106 32.98 5.41 14.67
C ASN B 106 31.94 6.26 15.39
N PHE B 107 30.70 5.78 15.43
CA PHE B 107 29.60 6.53 16.03
C PHE B 107 29.31 6.09 17.45
N PHE B 108 30.29 5.51 18.14
CA PHE B 108 30.14 5.13 19.53
C PHE B 108 31.29 5.60 20.42
N LEU B 109 32.43 5.98 19.85
CA LEU B 109 33.56 6.43 20.63
C LEU B 109 33.33 7.85 21.16
N SER B 110 34.10 8.20 22.18
CA SER B 110 34.04 9.53 22.79
C SER B 110 35.46 10.02 23.03
N GLU B 111 35.57 11.30 23.42
CA GLU B 111 36.87 11.86 23.72
C GLU B 111 37.54 11.16 24.90
N ASP B 112 36.75 10.65 25.84
CA ASP B 112 37.32 9.98 27.00
C ASP B 112 38.09 8.73 26.58
N ASP B 113 37.56 7.98 25.61
CA ASP B 113 38.26 6.79 25.13
C ASP B 113 39.61 7.16 24.52
N VAL B 114 39.65 8.24 23.74
CA VAL B 114 40.91 8.69 23.16
C VAL B 114 41.89 9.10 24.25
N VAL B 115 41.41 9.83 25.25
CA VAL B 115 42.28 10.29 26.33
C VAL B 115 42.88 9.11 27.08
N ASN B 116 42.07 8.12 27.39
CA ASN B 116 42.53 6.96 28.15
C ASN B 116 43.18 5.89 27.29
N LYS B 117 43.24 6.09 25.97
CA LYS B 117 43.90 5.16 25.07
C LYS B 117 43.33 3.74 25.18
N ARG B 118 42.01 3.66 25.35
CA ARG B 118 41.37 2.36 25.50
C ARG B 118 41.42 1.58 24.20
N ASN B 119 41.37 0.25 24.32
CA ASN B 119 41.27 -0.60 23.15
C ASN B 119 39.96 -0.32 22.42
N ARG B 120 40.00 -0.36 21.09
CA ARG B 120 38.81 -0.04 20.31
C ARG B 120 37.69 -1.03 20.58
N ALA B 121 38.02 -2.32 20.68
CA ALA B 121 36.99 -3.32 20.94
C ALA B 121 36.35 -3.12 22.31
N GLU B 122 37.16 -2.84 23.33
CA GLU B 122 36.61 -2.69 24.68
C GLU B 122 35.81 -1.39 24.82
N ALA B 123 36.23 -0.33 24.13
CA ALA B 123 35.56 0.96 24.27
C ALA B 123 34.15 0.95 23.72
N VAL B 124 33.80 -0.02 22.88
CA VAL B 124 32.47 -0.12 22.29
C VAL B 124 31.68 -1.31 22.83
N LEU B 125 32.30 -2.17 23.64
CA LEU B 125 31.62 -3.36 24.12
C LEU B 125 30.38 -3.00 24.92
N LYS B 126 30.49 -2.02 25.81
CA LYS B 126 29.35 -1.65 26.64
C LYS B 126 28.21 -1.11 25.81
N HIS B 127 28.50 -0.25 24.84
CA HIS B 127 27.43 0.34 24.03
C HIS B 127 26.80 -0.68 23.11
N ILE B 128 27.58 -1.63 22.58
CA ILE B 128 27.04 -2.62 21.66
C ILE B 128 26.00 -3.49 22.35
N ALA B 129 26.29 -3.94 23.57
CA ALA B 129 25.37 -4.82 24.27
C ALA B 129 24.05 -4.13 24.56
N GLU B 130 24.05 -2.80 24.67
CA GLU B 130 22.81 -2.09 24.94
C GLU B 130 21.78 -2.23 23.82
N LEU B 131 22.23 -2.52 22.59
CA LEU B 131 21.31 -2.66 21.48
C LEU B 131 20.40 -3.87 21.66
N ASN B 132 20.90 -4.94 22.25
CA ASN B 132 20.10 -6.15 22.43
C ASN B 132 20.57 -6.92 23.65
N PRO B 133 19.81 -6.92 24.75
CA PRO B 133 20.24 -7.67 25.94
C PRO B 133 20.28 -9.17 25.73
N TYR B 134 19.57 -9.71 24.73
CA TYR B 134 19.60 -11.15 24.49
C TYR B 134 20.92 -11.63 23.91
N VAL B 135 21.78 -10.73 23.45
CA VAL B 135 23.01 -11.08 22.77
C VAL B 135 24.16 -10.99 23.76
N HIS B 136 24.93 -12.06 23.90
CA HIS B 136 26.08 -12.10 24.80
C HIS B 136 27.30 -11.67 24.01
N VAL B 137 27.63 -10.38 24.08
CA VAL B 137 28.73 -9.82 23.32
C VAL B 137 30.00 -9.90 24.16
N THR B 138 31.09 -10.35 23.55
CA THR B 138 32.36 -10.53 24.23
C THR B 138 33.46 -9.86 23.42
N SER B 139 34.51 -9.43 24.11
CA SER B 139 35.64 -8.77 23.50
C SER B 139 36.88 -9.64 23.59
N SER B 140 37.72 -9.55 22.56
CA SER B 140 38.97 -10.31 22.51
C SER B 140 40.07 -9.39 21.99
N SER B 141 41.30 -9.66 22.43
CA SER B 141 42.45 -8.86 22.04
C SER B 141 43.69 -9.71 21.78
N VAL B 142 43.49 -10.97 21.43
CA VAL B 142 44.64 -11.85 21.16
C VAL B 142 45.35 -11.39 19.90
N PRO B 143 46.68 -11.31 19.90
CA PRO B 143 47.39 -10.87 18.69
C PRO B 143 47.21 -11.84 17.54
N PHE B 144 47.24 -11.29 16.32
CA PHE B 144 47.09 -12.06 15.10
C PHE B 144 48.36 -11.94 14.28
N ASN B 145 48.93 -13.08 13.89
CA ASN B 145 50.12 -13.13 13.06
C ASN B 145 50.23 -14.52 12.46
N GLU B 146 51.28 -14.73 11.66
CA GLU B 146 51.45 -15.99 10.96
C GLU B 146 51.70 -17.15 11.92
N THR B 147 52.37 -16.89 13.04
CA THR B 147 52.72 -17.94 14.00
C THR B 147 51.65 -18.16 15.07
N THR B 148 50.54 -17.43 14.99
CA THR B 148 49.49 -17.53 16.01
C THR B 148 48.80 -18.88 15.94
N ASP B 149 48.51 -19.46 17.11
CA ASP B 149 47.68 -20.66 17.17
C ASP B 149 46.27 -20.29 16.76
N LEU B 150 45.84 -20.78 15.60
CA LEU B 150 44.54 -20.40 15.04
C LEU B 150 43.48 -21.45 15.30
N SER B 151 43.79 -22.48 16.09
CA SER B 151 42.83 -23.55 16.34
C SER B 151 41.64 -23.10 17.19
N PHE B 152 41.74 -21.93 17.84
CA PHE B 152 40.66 -21.49 18.72
C PHE B 152 39.41 -21.05 17.97
N LEU B 153 39.49 -20.85 16.66
CA LEU B 153 38.32 -20.42 15.89
C LEU B 153 37.30 -21.53 15.69
N ASP B 154 37.65 -22.78 15.99
CA ASP B 154 36.73 -23.89 15.77
C ASP B 154 35.46 -23.77 16.60
N LYS B 155 35.51 -23.02 17.71
CA LYS B 155 34.30 -22.82 18.51
C LYS B 155 33.27 -22.02 17.73
N TYR B 156 33.70 -20.99 17.01
CA TYR B 156 32.77 -20.12 16.29
C TYR B 156 32.26 -20.82 15.03
N GLN B 157 31.23 -20.22 14.43
CA GLN B 157 30.61 -20.76 13.23
C GLN B 157 30.75 -19.86 12.01
N CYS B 158 30.97 -18.57 12.18
CA CYS B 158 31.18 -17.67 11.06
C CYS B 158 32.19 -16.61 11.47
N VAL B 159 33.25 -16.46 10.68
CA VAL B 159 34.32 -15.52 10.97
C VAL B 159 34.31 -14.42 9.91
N VAL B 160 34.33 -13.18 10.36
CA VAL B 160 34.35 -12.01 9.48
C VAL B 160 35.64 -11.25 9.75
N LEU B 161 36.37 -10.94 8.69
CA LEU B 161 37.65 -10.25 8.80
C LEU B 161 37.55 -8.88 8.16
N THR B 162 38.13 -7.89 8.82
CA THR B 162 38.10 -6.51 8.34
C THR B 162 39.41 -5.83 8.75
N GLU B 163 39.96 -5.04 7.84
CA GLU B 163 41.19 -4.29 8.09
C GLU B 163 42.33 -5.22 8.52
N MET B 164 42.53 -6.28 7.75
CA MET B 164 43.59 -7.23 8.04
C MET B 164 44.40 -7.49 6.79
N LYS B 165 45.66 -7.87 6.98
CA LYS B 165 46.57 -8.09 5.86
C LYS B 165 46.10 -9.26 5.00
N LEU B 166 46.37 -9.15 3.69
CA LEU B 166 45.90 -10.17 2.76
C LEU B 166 46.52 -11.54 3.02
N PRO B 167 47.84 -11.69 3.21
CA PRO B 167 48.37 -13.05 3.45
C PRO B 167 47.77 -13.74 4.66
N LEU B 168 47.51 -12.99 5.73
CA LEU B 168 46.87 -13.59 6.90
C LEU B 168 45.44 -14.00 6.57
N GLN B 169 44.76 -13.23 5.72
CA GLN B 169 43.44 -13.66 5.25
C GLN B 169 43.54 -14.95 4.46
N LYS B 170 44.58 -15.09 3.63
CA LYS B 170 44.77 -16.33 2.90
C LYS B 170 44.93 -17.50 3.86
N LYS B 171 45.77 -17.33 4.88
CA LYS B 171 45.98 -18.40 5.86
C LYS B 171 44.68 -18.75 6.57
N ILE B 172 43.94 -17.74 7.01
CA ILE B 172 42.71 -17.99 7.76
C ILE B 172 41.69 -18.71 6.87
N ASN B 173 41.53 -18.24 5.63
CA ASN B 173 40.56 -18.87 4.73
C ASN B 173 40.98 -20.29 4.40
N ASP B 174 42.28 -20.55 4.29
CA ASP B 174 42.74 -21.92 4.10
C ASP B 174 42.37 -22.78 5.29
N PHE B 175 42.52 -22.26 6.50
CA PHE B 175 42.17 -23.05 7.69
C PHE B 175 40.66 -23.26 7.78
N CYS B 176 39.86 -22.21 7.57
CA CYS B 176 38.44 -22.28 7.85
C CYS B 176 37.74 -23.28 6.94
N ARG B 177 38.05 -23.28 5.65
CA ARG B 177 37.34 -24.15 4.72
C ARG B 177 37.73 -25.61 4.87
N SER B 178 38.84 -25.90 5.54
CA SER B 178 39.28 -27.28 5.72
C SER B 178 38.66 -27.94 6.93
N GLN B 179 37.89 -27.22 7.74
CA GLN B 179 37.27 -27.78 8.92
C GLN B 179 36.01 -28.55 8.56
N CYS B 180 35.68 -29.53 9.39
CA CYS B 180 34.48 -30.35 9.22
C CYS B 180 33.61 -30.21 10.46
N PRO B 181 32.50 -29.47 10.39
CA PRO B 181 31.96 -28.74 9.24
C PRO B 181 32.75 -27.48 8.91
N PRO B 182 32.66 -26.97 7.69
CA PRO B 182 33.39 -25.75 7.34
C PRO B 182 32.89 -24.55 8.12
N ILE B 183 33.82 -23.62 8.39
CA ILE B 183 33.51 -22.38 9.07
C ILE B 183 33.38 -21.30 8.01
N LYS B 184 32.24 -20.62 8.00
CA LYS B 184 31.96 -19.63 6.97
C LYS B 184 32.90 -18.44 7.11
N PHE B 185 33.47 -18.00 5.98
CA PHE B 185 34.45 -16.93 5.95
C PHE B 185 33.91 -15.78 5.11
N ILE B 186 33.99 -14.57 5.64
CA ILE B 186 33.60 -13.37 4.93
C ILE B 186 34.65 -12.29 5.16
N SER B 187 35.13 -11.68 4.08
CA SER B 187 36.10 -10.60 4.15
C SER B 187 35.52 -9.35 3.54
N ALA B 188 35.56 -8.25 4.30
CA ALA B 188 35.04 -6.96 3.84
C ALA B 188 36.05 -5.87 4.18
N ASP B 189 36.26 -4.97 3.23
CA ASP B 189 37.20 -3.87 3.41
C ASP B 189 36.69 -2.63 2.70
N VAL B 190 37.08 -1.47 3.21
CA VAL B 190 36.78 -0.19 2.60
C VAL B 190 38.06 0.64 2.58
N HIS B 191 38.43 1.12 1.40
CA HIS B 191 39.60 1.97 1.22
C HIS B 191 39.16 3.21 0.44
N GLY B 192 39.04 4.34 1.13
CA GLY B 192 38.57 5.55 0.51
C GLY B 192 37.15 5.42 0.02
N ILE B 193 36.95 5.46 -1.29
CA ILE B 193 35.64 5.31 -1.90
C ILE B 193 35.49 3.98 -2.61
N TRP B 194 36.42 3.06 -2.41
CA TRP B 194 36.37 1.74 -3.03
C TRP B 194 36.18 0.68 -1.94
N SER B 195 35.31 -0.28 -2.21
CA SER B 195 35.03 -1.34 -1.26
C SER B 195 35.38 -2.69 -1.87
N ARG B 196 35.24 -3.75 -1.07
CA ARG B 196 35.52 -5.10 -1.52
C ARG B 196 34.83 -6.07 -0.57
N LEU B 197 34.15 -7.06 -1.12
CA LEU B 197 33.45 -8.06 -0.32
C LEU B 197 33.73 -9.44 -0.90
N PHE B 198 33.90 -10.42 -0.01
CA PHE B 198 34.24 -11.77 -0.42
C PHE B 198 33.58 -12.75 0.53
N CYS B 199 33.15 -13.90 -0.01
CA CYS B 199 32.50 -14.93 0.77
C CYS B 199 33.10 -16.29 0.44
N ASP B 200 33.09 -17.18 1.42
CA ASP B 200 33.57 -18.55 1.21
C ASP B 200 32.89 -19.42 2.25
N PHE B 201 31.85 -20.14 1.83
CA PHE B 201 31.08 -21.01 2.72
C PHE B 201 31.45 -22.48 2.52
N GLY B 202 32.70 -22.75 2.19
CA GLY B 202 33.16 -24.10 1.95
C GLY B 202 33.06 -24.50 0.49
N ASP B 203 33.68 -25.64 0.16
CA ASP B 203 33.64 -26.13 -1.20
C ASP B 203 32.21 -26.49 -1.62
N GLU B 204 31.40 -26.98 -0.70
CA GLU B 204 30.01 -27.30 -0.96
C GLU B 204 29.15 -26.69 0.13
N PHE B 205 28.16 -25.90 -0.26
CA PHE B 205 27.24 -25.26 0.66
C PHE B 205 25.82 -25.49 0.17
N GLU B 206 24.91 -25.76 1.10
CA GLU B 206 23.53 -26.08 0.78
C GLU B 206 22.60 -25.02 1.32
N VAL B 207 21.77 -24.46 0.46
CA VAL B 207 20.81 -23.43 0.82
C VAL B 207 19.41 -24.06 0.81
N LEU B 208 18.64 -23.80 1.87
CA LEU B 208 17.33 -24.41 2.04
C LEU B 208 16.21 -23.62 1.37
N ASP B 209 16.51 -22.47 0.79
CA ASP B 209 15.47 -21.64 0.16
C ASP B 209 16.16 -20.75 -0.87
N THR B 210 15.88 -20.99 -2.15
CA THR B 210 16.60 -20.29 -3.21
C THR B 210 16.34 -18.79 -3.19
N THR B 211 15.08 -18.38 -3.00
CA THR B 211 14.72 -16.97 -3.08
C THR B 211 13.89 -16.46 -1.92
N GLY B 212 13.23 -17.33 -1.15
CA GLY B 212 12.41 -16.88 -0.05
C GLY B 212 11.02 -16.40 -0.42
N GLU B 213 10.65 -16.44 -1.68
CA GLU B 213 9.31 -16.04 -2.09
C GLU B 213 8.32 -17.16 -1.82
N GLU B 214 7.13 -16.78 -1.33
CA GLU B 214 6.11 -17.77 -1.03
C GLU B 214 5.64 -18.46 -2.31
N PRO B 215 5.37 -19.76 -2.27
CA PRO B 215 4.83 -20.44 -3.44
C PRO B 215 3.47 -19.86 -3.83
N LYS B 216 3.22 -19.85 -5.13
CA LYS B 216 1.98 -19.30 -5.69
C LYS B 216 1.08 -20.44 -6.14
N GLU B 217 -0.20 -20.35 -5.79
CA GLU B 217 -1.15 -21.40 -6.12
C GLU B 217 -1.63 -21.22 -7.56
N ILE B 218 -1.71 -22.34 -8.28
CA ILE B 218 -2.06 -22.36 -9.70
C ILE B 218 -3.28 -23.24 -9.89
N PHE B 219 -4.21 -22.79 -10.72
CA PHE B 219 -5.45 -23.50 -10.99
C PHE B 219 -5.35 -24.28 -12.29
N ILE B 220 -5.87 -25.51 -12.28
CA ILE B 220 -5.72 -26.44 -13.39
C ILE B 220 -7.05 -26.57 -14.12
N SER B 221 -7.00 -26.56 -15.45
CA SER B 221 -8.19 -26.67 -16.29
C SER B 221 -8.34 -28.02 -16.96
N ASN B 222 -7.26 -28.63 -17.46
CA ASN B 222 -7.39 -29.89 -18.17
C ASN B 222 -6.07 -30.66 -18.07
N ILE B 223 -6.19 -32.00 -18.08
CA ILE B 223 -5.07 -32.90 -18.06
C ILE B 223 -5.21 -33.86 -19.23
N THR B 224 -4.11 -34.06 -19.96
CA THR B 224 -4.11 -34.92 -21.14
C THR B 224 -3.47 -36.26 -20.80
N GLN B 225 -4.21 -37.34 -21.03
CA GLN B 225 -3.71 -38.69 -20.81
C GLN B 225 -2.89 -39.10 -22.03
N ALA B 226 -1.60 -38.75 -21.99
CA ALA B 226 -0.71 -39.03 -23.11
C ALA B 226 0.71 -39.15 -22.58
N ASN B 227 1.61 -39.51 -23.48
CA ASN B 227 3.04 -39.62 -23.16
C ASN B 227 3.83 -38.65 -24.02
N PRO B 228 4.25 -37.50 -23.47
CA PRO B 228 4.03 -37.04 -22.09
C PRO B 228 2.69 -36.36 -21.91
N GLY B 229 2.21 -36.24 -20.68
CA GLY B 229 0.99 -35.50 -20.43
C GLY B 229 1.15 -34.02 -20.64
N ILE B 230 0.04 -33.35 -20.90
CA ILE B 230 0.01 -31.91 -21.16
C ILE B 230 -0.99 -31.27 -20.20
N VAL B 231 -0.57 -30.21 -19.52
CA VAL B 231 -1.41 -29.49 -18.57
C VAL B 231 -2.00 -28.27 -19.26
N THR B 232 -3.31 -28.11 -19.16
CA THR B 232 -3.98 -26.91 -19.63
C THR B 232 -4.29 -26.05 -18.40
N CYS B 233 -3.61 -24.92 -18.30
CA CYS B 233 -3.84 -24.01 -17.19
C CYS B 233 -5.25 -23.43 -17.26
N LEU B 234 -5.76 -23.01 -16.10
CA LEU B 234 -7.06 -22.36 -16.06
C LEU B 234 -7.05 -21.09 -16.90
N GLU B 235 -8.25 -20.64 -17.26
CA GLU B 235 -8.40 -19.46 -18.10
C GLU B 235 -7.69 -18.26 -17.48
N ASN B 236 -6.91 -17.56 -18.29
CA ASN B 236 -6.06 -16.46 -17.84
C ASN B 236 -5.10 -16.99 -16.79
N HIS B 237 -4.69 -16.14 -15.83
CA HIS B 237 -3.84 -16.52 -14.72
C HIS B 237 -2.59 -17.26 -15.18
N PRO B 238 -1.63 -16.59 -15.81
CA PRO B 238 -0.40 -17.28 -16.23
C PRO B 238 0.35 -17.85 -15.05
N HIS B 239 0.90 -19.06 -15.23
CA HIS B 239 1.58 -19.74 -14.13
C HIS B 239 2.95 -19.15 -13.83
N LYS B 240 3.65 -18.65 -14.85
CA LYS B 240 4.95 -18.00 -14.67
C LYS B 240 5.94 -18.92 -13.99
N LEU B 241 6.11 -20.12 -14.55
CA LEU B 241 7.01 -21.13 -14.03
C LEU B 241 8.18 -21.34 -14.98
N GLU B 242 9.14 -22.14 -14.53
CA GLU B 242 10.32 -22.46 -15.31
C GLU B 242 10.54 -23.96 -15.34
N THR B 243 11.11 -24.43 -16.45
CA THR B 243 11.37 -25.85 -16.62
C THR B 243 12.38 -26.32 -15.58
N GLY B 244 12.15 -27.52 -15.04
CA GLY B 244 13.02 -28.13 -14.06
C GLY B 244 12.52 -28.06 -12.64
N GLN B 245 11.53 -27.21 -12.36
CA GLN B 245 11.01 -27.12 -11.01
C GLN B 245 10.17 -28.34 -10.67
N PHE B 246 9.81 -28.46 -9.39
CA PHE B 246 8.97 -29.54 -8.90
C PHE B 246 7.63 -28.97 -8.47
N LEU B 247 6.55 -29.54 -9.02
CA LEU B 247 5.19 -29.11 -8.75
C LEU B 247 4.40 -30.26 -8.17
N THR B 248 3.57 -29.97 -7.17
CA THR B 248 2.68 -30.96 -6.58
C THR B 248 1.24 -30.58 -6.88
N PHE B 249 0.39 -31.60 -7.01
CA PHE B 249 -1.01 -31.41 -7.39
C PHE B 249 -1.92 -31.95 -6.30
N ARG B 250 -3.10 -31.35 -6.19
CA ARG B 250 -4.08 -31.80 -5.22
C ARG B 250 -5.47 -31.34 -5.68
N GLU B 251 -6.49 -31.98 -5.11
CA GLU B 251 -7.88 -31.68 -5.44
C GLU B 251 -8.14 -31.78 -6.94
N ILE B 252 -7.65 -32.85 -7.55
CA ILE B 252 -7.88 -33.14 -8.96
C ILE B 252 -8.88 -34.28 -9.06
N ASN B 253 -10.01 -34.01 -9.71
CA ASN B 253 -10.98 -35.06 -9.96
C ASN B 253 -10.50 -35.97 -11.09
N GLY B 254 -10.79 -37.26 -10.95
CA GLY B 254 -10.37 -38.25 -11.92
C GLY B 254 -9.06 -38.93 -11.57
N MET B 255 -7.95 -38.18 -11.66
CA MET B 255 -6.65 -38.73 -11.31
C MET B 255 -6.46 -38.60 -9.80
N THR B 256 -7.08 -39.54 -9.08
CA THR B 256 -6.87 -39.61 -7.65
C THR B 256 -5.44 -39.97 -7.30
N GLY B 257 -4.73 -40.63 -8.21
CA GLY B 257 -3.33 -40.94 -7.98
C GLY B 257 -2.39 -39.77 -8.15
N LEU B 258 -2.80 -38.74 -8.89
CA LEU B 258 -1.97 -37.56 -9.06
C LEU B 258 -2.06 -36.60 -7.89
N ASN B 259 -3.04 -36.75 -7.02
CA ASN B 259 -3.10 -35.93 -5.83
C ASN B 259 -2.01 -36.34 -4.85
N GLY B 260 -1.25 -35.37 -4.36
CA GLY B 260 -0.13 -35.64 -3.47
C GLY B 260 1.15 -36.07 -4.14
N SER B 261 1.17 -36.16 -5.47
CA SER B 261 2.38 -36.53 -6.19
C SER B 261 3.18 -35.30 -6.59
N ILE B 262 4.48 -35.48 -6.74
CA ILE B 262 5.40 -34.41 -7.13
C ILE B 262 5.94 -34.74 -8.50
N GLN B 263 5.79 -33.81 -9.44
CA GLN B 263 6.20 -34.02 -10.82
C GLN B 263 7.02 -32.84 -11.30
N GLN B 264 8.11 -33.14 -12.00
CA GLN B 264 8.92 -32.11 -12.63
C GLN B 264 8.27 -31.66 -13.93
N ILE B 265 8.27 -30.35 -14.17
CA ILE B 265 7.53 -29.76 -15.27
C ILE B 265 8.48 -29.38 -16.39
N THR B 266 7.91 -29.21 -17.58
CA THR B 266 8.63 -28.74 -18.75
C THR B 266 7.77 -27.67 -19.43
N VAL B 267 8.23 -26.42 -19.40
CA VAL B 267 7.40 -25.32 -19.86
C VAL B 267 7.14 -25.45 -21.35
N ILE B 268 5.87 -25.37 -21.73
CA ILE B 268 5.46 -25.37 -23.12
C ILE B 268 4.96 -23.99 -23.56
N SER B 269 4.13 -23.36 -22.73
CA SER B 269 3.59 -22.04 -23.04
C SER B 269 3.33 -21.34 -21.71
N PRO B 270 3.05 -20.04 -21.74
CA PRO B 270 2.67 -19.34 -20.50
C PRO B 270 1.43 -19.91 -19.82
N PHE B 271 0.72 -20.84 -20.45
CA PHE B 271 -0.46 -21.47 -19.84
C PHE B 271 -0.44 -22.98 -19.99
N SER B 272 0.73 -23.59 -20.16
CA SER B 272 0.82 -25.03 -20.29
C SER B 272 2.22 -25.50 -19.97
N PHE B 273 2.33 -26.78 -19.61
CA PHE B 273 3.61 -27.43 -19.42
C PHE B 273 3.40 -28.94 -19.55
N SER B 274 4.49 -29.69 -19.46
CA SER B 274 4.48 -31.11 -19.74
C SER B 274 4.75 -31.89 -18.46
N ILE B 275 3.95 -32.94 -18.22
CA ILE B 275 4.11 -33.84 -17.10
C ILE B 275 4.40 -35.24 -17.65
N GLY B 276 4.69 -36.17 -16.74
CA GLY B 276 5.02 -37.53 -17.14
C GLY B 276 3.86 -38.36 -17.63
N ASP B 277 3.96 -39.68 -17.47
CA ASP B 277 2.94 -40.59 -17.97
C ASP B 277 1.64 -40.44 -17.20
N THR B 278 0.53 -40.29 -17.94
CA THR B 278 -0.79 -40.29 -17.35
C THR B 278 -1.76 -41.17 -18.13
N THR B 279 -1.28 -41.89 -19.16
CA THR B 279 -2.17 -42.68 -19.99
C THR B 279 -2.83 -43.80 -19.19
N GLU B 280 -2.07 -44.45 -18.31
CA GLU B 280 -2.62 -45.53 -17.49
C GLU B 280 -3.65 -45.05 -16.48
N LEU B 281 -3.76 -43.74 -16.27
CA LEU B 281 -4.68 -43.21 -15.28
C LEU B 281 -6.09 -43.09 -15.84
N GLU B 282 -7.04 -42.86 -14.94
CA GLU B 282 -8.43 -42.65 -15.29
C GLU B 282 -8.61 -41.25 -15.89
N PRO B 283 -9.56 -41.09 -16.82
CA PRO B 283 -9.78 -39.77 -17.44
C PRO B 283 -10.09 -38.68 -16.42
N TYR B 284 -10.07 -37.45 -16.92
CA TYR B 284 -10.14 -36.24 -16.12
C TYR B 284 -11.49 -35.56 -16.32
N LEU B 285 -12.13 -35.19 -15.22
CA LEU B 285 -13.43 -34.50 -15.27
C LEU B 285 -13.28 -32.98 -15.21
N HIS B 286 -12.74 -32.46 -14.11
CA HIS B 286 -12.60 -31.02 -13.89
C HIS B 286 -11.84 -30.80 -12.60
N GLY B 287 -11.49 -29.54 -12.35
CA GLY B 287 -10.84 -29.15 -11.13
C GLY B 287 -9.34 -29.41 -11.14
N GLY B 288 -8.67 -28.85 -10.13
CA GLY B 288 -7.24 -29.04 -10.00
C GLY B 288 -6.51 -27.89 -9.34
N ILE B 289 -5.56 -28.19 -8.47
CA ILE B 289 -4.75 -27.18 -7.79
C ILE B 289 -3.30 -27.64 -7.79
N ALA B 290 -2.39 -26.74 -8.17
CA ALA B 290 -0.97 -27.04 -8.21
C ALA B 290 -0.20 -25.93 -7.51
N VAL B 291 0.72 -26.30 -6.64
CA VAL B 291 1.57 -25.35 -5.93
C VAL B 291 3.03 -25.79 -6.09
N GLN B 292 3.92 -24.80 -6.04
CA GLN B 292 5.34 -25.05 -6.27
C GLN B 292 5.99 -25.62 -5.01
N VAL B 293 6.90 -26.56 -5.21
CA VAL B 293 7.64 -27.20 -4.13
C VAL B 293 9.07 -26.69 -4.16
N LYS B 294 9.53 -26.14 -3.05
CA LYS B 294 10.91 -25.71 -2.94
C LYS B 294 11.82 -26.90 -2.68
N THR B 295 13.02 -26.83 -3.25
CA THR B 295 13.99 -27.90 -3.10
C THR B 295 15.34 -27.31 -2.72
N PRO B 296 16.13 -28.05 -1.93
CA PRO B 296 17.47 -27.56 -1.58
C PRO B 296 18.35 -27.41 -2.80
N LYS B 297 19.24 -26.43 -2.76
CA LYS B 297 20.17 -26.15 -3.83
C LYS B 297 21.59 -26.14 -3.27
N THR B 298 22.52 -26.72 -4.02
CA THR B 298 23.92 -26.77 -3.61
C THR B 298 24.72 -25.83 -4.49
N VAL B 299 25.41 -24.88 -3.85
CA VAL B 299 26.29 -23.96 -4.54
C VAL B 299 27.72 -24.27 -4.15
N PHE B 300 28.65 -23.84 -4.99
CA PHE B 300 30.06 -24.14 -4.81
C PHE B 300 30.86 -22.86 -4.62
N PHE B 301 31.91 -22.96 -3.81
CA PHE B 301 32.84 -21.86 -3.58
C PHE B 301 34.26 -22.37 -3.70
N GLU B 302 35.16 -21.45 -4.01
CA GLU B 302 36.58 -21.77 -4.12
C GLU B 302 37.37 -21.04 -3.04
N SER B 303 38.60 -21.53 -2.84
CA SER B 303 39.47 -20.94 -1.83
C SER B 303 39.87 -19.52 -2.22
N LEU B 304 40.24 -18.73 -1.21
CA LEU B 304 40.60 -17.34 -1.45
C LEU B 304 41.82 -17.22 -2.36
N GLU B 305 42.84 -18.05 -2.13
CA GLU B 305 44.04 -17.97 -2.94
C GLU B 305 43.79 -18.36 -4.39
N ARG B 306 42.71 -19.10 -4.66
CA ARG B 306 42.37 -19.42 -6.05
C ARG B 306 41.44 -18.38 -6.67
N GLN B 307 40.61 -17.72 -5.86
CA GLN B 307 39.72 -16.71 -6.41
C GLN B 307 40.47 -15.47 -6.88
N LEU B 308 41.64 -15.19 -6.29
CA LEU B 308 42.39 -14.00 -6.68
C LEU B 308 42.92 -14.09 -8.10
N LYS B 309 43.06 -15.28 -8.65
CA LYS B 309 43.59 -15.43 -10.00
C LYS B 309 42.50 -15.40 -11.08
N HIS B 310 41.24 -15.64 -10.71
CA HIS B 310 40.14 -15.56 -11.66
C HIS B 310 38.83 -15.41 -10.90
N PRO B 311 38.55 -14.23 -10.34
CA PRO B 311 37.37 -14.07 -9.51
C PRO B 311 36.08 -14.15 -10.31
N LYS B 312 35.01 -14.49 -9.61
CA LYS B 312 33.65 -14.48 -10.16
C LYS B 312 32.92 -13.32 -9.50
N CYS B 313 33.07 -12.14 -10.09
CA CYS B 313 32.51 -10.93 -9.51
C CYS B 313 31.01 -10.84 -9.79
N LEU B 314 30.36 -9.93 -9.09
CA LEU B 314 28.94 -9.64 -9.29
C LEU B 314 28.81 -8.30 -9.99
N ILE B 315 28.03 -8.28 -11.07
CA ILE B 315 27.89 -7.07 -11.87
C ILE B 315 26.81 -6.18 -11.27
N VAL B 316 27.16 -4.92 -11.00
CA VAL B 316 26.23 -3.97 -10.44
C VAL B 316 25.87 -2.84 -11.41
N ASP B 317 26.70 -2.58 -12.41
CA ASP B 317 26.43 -1.55 -13.41
C ASP B 317 26.68 -2.16 -14.78
N PHE B 318 25.60 -2.35 -15.55
CA PHE B 318 25.72 -3.00 -16.85
C PHE B 318 26.35 -2.11 -17.91
N SER B 319 26.50 -0.81 -17.65
CA SER B 319 27.22 0.05 -18.58
C SER B 319 28.70 -0.28 -18.61
N ASN B 320 29.25 -0.77 -17.50
CA ASN B 320 30.66 -1.15 -17.41
C ASN B 320 30.75 -2.57 -16.83
N PRO B 321 30.43 -3.58 -17.63
CA PRO B 321 30.52 -4.96 -17.12
C PRO B 321 31.92 -5.37 -16.71
N GLU B 322 32.95 -4.81 -17.33
CA GLU B 322 34.33 -5.13 -17.01
C GLU B 322 34.88 -4.32 -15.85
N ALA B 323 34.09 -3.39 -15.30
CA ALA B 323 34.57 -2.58 -14.20
C ALA B 323 34.95 -3.38 -12.96
N PRO B 324 34.14 -4.35 -12.49
CA PRO B 324 34.53 -5.09 -11.28
C PRO B 324 35.89 -5.77 -11.36
N LEU B 325 36.23 -6.34 -12.53
CA LEU B 325 37.54 -6.96 -12.66
C LEU B 325 38.66 -5.94 -12.53
N GLU B 326 38.48 -4.76 -13.13
CA GLU B 326 39.49 -3.72 -13.02
C GLU B 326 39.62 -3.23 -11.57
N ILE B 327 38.49 -3.10 -10.87
CA ILE B 327 38.55 -2.71 -9.46
C ILE B 327 39.29 -3.76 -8.65
N HIS B 328 39.02 -5.04 -8.92
CA HIS B 328 39.70 -6.12 -8.24
C HIS B 328 41.20 -6.04 -8.48
N THR B 329 41.61 -5.79 -9.73
CA THR B 329 43.02 -5.65 -10.05
C THR B 329 43.64 -4.48 -9.29
N ALA B 330 42.93 -3.36 -9.25
CA ALA B 330 43.46 -2.18 -8.57
C ALA B 330 43.64 -2.44 -7.07
N MET B 331 42.65 -3.07 -6.44
CA MET B 331 42.76 -3.33 -5.01
C MET B 331 43.82 -4.38 -4.70
N LEU B 332 43.99 -5.38 -5.58
CA LEU B 332 45.09 -6.33 -5.39
C LEU B 332 46.43 -5.62 -5.50
N ALA B 333 46.55 -4.69 -6.45
CA ALA B 333 47.77 -3.89 -6.54
C ALA B 333 47.97 -3.07 -5.27
N LEU B 334 46.89 -2.54 -4.71
CA LEU B 334 46.99 -1.78 -3.46
C LEU B 334 47.51 -2.67 -2.33
N ASP B 335 47.01 -3.90 -2.24
CA ASP B 335 47.47 -4.80 -1.19
C ASP B 335 48.94 -5.16 -1.39
N GLN B 336 49.36 -5.39 -2.63
CA GLN B 336 50.78 -5.67 -2.87
C GLN B 336 51.64 -4.47 -2.53
N PHE B 337 51.16 -3.26 -2.83
CA PHE B 337 51.88 -2.05 -2.45
C PHE B 337 52.01 -1.95 -0.93
N GLN B 338 50.93 -2.24 -0.21
CA GLN B 338 50.99 -2.24 1.25
C GLN B 338 51.99 -3.27 1.76
N GLU B 339 52.04 -4.43 1.12
CA GLU B 339 53.01 -5.45 1.54
C GLU B 339 54.44 -4.98 1.31
N LYS B 340 54.71 -4.37 0.15
CA LYS B 340 56.10 -4.08 -0.20
C LYS B 340 56.61 -2.80 0.44
N TYR B 341 55.72 -1.86 0.80
CA TYR B 341 56.15 -0.60 1.39
C TYR B 341 55.72 -0.42 2.84
N SER B 342 54.91 -1.31 3.38
CA SER B 342 54.42 -1.24 4.76
C SER B 342 53.63 0.03 5.03
N ARG B 343 53.11 0.67 3.99
CA ARG B 343 52.33 1.89 4.15
C ARG B 343 51.44 2.07 2.94
N LYS B 344 50.33 2.77 3.13
CA LYS B 344 49.45 3.11 2.02
C LYS B 344 50.05 4.27 1.22
N PRO B 345 49.68 4.39 -0.05
CA PRO B 345 50.20 5.50 -0.86
C PRO B 345 49.80 6.86 -0.27
N ASN B 346 50.72 7.81 -0.33
CA ASN B 346 50.45 9.16 0.13
C ASN B 346 49.55 9.89 -0.86
N VAL B 347 48.83 10.88 -0.34
CA VAL B 347 47.91 11.65 -1.17
C VAL B 347 48.70 12.58 -2.08
N GLY B 348 48.52 12.45 -3.38
CA GLY B 348 49.12 13.34 -4.34
C GLY B 348 50.56 13.03 -4.71
N CYS B 349 51.16 12.01 -4.11
CA CYS B 349 52.54 11.67 -4.45
C CYS B 349 52.60 11.06 -5.84
N GLN B 350 53.46 11.61 -6.69
CA GLN B 350 53.56 11.11 -8.06
C GLN B 350 54.25 9.76 -8.10
N GLN B 351 55.33 9.59 -7.33
CA GLN B 351 56.07 8.34 -7.33
C GLN B 351 55.22 7.19 -6.83
N ASP B 352 54.41 7.43 -5.80
CA ASP B 352 53.52 6.38 -5.30
C ASP B 352 52.50 5.97 -6.36
N SER B 353 51.94 6.95 -7.07
CA SER B 353 50.97 6.64 -8.12
C SER B 353 51.63 5.84 -9.25
N GLU B 354 52.85 6.22 -9.64
CA GLU B 354 53.56 5.49 -10.67
C GLU B 354 53.85 4.06 -10.24
N GLU B 355 54.27 3.88 -8.99
CA GLU B 355 54.54 2.54 -8.47
C GLU B 355 53.28 1.70 -8.46
N LEU B 356 52.16 2.28 -8.01
CA LEU B 356 50.90 1.54 -7.99
C LEU B 356 50.45 1.17 -9.39
N LEU B 357 50.62 2.08 -10.35
CA LEU B 357 50.24 1.78 -11.73
C LEU B 357 51.11 0.67 -12.30
N LYS B 358 52.41 0.70 -12.01
CA LYS B 358 53.30 -0.37 -12.49
C LYS B 358 52.90 -1.71 -11.88
N LEU B 359 52.60 -1.72 -10.57
CA LEU B 359 52.17 -2.96 -9.94
C LEU B 359 50.88 -3.47 -10.53
N ALA B 360 49.92 -2.58 -10.81
CA ALA B 360 48.66 -2.99 -11.40
C ALA B 360 48.86 -3.55 -12.80
N THR B 361 49.73 -2.93 -13.59
CA THR B 361 50.02 -3.44 -14.93
C THR B 361 50.67 -4.81 -14.84
N SER B 362 51.59 -5.00 -13.90
CA SER B 362 52.22 -6.31 -13.74
C SER B 362 51.20 -7.37 -13.32
N ILE B 363 50.28 -7.01 -12.42
CA ILE B 363 49.30 -7.97 -11.93
C ILE B 363 48.30 -8.34 -13.02
N SER B 364 47.88 -7.35 -13.83
CA SER B 364 46.80 -7.59 -14.78
C SER B 364 47.18 -8.66 -15.79
N GLU B 365 48.43 -8.63 -16.29
CA GLU B 365 48.84 -9.61 -17.28
C GLU B 365 48.91 -11.03 -16.72
N THR B 366 49.05 -11.18 -15.41
CA THR B 366 49.03 -12.51 -14.82
C THR B 366 47.62 -13.04 -14.60
N LEU B 367 46.60 -12.18 -14.69
CA LEU B 367 45.24 -12.64 -14.57
C LEU B 367 44.85 -13.49 -15.77
N GLU B 368 43.87 -14.38 -15.56
CA GLU B 368 43.46 -15.29 -16.62
C GLU B 368 42.81 -14.54 -17.78
N GLU B 369 42.02 -13.52 -17.48
CA GLU B 369 41.28 -12.80 -18.51
C GLU B 369 42.11 -11.69 -19.17
N LYS B 370 43.26 -11.33 -18.61
CA LYS B 370 44.12 -10.27 -19.11
C LYS B 370 43.34 -8.98 -19.36
N PRO B 371 42.84 -8.32 -18.32
CA PRO B 371 42.10 -7.07 -18.52
C PRO B 371 43.06 -5.90 -18.72
N ASP B 372 42.48 -4.77 -19.12
CA ASP B 372 43.23 -3.54 -19.29
C ASP B 372 43.18 -2.73 -18.00
N VAL B 373 44.35 -2.28 -17.54
CA VAL B 373 44.42 -1.49 -16.32
C VAL B 373 43.74 -0.14 -16.57
N ASN B 374 42.76 0.19 -15.74
CA ASN B 374 42.06 1.46 -15.85
C ASN B 374 42.91 2.54 -15.18
N ALA B 375 43.41 3.48 -15.98
CA ALA B 375 44.27 4.53 -15.44
C ALA B 375 43.53 5.39 -14.42
N ASP B 376 42.28 5.74 -14.71
CA ASP B 376 41.52 6.60 -13.80
C ASP B 376 41.26 5.89 -12.48
N ILE B 377 40.90 4.60 -12.52
CA ILE B 377 40.59 3.88 -11.30
C ILE B 377 41.83 3.77 -10.41
N VAL B 378 42.96 3.42 -11.00
CA VAL B 378 44.20 3.32 -10.22
C VAL B 378 44.59 4.68 -9.67
N HIS B 379 44.46 5.72 -10.50
CA HIS B 379 44.81 7.06 -10.04
C HIS B 379 43.96 7.49 -8.85
N TRP B 380 42.65 7.25 -8.92
CA TRP B 380 41.78 7.66 -7.83
C TRP B 380 42.00 6.79 -6.59
N LEU B 381 42.30 5.51 -6.79
CA LEU B 381 42.62 4.65 -5.64
C LEU B 381 43.88 5.15 -4.94
N SER B 382 44.89 5.54 -5.71
CA SER B 382 46.09 6.12 -5.10
C SER B 382 45.76 7.45 -4.42
N TRP B 383 44.87 8.24 -5.01
CA TRP B 383 44.55 9.56 -4.46
C TRP B 383 43.85 9.44 -3.11
N THR B 384 42.92 8.50 -2.98
CA THR B 384 42.11 8.36 -1.78
C THR B 384 42.39 7.04 -1.05
N ALA B 385 43.64 6.58 -1.07
CA ALA B 385 43.97 5.32 -0.43
C ALA B 385 43.79 5.39 1.08
N GLN B 386 44.26 6.48 1.70
CA GLN B 386 44.22 6.59 3.16
C GLN B 386 42.87 7.04 3.69
N GLY B 387 41.95 7.43 2.82
CA GLY B 387 40.66 7.93 3.26
C GLY B 387 39.71 6.82 3.67
N PHE B 388 38.54 7.24 4.14
CA PHE B 388 37.49 6.32 4.54
C PHE B 388 36.15 7.02 4.40
N LEU B 389 35.22 6.40 3.68
CA LEU B 389 33.91 6.96 3.42
C LEU B 389 32.88 6.25 4.27
N SER B 390 32.04 7.03 4.94
CA SER B 390 31.09 6.49 5.92
C SER B 390 29.86 5.85 5.27
N PRO B 391 29.16 6.53 4.35
CA PRO B 391 27.96 5.88 3.76
C PRO B 391 28.29 4.60 3.01
N LEU B 392 29.41 4.56 2.28
CA LEU B 392 29.81 3.34 1.61
C LEU B 392 30.11 2.25 2.63
N ALA B 393 30.76 2.61 3.73
CA ALA B 393 31.03 1.63 4.79
C ALA B 393 29.72 1.08 5.35
N ALA B 394 28.73 1.94 5.54
CA ALA B 394 27.45 1.48 6.07
C ALA B 394 26.75 0.53 5.09
N ALA B 395 26.78 0.86 3.79
CA ALA B 395 26.16 0.00 2.81
C ALA B 395 26.84 -1.37 2.76
N VAL B 396 28.18 -1.38 2.73
CA VAL B 396 28.91 -2.64 2.70
C VAL B 396 28.68 -3.43 3.97
N GLY B 397 28.57 -2.73 5.12
CA GLY B 397 28.26 -3.43 6.36
C GLY B 397 26.90 -4.08 6.34
N GLY B 398 25.90 -3.38 5.80
CA GLY B 398 24.59 -3.98 5.68
C GLY B 398 24.61 -5.22 4.81
N VAL B 399 25.28 -5.12 3.65
CA VAL B 399 25.36 -6.28 2.77
C VAL B 399 26.08 -7.45 3.44
N ALA B 400 27.20 -7.15 4.12
CA ALA B 400 27.96 -8.21 4.77
C ALA B 400 27.18 -8.85 5.90
N SER B 401 26.41 -8.05 6.65
CA SER B 401 25.57 -8.61 7.70
C SER B 401 24.50 -9.52 7.12
N GLN B 402 23.92 -9.12 5.98
CA GLN B 402 22.96 -10.00 5.32
C GLN B 402 23.62 -11.30 4.91
N GLU B 403 24.84 -11.23 4.37
CA GLU B 403 25.55 -12.45 4.00
C GLU B 403 25.83 -13.32 5.22
N VAL B 404 26.18 -12.69 6.35
CA VAL B 404 26.42 -13.44 7.58
C VAL B 404 25.15 -14.15 8.02
N LEU B 405 24.01 -13.46 7.94
CA LEU B 405 22.74 -14.11 8.27
C LEU B 405 22.47 -15.28 7.34
N LYS B 406 22.80 -15.13 6.06
CA LYS B 406 22.69 -16.27 5.14
C LYS B 406 23.60 -17.41 5.55
N ALA B 407 24.76 -17.09 6.13
CA ALA B 407 25.75 -18.11 6.42
C ALA B 407 25.27 -19.10 7.48
N VAL B 408 24.57 -18.60 8.52
CA VAL B 408 24.19 -19.45 9.64
C VAL B 408 22.80 -20.03 9.49
N THR B 409 22.04 -19.65 8.46
CA THR B 409 20.69 -20.14 8.29
C THR B 409 20.45 -20.81 6.94
N GLY B 410 21.19 -20.43 5.90
CA GLY B 410 20.89 -20.91 4.57
C GLY B 410 19.53 -20.45 4.07
N LYS B 411 19.11 -19.24 4.47
CA LYS B 411 17.78 -18.76 4.11
C LYS B 411 17.72 -18.30 2.65
N PHE B 412 18.78 -17.70 2.14
CA PHE B 412 18.79 -17.18 0.78
C PHE B 412 20.04 -17.66 0.06
N SER B 413 20.08 -17.39 -1.23
CA SER B 413 21.25 -17.76 -2.02
C SER B 413 22.41 -16.85 -1.66
N PRO B 414 23.54 -17.37 -1.21
CA PRO B 414 24.65 -16.52 -0.81
C PRO B 414 25.30 -15.84 -2.01
N LEU B 415 26.00 -14.76 -1.72
CA LEU B 415 26.77 -14.08 -2.76
C LEU B 415 27.90 -14.97 -3.25
N CYS B 416 28.09 -14.98 -4.57
CA CYS B 416 29.13 -15.81 -5.19
C CYS B 416 29.74 -15.00 -6.33
N GLN B 417 30.97 -14.54 -6.13
CA GLN B 417 31.71 -14.78 -4.90
C GLN B 417 32.41 -13.49 -4.44
N TRP B 418 32.25 -12.43 -5.21
CA TRP B 418 32.82 -11.13 -4.89
C TRP B 418 31.75 -10.05 -5.04
N LEU B 419 32.05 -8.86 -4.51
CA LEU B 419 31.20 -7.71 -4.69
C LEU B 419 32.05 -6.45 -4.54
N TYR B 420 32.03 -5.60 -5.56
CA TYR B 420 32.84 -4.39 -5.59
C TYR B 420 31.93 -3.18 -5.74
N LEU B 421 31.43 -2.67 -4.63
CA LEU B 421 30.73 -1.39 -4.64
C LEU B 421 31.74 -0.26 -4.63
N GLU B 422 31.35 0.86 -5.24
CA GLU B 422 32.25 2.01 -5.30
C GLU B 422 31.43 3.27 -5.50
N ALA B 423 32.05 4.41 -5.21
CA ALA B 423 31.45 5.72 -5.36
C ALA B 423 32.38 6.63 -6.15
N ALA B 424 32.88 6.12 -7.29
CA ALA B 424 33.79 6.90 -8.12
C ALA B 424 33.14 8.15 -8.67
N ASP B 425 31.80 8.19 -8.73
CA ASP B 425 31.12 9.37 -9.23
C ASP B 425 31.31 10.58 -8.32
N ILE B 426 31.61 10.35 -7.04
CA ILE B 426 31.82 11.46 -6.11
C ILE B 426 33.03 12.29 -6.53
N VAL B 427 34.13 11.63 -6.91
CA VAL B 427 35.37 12.33 -7.22
C VAL B 427 35.53 12.60 -8.71
N GLU B 428 34.76 11.96 -9.57
CA GLU B 428 34.95 12.15 -11.01
C GLU B 428 34.65 13.58 -11.43
N SER B 429 33.60 14.18 -10.86
CA SER B 429 33.24 15.54 -11.20
C SER B 429 34.20 16.57 -10.63
N LEU B 430 35.12 16.18 -9.76
CA LEU B 430 36.02 17.13 -9.12
C LEU B 430 37.15 17.60 -10.03
N GLY B 431 37.36 16.94 -11.16
CA GLY B 431 38.43 17.33 -12.06
C GLY B 431 39.79 16.92 -11.53
N LYS B 432 40.68 17.89 -11.34
CA LYS B 432 42.05 17.64 -10.85
C LYS B 432 42.30 18.54 -9.65
N PRO B 433 41.70 18.23 -8.50
CA PRO B 433 41.90 19.07 -7.33
C PRO B 433 43.32 18.99 -6.79
N GLU B 434 43.74 20.07 -6.13
CA GLU B 434 45.08 20.12 -5.55
C GLU B 434 45.20 19.18 -4.36
N CYS B 435 46.41 18.64 -4.18
CA CYS B 435 46.64 17.70 -3.08
C CYS B 435 46.49 18.38 -1.73
N GLU B 436 46.78 19.68 -1.64
CA GLU B 436 46.63 20.38 -0.36
C GLU B 436 45.19 20.43 0.11
N GLU B 437 44.23 20.25 -0.79
CA GLU B 437 42.82 20.29 -0.40
C GLU B 437 42.43 19.05 0.38
N PHE B 438 43.08 17.92 0.12
CA PHE B 438 42.76 16.65 0.78
C PHE B 438 43.59 16.40 2.03
N LEU B 439 44.55 17.28 2.34
CA LEU B 439 45.42 17.04 3.48
C LEU B 439 44.63 17.12 4.78
N PRO B 440 44.95 16.27 5.76
CA PRO B 440 44.24 16.34 7.04
C PRO B 440 44.54 17.63 7.79
N ARG B 441 43.56 18.08 8.57
CA ARG B 441 43.69 19.31 9.33
C ARG B 441 43.73 19.08 10.83
N GLY B 442 43.40 17.89 11.31
CA GLY B 442 43.47 17.59 12.73
C GLY B 442 42.13 17.70 13.43
N ASP B 443 41.07 17.30 12.75
CA ASP B 443 39.72 17.28 13.32
C ASP B 443 39.09 15.93 13.06
N ARG B 444 37.83 15.78 13.47
CA ARG B 444 37.15 14.50 13.30
C ARG B 444 36.86 14.20 11.83
N TYR B 445 36.75 15.23 11.00
CA TYR B 445 36.42 15.05 9.58
C TYR B 445 37.64 14.78 8.71
N ASP B 446 38.75 14.32 9.29
CA ASP B 446 39.94 14.06 8.48
C ASP B 446 39.69 12.94 7.48
N ALA B 447 38.94 11.91 7.87
CA ALA B 447 38.68 10.80 6.98
C ALA B 447 37.86 11.23 5.78
N LEU B 448 36.77 11.96 6.01
CA LEU B 448 35.93 12.40 4.91
C LEU B 448 36.63 13.42 4.02
N ARG B 449 37.42 14.31 4.62
CA ARG B 449 38.17 15.28 3.83
C ARG B 449 39.16 14.59 2.90
N ALA B 450 39.84 13.55 3.40
CA ALA B 450 40.78 12.82 2.57
C ALA B 450 40.10 12.09 1.42
N CYS B 451 38.78 11.97 1.44
CA CYS B 451 38.02 11.36 0.36
C CYS B 451 37.47 12.37 -0.63
N ILE B 452 36.80 13.42 -0.15
CA ILE B 452 36.04 14.29 -1.03
C ILE B 452 36.55 15.73 -1.04
N GLY B 453 37.74 15.98 -0.51
CA GLY B 453 38.31 17.31 -0.52
C GLY B 453 37.66 18.22 0.52
N ASP B 454 38.31 19.36 0.75
CA ASP B 454 37.85 20.27 1.78
C ASP B 454 36.63 21.07 1.34
N THR B 455 36.56 21.44 0.06
CA THR B 455 35.46 22.26 -0.42
C THR B 455 34.12 21.55 -0.27
N LEU B 456 34.04 20.31 -0.74
CA LEU B 456 32.79 19.57 -0.65
C LEU B 456 32.43 19.26 0.81
N CYS B 457 33.44 19.07 1.66
CA CYS B 457 33.16 18.90 3.08
C CYS B 457 32.54 20.16 3.66
N GLN B 458 33.06 21.33 3.30
CA GLN B 458 32.50 22.57 3.80
C GLN B 458 31.08 22.78 3.29
N LYS B 459 30.83 22.47 2.01
CA LYS B 459 29.48 22.61 1.49
C LYS B 459 28.51 21.62 2.14
N LEU B 460 29.03 20.52 2.67
CA LEU B 460 28.18 19.60 3.42
C LEU B 460 27.82 20.18 4.78
N GLN B 461 28.75 20.86 5.43
CA GLN B 461 28.52 21.41 6.76
C GLN B 461 27.58 22.61 6.76
N ASN B 462 27.24 23.14 5.59
CA ASN B 462 26.36 24.30 5.47
C ASN B 462 25.09 23.94 4.72
N LEU B 463 24.49 22.79 5.05
CA LEU B 463 23.28 22.32 4.41
C LEU B 463 22.10 22.49 5.34
N ASN B 464 21.00 23.03 4.80
CA ASN B 464 19.72 23.07 5.49
C ASN B 464 18.86 21.98 4.86
N ILE B 465 18.91 20.79 5.45
CA ILE B 465 18.29 19.59 4.87
C ILE B 465 17.07 19.23 5.70
N PHE B 466 15.96 18.95 5.02
CA PHE B 466 14.70 18.60 5.66
C PHE B 466 14.45 17.12 5.48
N LEU B 467 14.32 16.39 6.59
CA LEU B 467 14.10 14.95 6.59
C LEU B 467 12.69 14.66 7.07
N VAL B 468 11.96 13.87 6.31
CA VAL B 468 10.57 13.53 6.62
C VAL B 468 10.51 12.11 7.12
N GLY B 469 9.85 11.92 8.27
CA GLY B 469 9.77 10.59 8.86
C GLY B 469 11.04 10.19 9.56
N CYS B 470 10.92 9.47 10.67
CA CYS B 470 12.07 9.07 11.47
C CYS B 470 11.98 7.59 11.81
N GLY B 471 11.70 6.78 10.79
CA GLY B 471 11.67 5.33 10.95
C GLY B 471 13.07 4.76 11.01
N ALA B 472 13.22 3.53 10.51
CA ALA B 472 14.54 2.92 10.45
C ALA B 472 15.45 3.70 9.51
N ILE B 473 14.96 3.99 8.30
CA ILE B 473 15.75 4.74 7.34
C ILE B 473 16.08 6.13 7.89
N GLY B 474 15.12 6.75 8.58
CA GLY B 474 15.40 8.05 9.18
C GLY B 474 16.49 7.99 10.22
N CYS B 475 16.47 6.97 11.08
CA CYS B 475 17.51 6.84 12.10
C CYS B 475 18.87 6.61 11.48
N GLU B 476 18.95 5.72 10.49
CA GLU B 476 20.23 5.48 9.84
C GLU B 476 20.73 6.73 9.12
N MET B 477 19.81 7.49 8.53
CA MET B 477 20.21 8.73 7.86
C MET B 477 20.69 9.77 8.86
N LEU B 478 20.08 9.81 10.04
CA LEU B 478 20.59 10.71 11.08
C LEU B 478 21.99 10.29 11.52
N LYS B 479 22.22 8.99 11.65
CA LYS B 479 23.57 8.52 11.97
C LYS B 479 24.57 8.93 10.90
N ASN B 480 24.18 8.78 9.63
CA ASN B 480 25.06 9.20 8.54
C ASN B 480 25.31 10.69 8.57
N PHE B 481 24.28 11.49 8.88
CA PHE B 481 24.47 12.93 9.02
C PHE B 481 25.47 13.25 10.12
N ALA B 482 25.34 12.57 11.27
CA ALA B 482 26.26 12.82 12.37
C ALA B 482 27.69 12.46 11.98
N LEU B 483 27.86 11.36 11.25
CA LEU B 483 29.20 10.96 10.84
C LEU B 483 29.78 11.89 9.78
N LEU B 484 28.93 12.43 8.91
CA LEU B 484 29.38 13.33 7.84
C LEU B 484 29.45 14.79 8.28
N GLY B 485 28.94 15.11 9.46
CA GLY B 485 28.92 16.49 9.92
C GLY B 485 28.03 17.40 9.08
N VAL B 486 26.82 16.94 8.76
CA VAL B 486 25.92 17.74 7.94
C VAL B 486 25.30 18.85 8.78
N GLY B 487 25.46 20.08 8.33
CA GLY B 487 24.86 21.21 9.02
C GLY B 487 25.48 21.52 10.37
N THR B 488 26.75 21.20 10.56
CA THR B 488 27.42 21.47 11.83
C THR B 488 28.06 22.85 11.90
N SER B 489 28.05 23.61 10.81
CA SER B 489 28.64 24.94 10.85
C SER B 489 27.80 25.87 11.71
N LYS B 490 28.49 26.75 12.44
CA LYS B 490 27.79 27.68 13.31
C LYS B 490 26.94 28.67 12.52
N GLU B 491 27.50 29.21 11.43
CA GLU B 491 26.82 30.25 10.68
C GLU B 491 25.57 29.72 9.99
N LYS B 492 25.67 28.54 9.38
CA LYS B 492 24.57 28.02 8.57
C LYS B 492 24.56 26.51 8.69
N GLY B 493 23.39 25.92 8.42
CA GLY B 493 23.22 24.50 8.55
C GLY B 493 22.15 24.15 9.57
N MET B 494 21.18 23.33 9.18
CA MET B 494 20.05 23.02 10.04
C MET B 494 19.37 21.77 9.50
N ILE B 495 19.16 20.79 10.36
CA ILE B 495 18.46 19.56 10.01
C ILE B 495 17.11 19.58 10.70
N THR B 496 16.04 19.42 9.91
CA THR B 496 14.68 19.40 10.43
C THR B 496 14.09 18.03 10.20
N VAL B 497 13.71 17.34 11.28
CA VAL B 497 13.15 16.00 11.20
C VAL B 497 11.78 16.02 11.88
N THR B 498 10.76 15.51 11.18
CA THR B 498 9.39 15.50 11.68
C THR B 498 8.85 14.08 11.65
N ASP B 499 8.20 13.68 12.74
CA ASP B 499 7.52 12.40 12.82
C ASP B 499 6.54 12.42 13.98
N PRO B 500 5.26 12.09 13.74
CA PRO B 500 4.26 12.16 14.81
C PRO B 500 4.11 10.90 15.64
N ASP B 501 4.68 9.78 15.21
CA ASP B 501 4.47 8.51 15.87
C ASP B 501 5.29 8.43 17.16
N LEU B 502 5.01 7.40 17.95
CA LEU B 502 5.70 7.13 19.20
C LEU B 502 6.48 5.83 19.09
N ILE B 503 7.52 5.71 19.92
CA ILE B 503 8.39 4.54 19.87
C ILE B 503 7.63 3.32 20.36
N GLU B 504 7.82 2.19 19.67
CA GLU B 504 7.18 0.94 20.00
C GLU B 504 8.25 -0.14 20.23
N LYS B 505 7.86 -1.17 20.99
CA LYS B 505 8.79 -2.26 21.29
C LYS B 505 9.33 -2.90 20.03
N SER B 506 8.49 -3.06 19.01
CA SER B 506 8.94 -3.68 17.77
C SER B 506 9.85 -2.77 16.96
N ASN B 507 9.83 -1.46 17.23
CA ASN B 507 10.70 -0.54 16.51
C ASN B 507 12.15 -0.60 16.97
N LEU B 508 12.40 -1.11 18.18
CA LEU B 508 13.76 -1.20 18.69
C LEU B 508 14.61 -2.18 17.90
N ASN B 509 13.98 -3.13 17.21
CA ASN B 509 14.74 -4.12 16.45
C ASN B 509 15.42 -3.51 15.24
N ARG B 510 14.79 -2.52 14.60
CA ARG B 510 15.31 -1.95 13.36
C ARG B 510 15.86 -0.54 13.51
N GLN B 511 15.46 0.20 14.54
CA GLN B 511 15.90 1.58 14.74
C GLN B 511 16.85 1.58 15.93
N PHE B 512 18.15 1.64 15.64
CA PHE B 512 19.17 1.45 16.66
C PHE B 512 19.36 2.66 17.56
N LEU B 513 18.76 3.81 17.24
CA LEU B 513 18.93 5.00 18.06
C LEU B 513 18.09 4.97 19.33
N PHE B 514 17.24 3.97 19.50
CA PHE B 514 16.30 3.93 20.61
C PHE B 514 16.66 2.82 21.58
N ARG B 515 16.13 2.93 22.79
CA ARG B 515 16.41 2.03 23.89
C ARG B 515 15.10 1.56 24.52
N PRO B 516 15.13 0.46 25.26
CA PRO B 516 13.88 -0.03 25.88
C PRO B 516 13.23 0.98 26.81
N HIS B 517 14.00 1.88 27.43
CA HIS B 517 13.41 2.89 28.30
C HIS B 517 12.90 4.10 27.55
N HIS B 518 13.02 4.11 26.21
CA HIS B 518 12.48 5.18 25.39
C HIS B 518 11.08 4.86 24.85
N ILE B 519 10.48 3.75 25.28
CA ILE B 519 9.16 3.38 24.79
C ILE B 519 8.14 4.45 25.17
N GLN B 520 7.21 4.72 24.25
CA GLN B 520 6.13 5.69 24.40
C GLN B 520 6.64 7.13 24.47
N LYS B 521 7.85 7.37 23.99
CA LYS B 521 8.37 8.72 23.84
C LYS B 521 8.39 9.11 22.37
N PRO B 522 8.35 10.41 22.07
CA PRO B 522 8.34 10.83 20.67
C PRO B 522 9.59 10.37 19.93
N LYS B 523 9.39 9.95 18.68
CA LYS B 523 10.51 9.47 17.88
C LYS B 523 11.48 10.60 17.55
N SER B 524 10.94 11.75 17.12
CA SER B 524 11.80 12.85 16.66
C SER B 524 12.66 13.38 17.80
N TYR B 525 12.07 13.60 18.98
CA TYR B 525 12.84 14.14 20.09
C TYR B 525 13.91 13.16 20.55
N THR B 526 13.56 11.88 20.64
CA THR B 526 14.55 10.88 21.06
C THR B 526 15.68 10.77 20.06
N ALA B 527 15.36 10.77 18.77
CA ALA B 527 16.40 10.71 17.75
C ALA B 527 17.30 11.95 17.81
N ALA B 528 16.71 13.13 17.99
CA ALA B 528 17.50 14.35 18.07
C ALA B 528 18.44 14.32 19.27
N ASP B 529 17.95 13.85 20.42
CA ASP B 529 18.80 13.75 21.59
C ASP B 529 19.91 12.73 21.39
N ALA B 530 19.60 11.59 20.77
CA ALA B 530 20.60 10.55 20.58
C ALA B 530 21.66 10.96 19.58
N THR B 531 21.26 11.63 18.50
CA THR B 531 22.20 12.01 17.46
C THR B 531 23.22 13.02 17.99
N LEU B 532 22.78 13.94 18.85
CA LEU B 532 23.70 14.91 19.44
C LEU B 532 24.83 14.22 20.19
N LYS B 533 24.56 13.03 20.76
CA LYS B 533 25.62 12.29 21.45
C LYS B 533 26.71 11.86 20.47
N ILE B 534 26.32 11.43 19.27
CA ILE B 534 27.31 11.01 18.28
C ILE B 534 28.19 12.19 17.87
N ASN B 535 27.58 13.34 17.60
CA ASN B 535 28.32 14.53 17.17
C ASN B 535 27.75 15.72 17.93
N SER B 536 28.55 16.29 18.83
CA SER B 536 28.07 17.39 19.66
C SER B 536 27.87 18.67 18.88
N GLN B 537 28.45 18.78 17.69
CA GLN B 537 28.36 19.99 16.89
C GLN B 537 27.12 20.03 16.01
N ILE B 538 26.30 18.98 16.01
CA ILE B 538 25.13 18.94 15.16
C ILE B 538 24.11 19.98 15.62
N LYS B 539 23.25 20.39 14.70
CA LYS B 539 22.16 21.33 14.99
C LYS B 539 20.88 20.76 14.38
N ILE B 540 20.04 20.18 15.22
CA ILE B 540 18.86 19.46 14.79
C ILE B 540 17.62 20.09 15.43
N ASP B 541 16.59 20.28 14.62
CA ASP B 541 15.29 20.72 15.08
C ASP B 541 14.29 19.59 14.84
N ALA B 542 13.61 19.17 15.89
CA ALA B 542 12.67 18.06 15.83
C ALA B 542 11.24 18.59 15.95
N HIS B 543 10.38 18.15 15.04
CA HIS B 543 8.98 18.51 15.05
C HIS B 543 8.12 17.26 15.19
N LEU B 544 7.02 17.41 15.92
CA LEU B 544 6.07 16.31 16.09
C LEU B 544 4.94 16.36 15.07
N ASN B 545 4.95 17.33 14.17
CA ASN B 545 3.89 17.49 13.21
C ASN B 545 3.99 16.45 12.09
N LYS B 546 2.83 16.02 11.61
CA LYS B 546 2.78 15.18 10.42
C LYS B 546 3.13 16.04 9.20
N VAL B 547 3.15 15.39 8.03
CA VAL B 547 3.34 16.08 6.75
C VAL B 547 2.13 15.77 5.89
N CYS B 548 1.26 16.76 5.72
CA CYS B 548 -0.02 16.58 5.04
C CYS B 548 -0.57 17.95 4.65
N PRO B 549 -1.58 18.02 3.78
CA PRO B 549 -2.13 19.34 3.41
C PRO B 549 -2.65 20.14 4.59
N THR B 550 -3.15 19.47 5.63
CA THR B 550 -3.69 20.20 6.78
C THR B 550 -2.61 20.95 7.56
N THR B 551 -1.34 20.53 7.44
CA THR B 551 -0.25 21.17 8.16
C THR B 551 0.65 21.97 7.24
N GLU B 552 0.16 22.34 6.05
CA GLU B 552 0.97 23.14 5.14
C GLU B 552 1.16 24.57 5.62
N THR B 553 0.40 25.00 6.62
CA THR B 553 0.53 26.38 7.11
C THR B 553 1.89 26.64 7.73
N ILE B 554 2.52 25.61 8.30
CA ILE B 554 3.84 25.78 8.92
C ILE B 554 4.95 25.49 7.92
N TYR B 555 4.77 24.48 7.06
CA TYR B 555 5.76 24.16 6.03
C TYR B 555 5.40 24.87 4.72
N ASN B 556 5.41 26.19 4.80
CA ASN B 556 5.02 27.02 3.66
C ASN B 556 6.10 27.00 2.58
N ASP B 557 5.85 27.75 1.51
CA ASP B 557 6.80 27.81 0.40
C ASP B 557 8.13 28.40 0.84
N GLU B 558 8.10 29.38 1.74
CA GLU B 558 9.33 29.97 2.23
C GLU B 558 10.18 28.93 2.95
N PHE B 559 9.54 28.05 3.72
CA PHE B 559 10.28 27.01 4.42
C PHE B 559 11.00 26.09 3.45
N TYR B 560 10.31 25.67 2.38
CA TYR B 560 10.95 24.81 1.38
C TYR B 560 12.05 25.55 0.65
N THR B 561 11.85 26.84 0.38
CA THR B 561 12.91 27.63 -0.24
C THR B 561 14.14 27.69 0.65
N LYS B 562 13.93 27.80 1.96
CA LYS B 562 15.06 27.81 2.89
C LYS B 562 15.84 26.51 2.82
N GLN B 563 15.16 25.39 2.67
CA GLN B 563 15.82 24.09 2.60
C GLN B 563 16.60 23.96 1.30
N ASP B 564 17.53 23.00 1.29
CA ASP B 564 18.36 22.73 0.13
C ASP B 564 18.20 21.32 -0.42
N VAL B 565 17.71 20.37 0.37
CA VAL B 565 17.46 19.02 -0.10
C VAL B 565 16.48 18.36 0.86
N ILE B 566 15.52 17.63 0.31
CA ILE B 566 14.48 16.97 1.09
C ILE B 566 14.65 15.47 0.93
N ILE B 567 14.70 14.76 2.06
CA ILE B 567 14.85 13.30 2.07
C ILE B 567 13.63 12.71 2.74
N THR B 568 13.02 11.71 2.10
CA THR B 568 11.83 11.07 2.60
C THR B 568 12.16 9.69 3.14
N ALA B 569 11.65 9.39 4.33
CA ALA B 569 11.76 8.08 4.96
C ALA B 569 10.36 7.55 5.27
N LEU B 570 9.42 7.81 4.38
CA LEU B 570 8.03 7.49 4.60
C LEU B 570 7.77 6.00 4.40
N ASP B 571 6.52 5.60 4.62
CA ASP B 571 6.12 4.21 4.45
C ASP B 571 4.86 4.04 3.63
N ASN B 572 4.25 5.13 3.15
CA ASN B 572 3.04 5.07 2.34
C ASN B 572 3.19 5.96 1.12
N VAL B 573 2.40 5.66 0.09
CA VAL B 573 2.59 6.31 -1.19
C VAL B 573 1.95 7.69 -1.23
N GLU B 574 0.84 7.90 -0.53
CA GLU B 574 0.16 9.20 -0.60
C GLU B 574 1.03 10.31 -0.01
N ALA B 575 1.71 10.04 1.10
CA ALA B 575 2.61 11.04 1.67
C ALA B 575 3.77 11.31 0.74
N ARG B 576 4.30 10.27 0.08
CA ARG B 576 5.37 10.47 -0.88
C ARG B 576 4.91 11.37 -2.03
N ARG B 577 3.70 11.13 -2.55
CA ARG B 577 3.20 11.96 -3.63
C ARG B 577 2.98 13.40 -3.17
N TYR B 578 2.46 13.59 -1.96
CA TYR B 578 2.28 14.94 -1.45
C TYR B 578 3.60 15.67 -1.30
N VAL B 579 4.61 14.99 -0.77
CA VAL B 579 5.92 15.63 -0.61
C VAL B 579 6.52 15.95 -1.97
N ASP B 580 6.39 15.04 -2.92
CA ASP B 580 6.93 15.29 -4.26
C ASP B 580 6.23 16.48 -4.91
N SER B 581 4.91 16.57 -4.79
CA SER B 581 4.18 17.69 -5.37
C SER B 581 4.59 18.99 -4.70
N ARG B 582 4.82 18.97 -3.39
CA ARG B 582 5.29 20.16 -2.70
C ARG B 582 6.68 20.56 -3.19
N CYS B 583 7.56 19.58 -3.42
CA CYS B 583 8.89 19.89 -3.90
C CYS B 583 8.87 20.44 -5.32
N LEU B 584 7.95 19.96 -6.17
CA LEU B 584 7.88 20.45 -7.54
C LEU B 584 7.54 21.93 -7.58
N ALA B 585 6.64 22.38 -6.71
CA ALA B 585 6.24 23.77 -6.70
C ALA B 585 7.32 24.70 -6.18
N ASN B 586 8.38 24.16 -5.58
CA ASN B 586 9.46 24.97 -5.05
C ASN B 586 10.81 24.69 -5.68
N LEU B 587 10.90 23.71 -6.59
CA LEU B 587 12.13 23.37 -7.31
C LEU B 587 13.25 23.00 -6.33
N ARG B 588 13.01 21.94 -5.57
CA ARG B 588 13.98 21.47 -4.59
C ARG B 588 14.28 20.00 -4.80
N PRO B 589 15.54 19.60 -4.67
CA PRO B 589 15.89 18.19 -4.86
C PRO B 589 15.22 17.30 -3.84
N LEU B 590 14.87 16.10 -4.28
CA LEU B 590 14.19 15.12 -3.43
C LEU B 590 14.86 13.77 -3.55
N LEU B 591 15.09 13.13 -2.42
CA LEU B 591 15.64 11.78 -2.38
C LEU B 591 14.63 10.87 -1.71
N ASP B 592 14.26 9.78 -2.38
CA ASP B 592 13.26 8.85 -1.89
C ASP B 592 13.86 7.47 -1.73
N SER B 593 13.38 6.75 -0.72
CA SER B 593 13.85 5.39 -0.47
C SER B 593 12.73 4.59 0.17
N GLY B 594 12.82 3.27 0.02
CA GLY B 594 11.83 2.37 0.57
C GLY B 594 12.27 0.93 0.52
N THR B 595 12.00 0.17 1.58
CA THR B 595 12.41 -1.22 1.69
C THR B 595 11.20 -2.08 2.01
N MET B 596 11.10 -3.22 1.33
CA MET B 596 10.07 -4.22 1.61
C MET B 596 10.78 -5.56 1.81
N GLY B 597 10.99 -5.93 3.06
CA GLY B 597 11.71 -7.17 3.34
C GLY B 597 13.14 -7.06 2.88
N THR B 598 13.56 -7.98 2.03
CA THR B 598 14.92 -7.98 1.49
C THR B 598 15.06 -7.11 0.25
N LYS B 599 13.98 -6.48 -0.21
CA LYS B 599 14.01 -5.62 -1.37
C LYS B 599 14.10 -4.16 -0.94
N GLY B 600 14.69 -3.34 -1.81
CA GLY B 600 14.82 -1.92 -1.54
C GLY B 600 15.04 -1.16 -2.82
N HIS B 601 14.78 0.14 -2.76
CA HIS B 601 14.92 0.99 -3.92
C HIS B 601 15.18 2.42 -3.47
N THR B 602 15.94 3.15 -4.29
CA THR B 602 16.22 4.55 -4.07
C THR B 602 15.96 5.32 -5.36
N GLU B 603 15.48 6.55 -5.23
CA GLU B 603 15.22 7.40 -6.37
C GLU B 603 15.78 8.79 -6.10
N VAL B 604 16.38 9.39 -7.14
CA VAL B 604 16.98 10.71 -7.04
C VAL B 604 16.22 11.65 -7.96
N ILE B 605 15.74 12.75 -7.41
CA ILE B 605 14.98 13.76 -8.16
C ILE B 605 15.74 15.08 -8.06
N VAL B 606 16.08 15.66 -9.21
CA VAL B 606 16.82 16.90 -9.28
C VAL B 606 16.02 17.88 -10.12
N PRO B 607 15.84 19.12 -9.68
CA PRO B 607 15.10 20.09 -10.49
C PRO B 607 15.75 20.31 -11.84
N HIS B 608 14.90 20.43 -12.86
CA HIS B 608 15.28 20.73 -14.24
C HIS B 608 16.10 19.64 -14.89
N LEU B 609 16.29 18.50 -14.23
CA LEU B 609 17.10 17.43 -14.80
C LEU B 609 16.36 16.10 -14.94
N THR B 610 15.59 15.70 -13.94
CA THR B 610 14.97 14.39 -13.93
C THR B 610 13.46 14.51 -13.76
N GLU B 611 12.78 13.39 -13.97
CA GLU B 611 11.35 13.32 -13.75
C GLU B 611 11.06 13.24 -12.25
N SER B 612 9.79 13.46 -11.90
CA SER B 612 9.36 13.47 -10.51
C SER B 612 8.76 12.13 -10.12
N TYR B 613 8.46 12.00 -8.83
CA TYR B 613 7.83 10.79 -8.33
C TYR B 613 6.45 10.59 -8.93
N ASN B 614 5.67 11.67 -9.05
CA ASN B 614 4.33 11.58 -9.62
C ASN B 614 4.35 11.18 -11.09
N SER B 615 5.49 11.33 -11.77
CA SER B 615 5.58 10.89 -13.15
C SER B 615 5.41 9.39 -13.30
N HIS B 616 5.69 8.62 -12.24
CA HIS B 616 5.49 7.18 -12.29
C HIS B 616 4.02 6.84 -12.43
N ARG B 617 3.73 5.82 -13.22
CA ARG B 617 2.38 5.28 -13.40
C ARG B 617 2.50 3.77 -13.23
N ASP B 618 2.35 3.31 -12.00
CA ASP B 618 2.33 1.89 -11.72
C ASP B 618 1.02 1.28 -12.20
N PRO B 619 1.05 0.02 -12.65
CA PRO B 619 -0.20 -0.63 -13.02
C PRO B 619 -1.09 -0.80 -11.80
N PRO B 620 -2.41 -0.71 -11.97
CA PRO B 620 -3.31 -0.92 -10.84
C PRO B 620 -3.18 -2.34 -10.29
N GLU B 621 -3.30 -2.45 -8.97
CA GLU B 621 -3.15 -3.73 -8.30
C GLU B 621 -4.45 -4.52 -8.36
N GLU B 622 -4.32 -5.84 -8.44
CA GLU B 622 -5.49 -6.70 -8.38
C GLU B 622 -6.14 -6.59 -7.01
N GLU B 623 -7.47 -6.50 -7.02
CA GLU B 623 -8.25 -6.40 -5.80
C GLU B 623 -9.34 -7.46 -5.81
N ILE B 624 -9.64 -8.02 -4.65
CA ILE B 624 -10.66 -9.06 -4.56
C ILE B 624 -12.02 -8.46 -4.85
N PRO B 625 -12.78 -9.03 -5.79
CA PRO B 625 -14.13 -8.51 -6.06
C PRO B 625 -15.07 -8.80 -4.89
N PHE B 626 -16.23 -8.15 -4.94
CA PHE B 626 -17.20 -8.30 -3.87
C PHE B 626 -17.69 -9.74 -3.75
N SER B 627 -17.92 -10.40 -4.89
CA SER B 627 -18.40 -11.78 -4.86
C SER B 627 -17.39 -12.71 -4.20
N THR B 628 -16.10 -12.55 -4.53
CA THR B 628 -15.08 -13.40 -3.96
C THR B 628 -14.99 -13.23 -2.45
N LEU B 629 -15.00 -11.98 -1.98
CA LEU B 629 -14.84 -11.74 -0.55
C LEU B 629 -16.08 -12.14 0.22
N LYS B 630 -17.26 -11.78 -0.27
CA LYS B 630 -18.49 -11.96 0.50
C LYS B 630 -18.92 -13.42 0.54
N SER B 631 -18.86 -14.12 -0.59
CA SER B 631 -19.50 -15.43 -0.71
C SER B 631 -18.63 -16.52 -1.31
N PHE B 632 -17.60 -16.19 -2.10
CA PHE B 632 -16.84 -17.19 -2.83
C PHE B 632 -15.35 -17.00 -2.59
N PRO B 633 -14.88 -17.29 -1.38
CA PRO B 633 -13.43 -17.23 -1.14
C PRO B 633 -12.71 -18.42 -1.74
N ALA B 634 -11.43 -18.21 -2.04
CA ALA B 634 -10.59 -19.25 -2.61
C ALA B 634 -9.24 -19.42 -1.93
N ALA B 635 -8.75 -18.41 -1.22
CA ALA B 635 -7.47 -18.48 -0.53
C ALA B 635 -7.64 -17.95 0.89
N ILE B 636 -6.63 -18.22 1.72
CA ILE B 636 -6.71 -17.81 3.12
C ILE B 636 -6.74 -16.29 3.26
N GLU B 637 -6.18 -15.58 2.29
CA GLU B 637 -6.20 -14.11 2.35
C GLU B 637 -7.62 -13.58 2.30
N HIS B 638 -8.48 -14.21 1.50
CA HIS B 638 -9.87 -13.76 1.42
C HIS B 638 -10.57 -13.91 2.76
N THR B 639 -10.39 -15.04 3.43
CA THR B 639 -11.04 -15.24 4.72
C THR B 639 -10.45 -14.29 5.77
N ILE B 640 -9.14 -14.02 5.71
CA ILE B 640 -8.55 -13.08 6.64
C ILE B 640 -9.14 -11.68 6.44
N GLN B 641 -9.26 -11.24 5.19
CA GLN B 641 -9.84 -9.93 4.92
C GLN B 641 -11.30 -9.88 5.34
N TRP B 642 -12.03 -10.98 5.15
CA TRP B 642 -13.41 -11.04 5.61
C TRP B 642 -13.49 -10.93 7.12
N ALA B 643 -12.58 -11.60 7.84
CA ALA B 643 -12.56 -11.48 9.28
C ALA B 643 -12.24 -10.05 9.71
N ARG B 644 -11.28 -9.41 9.04
CA ARG B 644 -10.89 -8.05 9.37
C ARG B 644 -12.04 -7.07 9.20
N ASP B 645 -12.70 -7.09 8.03
CA ASP B 645 -13.78 -6.14 7.85
C ASP B 645 -15.04 -6.56 8.60
N LYS B 646 -15.19 -7.83 8.97
CA LYS B 646 -16.27 -8.20 9.88
C LYS B 646 -16.02 -7.61 11.27
N PHE B 647 -14.78 -7.67 11.75
CA PHE B 647 -14.43 -7.01 13.00
C PHE B 647 -14.70 -5.52 12.92
N GLU B 648 -14.33 -4.92 11.80
CA GLU B 648 -14.61 -3.50 11.58
C GLU B 648 -16.10 -3.20 11.70
N SER B 649 -16.93 -3.92 10.93
CA SER B 649 -18.36 -3.68 10.97
C SER B 649 -18.95 -3.95 12.35
N SER B 650 -18.43 -4.96 13.04
CA SER B 650 -19.05 -5.40 14.29
C SER B 650 -18.70 -4.49 15.46
N PHE B 651 -17.48 -3.94 15.50
CA PHE B 651 -17.04 -3.24 16.69
C PHE B 651 -16.55 -1.81 16.45
N SER B 652 -16.51 -1.35 15.20
CA SER B 652 -16.10 0.03 14.92
C SER B 652 -17.16 0.82 14.18
N HIS B 653 -17.68 0.29 13.06
CA HIS B 653 -18.61 1.05 12.24
C HIS B 653 -19.98 1.16 12.91
N LYS B 654 -20.59 0.02 13.22
CA LYS B 654 -21.92 0.04 13.81
C LYS B 654 -21.99 0.74 15.16
N PRO B 655 -21.06 0.55 16.10
CA PRO B 655 -21.11 1.37 17.33
C PRO B 655 -21.04 2.86 17.05
N SER B 656 -20.24 3.28 16.07
CA SER B 656 -20.19 4.69 15.71
C SER B 656 -21.53 5.16 15.18
N LEU B 657 -22.18 4.35 14.33
CA LEU B 657 -23.50 4.71 13.83
C LEU B 657 -24.50 4.82 14.98
N PHE B 658 -24.44 3.90 15.93
CA PHE B 658 -25.32 3.92 17.09
C PHE B 658 -25.14 5.21 17.87
N ASN B 659 -23.89 5.56 18.18
CA ASN B 659 -23.61 6.77 18.94
C ASN B 659 -24.08 8.01 18.20
N LYS B 660 -23.79 8.08 16.89
CA LYS B 660 -24.21 9.25 16.12
C LYS B 660 -25.73 9.37 16.09
N PHE B 661 -26.44 8.27 15.86
CA PHE B 661 -27.89 8.33 15.79
C PHE B 661 -28.48 8.78 17.11
N TRP B 662 -27.97 8.24 18.23
CA TRP B 662 -28.58 8.59 19.50
C TRP B 662 -28.18 9.97 19.99
N GLN B 663 -27.00 10.46 19.61
CA GLN B 663 -26.65 11.83 19.94
C GLN B 663 -27.34 12.85 19.04
N THR B 664 -27.78 12.43 17.85
CA THR B 664 -28.54 13.33 16.99
C THR B 664 -29.96 13.53 17.53
N TYR B 665 -30.56 12.46 18.05
CA TYR B 665 -31.90 12.50 18.62
C TYR B 665 -31.80 12.06 20.08
N SER B 666 -31.74 13.03 20.98
CA SER B 666 -31.49 12.72 22.39
C SER B 666 -32.62 11.90 23.01
N SER B 667 -33.86 12.20 22.66
CA SER B 667 -35.02 11.58 23.28
C SER B 667 -35.48 10.39 22.45
N ALA B 668 -35.36 9.19 23.01
CA ALA B 668 -35.88 8.00 22.35
C ALA B 668 -37.39 8.08 22.21
N GLU B 669 -38.08 8.67 23.19
CA GLU B 669 -39.52 8.86 23.07
C GLU B 669 -39.84 9.78 21.90
N GLU B 670 -39.02 10.79 21.66
CA GLU B 670 -39.20 11.64 20.49
C GLU B 670 -39.02 10.84 19.20
N VAL B 671 -38.06 9.91 19.19
CA VAL B 671 -37.87 9.05 18.02
C VAL B 671 -39.12 8.19 17.80
N LEU B 672 -39.67 7.65 18.88
CA LEU B 672 -40.90 6.87 18.76
C LEU B 672 -42.04 7.71 18.21
N GLN B 673 -42.17 8.95 18.70
CA GLN B 673 -43.21 9.85 18.21
C GLN B 673 -43.04 10.13 16.72
N LYS B 674 -41.79 10.37 16.29
CA LYS B 674 -41.53 10.65 14.88
C LYS B 674 -41.85 9.43 14.02
N ILE B 675 -41.52 8.23 14.51
CA ILE B 675 -41.84 7.01 13.78
C ILE B 675 -43.35 6.86 13.66
N GLN B 676 -44.07 7.12 14.76
CA GLN B 676 -45.53 7.03 14.74
C GLN B 676 -46.16 8.04 13.79
N SER B 677 -45.46 9.14 13.48
CA SER B 677 -45.94 10.13 12.53
C SER B 677 -45.35 9.93 11.13
N GLY B 678 -44.69 8.80 10.89
CA GLY B 678 -44.21 8.47 9.56
C GLY B 678 -42.92 9.12 9.13
N HIS B 679 -42.18 9.72 10.06
CA HIS B 679 -40.92 10.36 9.72
C HIS B 679 -39.83 9.31 9.52
N SER B 680 -39.23 9.30 8.33
CA SER B 680 -38.13 8.38 8.05
C SER B 680 -36.84 8.93 8.63
N LEU B 681 -36.01 8.02 9.14
CA LEU B 681 -34.72 8.37 9.73
C LEU B 681 -33.65 7.45 9.17
N GLU B 682 -32.41 7.96 9.12
CA GLU B 682 -31.31 7.22 8.51
C GLU B 682 -30.85 6.10 9.43
N GLY B 683 -31.00 4.86 8.98
CA GLY B 683 -30.60 3.72 9.77
C GLY B 683 -31.39 3.53 11.04
N CYS B 684 -32.61 4.08 11.11
CA CYS B 684 -33.40 3.95 12.33
C CYS B 684 -33.75 2.50 12.62
N PHE B 685 -34.11 1.74 11.59
CA PHE B 685 -34.43 0.33 11.80
C PHE B 685 -33.22 -0.45 12.30
N GLN B 686 -32.05 -0.20 11.71
CA GLN B 686 -30.84 -0.90 12.13
C GLN B 686 -30.50 -0.58 13.59
N VAL B 687 -30.55 0.70 13.96
CA VAL B 687 -30.21 1.09 15.31
C VAL B 687 -31.22 0.53 16.31
N ILE B 688 -32.52 0.62 15.98
CA ILE B 688 -33.53 0.12 16.90
C ILE B 688 -33.43 -1.39 17.03
N LYS B 689 -32.99 -2.08 15.97
CA LYS B 689 -32.71 -3.51 16.10
C LYS B 689 -31.52 -3.76 17.01
N LEU B 690 -30.50 -2.91 16.92
CA LEU B 690 -29.34 -3.04 17.80
C LEU B 690 -29.75 -2.86 19.27
N LEU B 691 -30.64 -1.92 19.54
CA LEU B 691 -31.06 -1.66 20.91
C LEU B 691 -31.77 -2.85 21.51
N SER B 692 -32.62 -3.52 20.73
CA SER B 692 -33.41 -4.64 21.26
C SER B 692 -32.52 -5.83 21.62
N ARG B 693 -31.39 -6.00 20.94
CA ARG B 693 -30.49 -7.11 21.20
C ARG B 693 -29.33 -6.75 22.11
N ARG B 694 -29.39 -5.58 22.75
CA ARG B 694 -28.30 -5.17 23.63
C ARG B 694 -28.22 -6.10 24.82
N PRO B 695 -27.07 -6.74 25.06
CA PRO B 695 -26.94 -7.63 26.21
C PRO B 695 -26.89 -6.86 27.52
N ARG B 696 -27.26 -7.55 28.60
CA ARG B 696 -27.31 -6.94 29.92
C ARG B 696 -26.29 -7.49 30.90
N ASN B 697 -25.71 -8.65 30.62
CA ASN B 697 -24.73 -9.25 31.52
C ASN B 697 -23.86 -10.22 30.70
N TRP B 698 -22.94 -10.89 31.40
CA TRP B 698 -21.96 -11.74 30.73
C TRP B 698 -22.63 -12.92 30.03
N SER B 699 -23.65 -13.51 30.66
CA SER B 699 -24.32 -14.67 30.08
C SER B 699 -24.96 -14.32 28.74
N GLN B 700 -25.59 -13.14 28.66
CA GLN B 700 -26.17 -12.72 27.39
C GLN B 700 -25.08 -12.46 26.35
N CYS B 701 -23.91 -11.99 26.77
CA CYS B 701 -22.81 -11.86 25.82
C CYS B 701 -22.35 -13.20 25.28
N VAL B 702 -22.28 -14.22 26.14
CA VAL B 702 -21.93 -15.55 25.67
C VAL B 702 -22.98 -16.08 24.70
N GLU B 703 -24.26 -15.87 25.03
CA GLU B 703 -25.32 -16.29 24.11
C GLU B 703 -25.22 -15.58 22.77
N LEU B 704 -24.91 -14.28 22.79
CA LEU B 704 -24.74 -13.53 21.56
C LEU B 704 -23.58 -14.07 20.75
N ALA B 705 -22.48 -14.42 21.41
CA ALA B 705 -21.35 -15.01 20.72
C ALA B 705 -21.73 -16.34 20.07
N ARG B 706 -22.49 -17.17 20.78
CA ARG B 706 -22.96 -18.42 20.19
C ARG B 706 -23.84 -18.17 18.98
N LEU B 707 -24.75 -17.21 19.09
CA LEU B 707 -25.64 -16.90 17.97
C LEU B 707 -24.85 -16.39 16.77
N LYS B 708 -23.85 -15.55 17.01
CA LYS B 708 -23.04 -15.04 15.91
C LYS B 708 -22.24 -16.16 15.27
N PHE B 709 -21.70 -17.08 16.07
CA PHE B 709 -21.00 -18.23 15.52
C PHE B 709 -21.92 -19.06 14.63
N GLU B 710 -23.13 -19.33 15.12
CA GLU B 710 -24.07 -20.12 14.34
C GLU B 710 -24.44 -19.40 13.06
N LYS B 711 -24.71 -18.10 13.15
CA LYS B 711 -25.06 -17.32 11.97
C LYS B 711 -23.94 -17.30 10.96
N TYR B 712 -22.69 -17.19 11.43
CA TYR B 712 -21.55 -17.04 10.55
C TYR B 712 -21.18 -18.34 9.85
N PHE B 713 -21.22 -19.46 10.56
CA PHE B 713 -20.61 -20.67 10.05
C PHE B 713 -21.58 -21.84 9.89
N ASN B 714 -22.85 -21.68 10.22
CA ASN B 714 -23.82 -22.73 9.94
C ASN B 714 -24.94 -22.24 9.05
N HIS B 715 -25.54 -21.09 9.37
CA HIS B 715 -26.66 -20.59 8.58
C HIS B 715 -26.21 -20.11 7.21
N LYS B 716 -25.03 -19.48 7.13
CA LYS B 716 -24.57 -18.93 5.87
C LYS B 716 -24.34 -20.04 4.84
N ALA B 717 -23.67 -21.11 5.25
CA ALA B 717 -23.41 -22.21 4.33
C ALA B 717 -24.71 -22.86 3.88
N LEU B 718 -25.64 -23.08 4.82
CA LEU B 718 -26.91 -23.70 4.47
C LEU B 718 -27.68 -22.85 3.46
N GLN B 719 -27.75 -21.54 3.71
CA GLN B 719 -28.50 -20.68 2.80
C GLN B 719 -27.81 -20.54 1.45
N LEU B 720 -26.47 -20.56 1.43
CA LEU B 720 -25.77 -20.48 0.16
C LEU B 720 -25.97 -21.75 -0.66
N LEU B 721 -25.93 -22.92 -0.02
CA LEU B 721 -26.23 -24.15 -0.73
C LEU B 721 -27.69 -24.20 -1.17
N HIS B 722 -28.60 -23.62 -0.38
CA HIS B 722 -30.00 -23.55 -0.81
C HIS B 722 -30.14 -22.69 -2.05
N CYS B 723 -29.45 -21.55 -2.09
CA CYS B 723 -29.51 -20.71 -3.29
C CYS B 723 -28.88 -21.39 -4.50
N PHE B 724 -27.73 -22.03 -4.31
CA PHE B 724 -27.04 -22.73 -5.38
C PHE B 724 -26.78 -24.17 -4.95
N PRO B 725 -27.69 -25.09 -5.29
CA PRO B 725 -27.44 -26.50 -4.97
C PRO B 725 -26.17 -27.00 -5.62
N LEU B 726 -25.51 -27.94 -4.93
CA LEU B 726 -24.19 -28.39 -5.34
C LEU B 726 -24.20 -29.03 -6.72
N ASP B 727 -25.35 -29.56 -7.15
CA ASP B 727 -25.42 -30.35 -8.37
C ASP B 727 -25.93 -29.57 -9.57
N ILE B 728 -26.13 -28.25 -9.45
CA ILE B 728 -26.62 -27.47 -10.58
C ILE B 728 -25.56 -27.41 -11.66
N ARG B 729 -26.00 -27.37 -12.91
CA ARG B 729 -25.14 -27.33 -14.07
C ARG B 729 -25.34 -26.02 -14.82
N LEU B 730 -24.34 -25.65 -15.62
CA LEU B 730 -24.39 -24.46 -16.45
C LEU B 730 -24.55 -24.86 -17.92
N LYS B 731 -24.67 -23.85 -18.78
CA LYS B 731 -24.90 -24.12 -20.20
C LYS B 731 -23.72 -24.87 -20.83
N ASP B 732 -22.50 -24.48 -20.45
CA ASP B 732 -21.32 -25.20 -20.93
C ASP B 732 -21.19 -26.59 -20.34
N GLY B 733 -22.01 -26.94 -19.35
CA GLY B 733 -21.93 -28.21 -18.69
C GLY B 733 -21.04 -28.23 -17.47
N SER B 734 -20.28 -27.17 -17.22
CA SER B 734 -19.44 -27.11 -16.03
C SER B 734 -20.29 -26.87 -14.80
N LEU B 735 -19.89 -27.48 -13.68
CA LEU B 735 -20.58 -27.26 -12.43
C LEU B 735 -20.37 -25.83 -11.95
N PHE B 736 -21.40 -25.28 -11.31
CA PHE B 736 -21.30 -23.91 -10.83
C PHE B 736 -20.24 -23.77 -9.74
N TRP B 737 -20.00 -24.83 -8.97
CA TRP B 737 -18.99 -24.83 -7.93
C TRP B 737 -17.62 -25.25 -8.42
N GLN B 738 -17.34 -25.06 -9.71
CA GLN B 738 -16.02 -25.33 -10.25
C GLN B 738 -15.01 -24.33 -9.68
N SER B 739 -13.74 -24.68 -9.80
CA SER B 739 -12.68 -23.81 -9.33
C SER B 739 -12.74 -22.48 -10.09
N PRO B 740 -12.41 -21.36 -9.42
CA PRO B 740 -11.88 -21.23 -8.05
C PRO B 740 -12.96 -21.22 -6.98
N LYS B 741 -14.24 -21.33 -7.32
CA LYS B 741 -15.28 -21.39 -6.32
C LYS B 741 -15.20 -22.72 -5.56
N ARG B 742 -15.42 -22.64 -4.25
CA ARG B 742 -15.35 -23.81 -3.38
C ARG B 742 -16.67 -23.97 -2.63
N PRO B 743 -17.22 -25.18 -2.60
CA PRO B 743 -18.51 -25.37 -1.93
C PRO B 743 -18.37 -25.30 -0.42
N PRO B 744 -19.27 -24.59 0.25
CA PRO B 744 -19.18 -24.50 1.72
C PRO B 744 -19.63 -25.77 2.41
N SER B 745 -19.54 -25.80 3.72
CA SER B 745 -20.03 -26.92 4.51
C SER B 745 -20.32 -26.44 5.93
N PRO B 746 -21.51 -26.71 6.46
CA PRO B 746 -21.83 -26.22 7.81
C PRO B 746 -20.92 -26.81 8.87
N ILE B 747 -20.57 -25.99 9.86
CA ILE B 747 -19.74 -26.40 10.99
C ILE B 747 -20.61 -26.32 12.23
N LYS B 748 -20.93 -27.47 12.81
CA LYS B 748 -21.70 -27.48 14.04
C LYS B 748 -20.82 -27.11 15.22
N PHE B 749 -21.38 -26.32 16.14
CA PHE B 749 -20.62 -25.85 17.28
C PHE B 749 -20.22 -27.02 18.17
N ASP B 750 -19.02 -26.93 18.74
CA ASP B 750 -18.54 -27.93 19.68
C ASP B 750 -17.55 -27.24 20.61
N LEU B 751 -17.94 -27.07 21.87
CA LEU B 751 -17.08 -26.36 22.81
C LEU B 751 -15.75 -27.07 23.04
N ASN B 752 -15.72 -28.39 22.86
CA ASN B 752 -14.49 -29.14 23.07
C ASN B 752 -13.43 -28.78 22.03
N GLU B 753 -13.84 -28.33 20.85
CA GLU B 753 -12.88 -27.94 19.84
C GLU B 753 -12.11 -26.71 20.30
N PRO B 754 -10.78 -26.72 20.26
CA PRO B 754 -10.03 -25.53 20.70
C PRO B 754 -10.35 -24.29 19.90
N LEU B 755 -10.53 -24.43 18.59
CA LEU B 755 -10.81 -23.26 17.76
C LEU B 755 -12.16 -22.65 18.09
N HIS B 756 -13.18 -23.49 18.27
CA HIS B 756 -14.51 -22.98 18.61
C HIS B 756 -14.48 -22.24 19.93
N LEU B 757 -13.80 -22.81 20.93
CA LEU B 757 -13.71 -22.17 22.24
C LEU B 757 -12.93 -20.86 22.16
N SER B 758 -11.86 -20.83 21.38
CA SER B 758 -11.10 -19.59 21.23
C SER B 758 -11.96 -18.49 20.60
N PHE B 759 -12.69 -18.84 19.54
CA PHE B 759 -13.57 -17.86 18.91
C PHE B 759 -14.65 -17.39 19.88
N LEU B 760 -15.23 -18.32 20.63
CA LEU B 760 -16.28 -17.94 21.57
C LEU B 760 -15.75 -16.98 22.62
N GLN B 761 -14.58 -17.29 23.18
CA GLN B 761 -13.98 -16.43 24.20
C GLN B 761 -13.68 -15.04 23.65
N ASN B 762 -13.05 -14.98 22.47
CA ASN B 762 -12.68 -13.68 21.93
C ASN B 762 -13.91 -12.85 21.56
N ALA B 763 -14.90 -13.48 20.94
CA ALA B 763 -16.13 -12.76 20.59
C ALA B 763 -16.85 -12.27 21.83
N ALA B 764 -16.92 -13.11 22.86
CA ALA B 764 -17.57 -12.70 24.10
C ALA B 764 -16.85 -11.53 24.75
N LYS B 765 -15.51 -11.58 24.77
CA LYS B 765 -14.75 -10.47 25.35
C LYS B 765 -14.98 -9.18 24.57
N LEU B 766 -14.95 -9.26 23.25
CA LEU B 766 -15.13 -8.06 22.45
C LEU B 766 -16.54 -7.49 22.63
N TYR B 767 -17.55 -8.35 22.66
CA TYR B 767 -18.91 -7.86 22.85
C TYR B 767 -19.09 -7.27 24.24
N ALA B 768 -18.49 -7.89 25.25
CA ALA B 768 -18.59 -7.35 26.61
C ALA B 768 -17.93 -5.98 26.70
N THR B 769 -16.76 -5.83 26.06
CA THR B 769 -16.09 -4.53 26.07
C THR B 769 -16.90 -3.49 25.32
N VAL B 770 -17.45 -3.86 24.16
CA VAL B 770 -18.21 -2.90 23.36
C VAL B 770 -19.47 -2.45 24.10
N TYR B 771 -20.19 -3.39 24.70
CA TYR B 771 -21.43 -3.07 25.39
C TYR B 771 -21.22 -2.61 26.82
N CYS B 772 -19.97 -2.51 27.27
CA CYS B 772 -19.64 -1.93 28.58
C CYS B 772 -20.26 -2.72 29.73
N ILE B 773 -19.85 -3.99 29.83
CA ILE B 773 -20.24 -4.81 30.98
C ILE B 773 -18.97 -5.41 31.57
N PRO B 774 -18.93 -5.66 32.87
CA PRO B 774 -17.72 -6.24 33.47
C PRO B 774 -17.66 -7.75 33.31
N PHE B 775 -16.43 -8.27 33.38
CA PHE B 775 -16.20 -9.71 33.33
C PHE B 775 -14.87 -10.00 33.99
N ALA B 776 -14.67 -11.26 34.36
CA ALA B 776 -13.47 -11.69 35.05
C ALA B 776 -12.90 -12.93 34.36
N GLU B 777 -11.68 -13.30 34.78
CA GLU B 777 -10.98 -14.40 34.11
C GLU B 777 -11.69 -15.73 34.31
N GLU B 778 -12.18 -15.99 35.53
CA GLU B 778 -12.90 -17.25 35.75
C GLU B 778 -14.23 -17.28 35.02
N ASP B 779 -14.80 -16.11 34.70
CA ASP B 779 -15.97 -16.07 33.84
C ASP B 779 -15.66 -16.50 32.41
N LEU B 780 -14.39 -16.44 32.02
CA LEU B 780 -13.95 -16.84 30.69
C LEU B 780 -13.53 -18.30 30.63
N SER B 781 -13.50 -19.00 31.76
CA SER B 781 -13.03 -20.37 31.78
C SER B 781 -13.96 -21.28 30.98
N ALA B 782 -13.43 -22.45 30.59
CA ALA B 782 -14.21 -23.39 29.79
C ALA B 782 -15.43 -23.89 30.56
N ASP B 783 -15.25 -24.18 31.86
CA ASP B 783 -16.36 -24.69 32.65
C ASP B 783 -17.47 -23.65 32.79
N ALA B 784 -17.10 -22.40 33.05
CA ALA B 784 -18.10 -21.35 33.17
C ALA B 784 -18.86 -21.16 31.86
N LEU B 785 -18.14 -21.17 30.74
CA LEU B 785 -18.79 -21.06 29.44
C LEU B 785 -19.74 -22.24 29.22
N LEU B 786 -19.31 -23.44 29.60
CA LEU B 786 -20.18 -24.61 29.46
C LEU B 786 -21.45 -24.45 30.27
N ASN B 787 -21.34 -23.95 31.51
CA ASN B 787 -22.52 -23.76 32.34
C ASN B 787 -23.43 -22.66 31.82
N ILE B 788 -22.93 -21.75 30.98
CA ILE B 788 -23.74 -20.62 30.52
C ILE B 788 -24.58 -21.01 29.32
N LEU B 789 -23.93 -21.48 28.25
CA LEU B 789 -24.61 -21.73 26.99
C LEU B 789 -25.26 -23.10 26.92
N SER B 790 -25.14 -23.91 27.97
CA SER B 790 -25.75 -25.24 27.95
C SER B 790 -27.26 -25.17 27.86
N GLU B 791 -27.86 -24.12 28.43
CA GLU B 791 -29.31 -23.97 28.43
C GLU B 791 -29.82 -23.10 27.27
N VAL B 792 -28.93 -22.64 26.39
CA VAL B 792 -29.33 -21.71 25.34
C VAL B 792 -29.91 -22.49 24.17
N LYS B 793 -31.13 -22.12 23.78
CA LYS B 793 -31.74 -22.68 22.58
C LYS B 793 -31.16 -22.03 21.34
N ILE B 794 -31.08 -22.80 20.26
CA ILE B 794 -30.49 -22.35 19.00
C ILE B 794 -31.58 -22.30 17.94
N GLN B 795 -31.69 -21.16 17.27
CA GLN B 795 -32.68 -21.00 16.22
C GLN B 795 -32.39 -21.91 15.04
N GLU B 796 -33.45 -22.45 14.45
CA GLU B 796 -33.32 -23.31 13.27
C GLU B 796 -33.34 -22.48 12.00
N PHE B 797 -32.52 -22.87 11.04
CA PHE B 797 -32.42 -22.14 9.78
C PHE B 797 -33.72 -22.23 9.00
N LYS B 798 -34.05 -21.13 8.29
CA LYS B 798 -35.22 -21.09 7.44
C LYS B 798 -34.86 -20.65 6.02
N ASP B 822 -41.46 -4.23 8.97
CA ASP B 822 -40.28 -3.79 9.71
C ASP B 822 -40.62 -2.64 10.65
N GLU B 823 -41.49 -1.74 10.19
CA GLU B 823 -41.89 -0.60 11.00
C GLU B 823 -42.62 -1.06 12.25
N ARG B 824 -43.53 -2.02 12.12
CA ARG B 824 -44.26 -2.53 13.28
C ARG B 824 -43.33 -3.18 14.28
N ASN B 825 -42.38 -3.99 13.80
CA ASN B 825 -41.42 -4.61 14.70
C ASN B 825 -40.57 -3.55 15.40
N ALA B 826 -40.13 -2.53 14.67
CA ALA B 826 -39.35 -1.46 15.26
C ALA B 826 -40.13 -0.74 16.35
N ILE B 827 -41.40 -0.44 16.08
CA ILE B 827 -42.23 0.23 17.08
C ILE B 827 -42.40 -0.66 18.31
N PHE B 828 -42.64 -1.95 18.09
CA PHE B 828 -42.81 -2.87 19.21
C PHE B 828 -41.55 -2.92 20.07
N GLN B 829 -40.39 -3.05 19.42
CA GLN B 829 -39.14 -3.09 20.17
C GLN B 829 -38.90 -1.80 20.94
N LEU B 830 -39.16 -0.66 20.31
CA LEU B 830 -38.91 0.62 20.97
C LEU B 830 -39.82 0.80 22.17
N GLU B 831 -41.11 0.47 22.03
CA GLU B 831 -42.01 0.63 23.16
C GLU B 831 -41.71 -0.38 24.27
N LYS B 832 -41.30 -1.59 23.91
CA LYS B 832 -40.90 -2.55 24.94
C LYS B 832 -39.67 -2.05 25.70
N ALA B 833 -38.70 -1.48 24.98
CA ALA B 833 -37.51 -0.94 25.63
C ALA B 833 -37.87 0.24 26.54
N ILE B 834 -38.77 1.12 26.07
CA ILE B 834 -39.20 2.24 26.89
C ILE B 834 -39.89 1.75 28.16
N LEU B 835 -40.76 0.75 28.02
CA LEU B 835 -41.43 0.17 29.18
C LEU B 835 -40.43 -0.47 30.14
N SER B 836 -39.44 -1.16 29.60
CA SER B 836 -38.44 -1.86 30.41
C SER B 836 -37.36 -0.93 30.95
N ASN B 837 -37.49 0.38 30.72
CA ASN B 837 -36.55 1.39 31.21
C ASN B 837 -35.14 1.19 30.63
N GLU B 838 -35.04 0.52 29.49
CA GLU B 838 -33.75 0.38 28.81
C GLU B 838 -33.52 1.53 27.83
N ALA B 839 -33.61 2.76 28.36
CA ALA B 839 -33.43 3.95 27.53
C ALA B 839 -32.62 5.03 28.24
N THR B 840 -31.82 4.68 29.26
CA THR B 840 -31.02 5.67 29.94
C THR B 840 -29.89 6.13 29.04
N LYS B 841 -29.21 7.20 29.47
CA LYS B 841 -28.12 7.76 28.68
C LYS B 841 -26.97 6.78 28.53
N SER B 842 -26.83 5.82 29.43
CA SER B 842 -25.83 4.77 29.23
C SER B 842 -26.27 3.78 28.17
N ASP B 843 -27.58 3.53 28.06
CA ASP B 843 -28.07 2.60 27.05
C ASP B 843 -27.92 3.17 25.64
N LEU B 844 -28.09 4.48 25.50
CA LEU B 844 -28.01 5.12 24.19
C LEU B 844 -26.58 5.36 23.74
N GLN B 845 -25.59 4.88 24.49
CA GLN B 845 -24.19 5.02 24.11
C GLN B 845 -23.55 3.64 24.11
N MET B 846 -22.56 3.47 23.23
CA MET B 846 -21.88 2.20 23.07
C MET B 846 -20.41 2.44 22.77
N ALA B 847 -19.53 1.75 23.51
CA ALA B 847 -18.10 1.95 23.34
C ALA B 847 -17.65 1.44 21.98
N VAL B 848 -16.78 2.21 21.33
CA VAL B 848 -16.23 1.87 20.03
C VAL B 848 -14.79 1.43 20.22
N LEU B 849 -14.42 0.32 19.59
CA LEU B 849 -13.08 -0.23 19.67
C LEU B 849 -12.30 0.06 18.39
N SER B 850 -10.97 0.15 18.53
CA SER B 850 -10.08 0.34 17.40
C SER B 850 -9.17 -0.87 17.27
N PHE B 851 -8.79 -1.18 16.03
CA PHE B 851 -8.00 -2.37 15.74
C PHE B 851 -6.54 -2.12 16.14
N GLU B 852 -6.20 -2.57 17.35
CA GLU B 852 -4.83 -2.46 17.87
C GLU B 852 -4.16 -3.82 17.68
N LYS B 853 -3.46 -3.97 16.55
CA LYS B 853 -2.84 -5.25 16.23
C LYS B 853 -1.61 -5.52 17.10
N ASP B 854 -0.90 -4.47 17.52
CA ASP B 854 0.37 -4.67 18.21
C ASP B 854 0.18 -5.17 19.63
N ASP B 855 -0.93 -4.83 20.27
CA ASP B 855 -1.19 -5.25 21.63
C ASP B 855 -1.84 -6.63 21.61
N ASP B 856 -1.17 -7.62 22.19
CA ASP B 856 -1.63 -9.00 22.12
C ASP B 856 -2.68 -9.33 23.17
N HIS B 857 -2.90 -8.47 24.17
CA HIS B 857 -3.82 -8.78 25.25
C HIS B 857 -5.23 -8.25 25.01
N ASN B 858 -5.46 -7.48 23.95
CA ASN B 858 -6.80 -6.99 23.68
C ASN B 858 -7.68 -8.01 22.97
N GLY B 859 -7.10 -9.08 22.43
CA GLY B 859 -7.85 -10.13 21.80
C GLY B 859 -8.27 -9.87 20.37
N HIS B 860 -7.85 -8.75 19.78
CA HIS B 860 -8.24 -8.46 18.40
C HIS B 860 -7.67 -9.50 17.44
N ILE B 861 -6.37 -9.73 17.51
CA ILE B 861 -5.73 -10.66 16.60
C ILE B 861 -6.23 -12.08 16.83
N ASP B 862 -6.44 -12.45 18.09
CA ASP B 862 -6.98 -13.78 18.39
C ASP B 862 -8.37 -13.95 17.78
N PHE B 863 -9.23 -12.94 17.91
CA PHE B 863 -10.56 -13.03 17.33
C PHE B 863 -10.50 -13.14 15.82
N ILE B 864 -9.67 -12.32 15.18
CA ILE B 864 -9.58 -12.35 13.72
C ILE B 864 -9.05 -13.70 13.26
N THR B 865 -8.03 -14.23 13.94
CA THR B 865 -7.48 -15.53 13.57
C THR B 865 -8.53 -16.63 13.73
N ALA B 866 -9.26 -16.61 14.85
CA ALA B 866 -10.27 -17.64 15.06
C ALA B 866 -11.36 -17.57 13.99
N ALA B 867 -11.84 -16.37 13.69
CA ALA B 867 -12.89 -16.23 12.68
C ALA B 867 -12.40 -16.67 11.32
N SER B 868 -11.18 -16.27 10.94
CA SER B 868 -10.66 -16.64 9.63
C SER B 868 -10.44 -18.14 9.53
N ASN B 869 -9.93 -18.77 10.59
CA ASN B 869 -9.72 -20.21 10.56
C ASN B 869 -11.05 -20.95 10.49
N LEU B 870 -12.07 -20.47 11.21
CA LEU B 870 -13.38 -21.10 11.14
C LEU B 870 -13.97 -20.99 9.74
N ARG B 871 -13.87 -19.80 9.13
CA ARG B 871 -14.39 -19.64 7.78
C ARG B 871 -13.63 -20.53 6.80
N ALA B 872 -12.32 -20.63 6.96
CA ALA B 872 -11.54 -21.51 6.10
C ALA B 872 -11.96 -22.97 6.26
N LYS B 873 -12.19 -23.40 7.50
CA LYS B 873 -12.69 -24.76 7.72
C LYS B 873 -14.05 -24.95 7.07
N MET B 874 -14.86 -23.89 7.04
CA MET B 874 -16.15 -23.98 6.37
C MET B 874 -15.99 -24.18 4.87
N TYR B 875 -14.95 -23.61 4.28
CA TYR B 875 -14.70 -23.71 2.84
C TYR B 875 -13.60 -24.69 2.50
N SER B 876 -13.31 -25.63 3.39
CA SER B 876 -12.32 -26.70 3.17
C SER B 876 -10.94 -26.15 2.82
N ILE B 877 -10.65 -24.90 3.16
CA ILE B 877 -9.33 -24.33 2.99
C ILE B 877 -8.53 -24.57 4.25
N GLU B 878 -7.26 -24.92 4.08
CA GLU B 878 -6.40 -25.16 5.23
C GLU B 878 -6.24 -23.87 6.03
N PRO B 879 -6.19 -23.95 7.37
CA PRO B 879 -6.12 -22.72 8.18
C PRO B 879 -4.74 -22.09 8.15
N ALA B 880 -4.60 -20.94 8.81
CA ALA B 880 -3.34 -20.23 8.90
C ALA B 880 -3.01 -19.95 10.36
N ASP B 881 -1.72 -19.86 10.66
CA ASP B 881 -1.28 -19.63 12.03
C ASP B 881 -1.59 -18.18 12.44
N ARG B 882 -1.38 -17.92 13.73
CA ARG B 882 -1.70 -16.60 14.27
C ARG B 882 -0.85 -15.51 13.63
N PHE B 883 0.44 -15.77 13.42
CA PHE B 883 1.33 -14.73 12.95
C PHE B 883 1.05 -14.35 11.50
N LYS B 884 0.71 -15.34 10.67
CA LYS B 884 0.36 -15.03 9.28
C LYS B 884 -0.90 -14.18 9.23
N THR B 885 -1.89 -14.49 10.07
CA THR B 885 -3.09 -13.67 10.15
C THR B 885 -2.77 -12.26 10.63
N LYS B 886 -1.88 -12.16 11.62
CA LYS B 886 -1.46 -10.84 12.11
C LYS B 886 -0.81 -10.03 11.00
N ARG B 887 0.05 -10.67 10.20
CA ARG B 887 0.72 -9.96 9.13
C ARG B 887 -0.26 -9.53 8.05
N ILE B 888 -1.14 -10.43 7.61
CA ILE B 888 -2.01 -10.14 6.48
C ILE B 888 -3.08 -9.15 6.88
N ALA B 889 -3.76 -9.39 8.01
CA ALA B 889 -4.86 -8.53 8.43
C ALA B 889 -4.37 -7.14 8.78
N GLY B 890 -3.25 -7.04 9.48
CA GLY B 890 -2.69 -5.77 9.85
C GLY B 890 -1.80 -5.13 8.81
N LYS B 891 -1.70 -5.75 7.63
CA LYS B 891 -0.79 -5.34 6.55
C LYS B 891 0.56 -4.85 7.11
N ILE B 892 1.16 -5.69 7.95
CA ILE B 892 2.48 -5.39 8.48
C ILE B 892 3.51 -5.65 7.39
N ILE B 893 4.24 -4.61 7.01
CA ILE B 893 5.25 -4.73 5.97
C ILE B 893 6.51 -5.35 6.59
N PRO B 894 6.98 -6.49 6.08
CA PRO B 894 8.20 -7.08 6.63
C PRO B 894 9.40 -6.15 6.43
N ALA B 895 10.31 -6.18 7.39
CA ALA B 895 11.48 -5.32 7.32
C ALA B 895 12.61 -5.92 8.17
N ILE B 896 13.83 -5.45 7.89
CA ILE B 896 15.02 -5.92 8.58
C ILE B 896 16.05 -4.80 8.54
N ALA B 897 17.05 -4.88 9.43
CA ALA B 897 17.98 -3.77 9.58
C ALA B 897 18.96 -3.66 8.41
N THR B 898 19.34 -4.79 7.80
CA THR B 898 20.39 -4.76 6.80
C THR B 898 19.99 -3.94 5.58
N THR B 899 18.79 -4.18 5.06
CA THR B 899 18.34 -3.45 3.88
C THR B 899 18.20 -1.96 4.18
N THR B 900 17.67 -1.61 5.35
CA THR B 900 17.52 -0.20 5.69
C THR B 900 18.88 0.47 5.79
N ALA B 901 19.86 -0.19 6.40
CA ALA B 901 21.21 0.37 6.48
C ALA B 901 21.82 0.55 5.10
N THR B 902 21.64 -0.44 4.22
CA THR B 902 22.22 -0.34 2.88
C THR B 902 21.59 0.81 2.10
N VAL B 903 20.26 0.92 2.13
CA VAL B 903 19.61 1.97 1.36
C VAL B 903 19.89 3.33 1.97
N SER B 904 20.10 3.40 3.29
CA SER B 904 20.49 4.68 3.90
C SER B 904 21.89 5.09 3.45
N GLY B 905 22.83 4.15 3.41
CA GLY B 905 24.15 4.49 2.88
C GLY B 905 24.07 4.99 1.45
N LEU B 906 23.29 4.29 0.61
CA LEU B 906 23.17 4.73 -0.77
C LEU B 906 22.50 6.10 -0.88
N VAL B 907 21.47 6.34 -0.08
CA VAL B 907 20.80 7.63 -0.11
C VAL B 907 21.75 8.73 0.34
N ALA B 908 22.61 8.44 1.32
CA ALA B 908 23.61 9.42 1.74
C ALA B 908 24.58 9.74 0.61
N LEU B 909 24.99 8.72 -0.14
CA LEU B 909 25.85 8.98 -1.30
C LEU B 909 25.14 9.86 -2.31
N GLU B 910 23.86 9.56 -2.58
CA GLU B 910 23.08 10.40 -3.50
C GLU B 910 22.97 11.83 -2.97
N MET B 911 22.87 11.99 -1.65
CA MET B 911 22.84 13.33 -1.06
C MET B 911 24.15 14.06 -1.30
N ILE B 912 25.28 13.35 -1.17
CA ILE B 912 26.57 13.97 -1.47
C ILE B 912 26.59 14.43 -2.93
N LYS B 913 26.10 13.57 -3.83
CA LYS B 913 26.07 13.93 -5.25
C LYS B 913 25.21 15.16 -5.50
N VAL B 914 24.04 15.21 -4.87
CA VAL B 914 23.13 16.34 -5.06
C VAL B 914 23.76 17.62 -4.53
N THR B 915 24.36 17.57 -3.34
CA THR B 915 24.99 18.75 -2.78
C THR B 915 26.13 19.24 -3.66
N GLY B 916 26.89 18.32 -4.24
CA GLY B 916 27.97 18.73 -5.12
C GLY B 916 27.52 19.43 -6.40
N GLY B 917 26.22 19.36 -6.72
CA GLY B 917 25.74 19.96 -7.95
C GLY B 917 26.32 19.31 -9.20
N TYR B 918 26.43 17.99 -9.19
CA TYR B 918 27.05 17.26 -10.28
C TYR B 918 26.11 17.17 -11.48
N PRO B 919 26.66 16.94 -12.67
CA PRO B 919 25.81 16.81 -13.86
C PRO B 919 24.88 15.62 -13.81
N PHE B 920 24.03 15.48 -14.83
CA PHE B 920 22.98 14.48 -14.81
C PHE B 920 23.52 13.06 -14.84
N GLU B 921 24.65 12.84 -15.51
CA GLU B 921 25.20 11.49 -15.64
C GLU B 921 25.65 10.91 -14.30
N ALA B 922 25.95 11.76 -13.32
CA ALA B 922 26.49 11.26 -12.06
C ALA B 922 25.42 10.57 -11.22
N TYR B 923 24.20 11.08 -11.25
CA TYR B 923 23.14 10.53 -10.39
C TYR B 923 22.76 9.14 -10.86
N LYS B 924 22.57 8.24 -9.89
CA LYS B 924 22.25 6.84 -10.16
C LYS B 924 21.12 6.40 -9.24
N ASN B 925 20.04 5.89 -9.82
CA ASN B 925 19.00 5.22 -9.04
C ASN B 925 19.42 3.78 -8.80
N CYS B 926 19.10 3.26 -7.62
CA CYS B 926 19.49 1.92 -7.22
C CYS B 926 18.27 1.10 -6.86
N PHE B 927 18.21 -0.13 -7.37
CA PHE B 927 17.24 -1.12 -6.94
C PHE B 927 17.99 -2.38 -6.57
N LEU B 928 17.80 -2.86 -5.34
CA LEU B 928 18.52 -4.00 -4.83
C LEU B 928 17.56 -4.99 -4.19
N ASN B 929 17.93 -6.26 -4.24
CA ASN B 929 17.17 -7.33 -3.61
C ASN B 929 18.19 -8.33 -3.07
N LEU B 930 18.44 -8.27 -1.76
CA LEU B 930 19.48 -9.08 -1.15
C LEU B 930 19.16 -10.56 -1.15
N ALA B 931 17.92 -10.94 -1.48
CA ALA B 931 17.57 -12.36 -1.50
C ALA B 931 18.32 -13.10 -2.60
N ILE B 932 18.48 -12.49 -3.76
CA ILE B 932 19.03 -13.18 -4.93
C ILE B 932 20.52 -13.50 -4.74
N PRO B 933 21.40 -12.53 -4.41
CA PRO B 933 21.23 -11.09 -4.28
C PRO B 933 21.55 -10.36 -5.58
N ILE B 934 20.88 -9.25 -5.87
CA ILE B 934 21.17 -8.44 -7.04
C ILE B 934 21.17 -6.97 -6.64
N VAL B 935 22.11 -6.21 -7.19
CA VAL B 935 22.17 -4.76 -7.01
C VAL B 935 22.29 -4.14 -8.38
N VAL B 936 21.33 -3.28 -8.73
CA VAL B 936 21.26 -2.69 -10.05
C VAL B 936 21.33 -1.17 -9.92
N PHE B 937 22.25 -0.56 -10.65
CA PHE B 937 22.36 0.89 -10.74
C PHE B 937 22.02 1.32 -12.15
N THR B 938 21.02 2.19 -12.28
CA THR B 938 20.60 2.70 -13.57
C THR B 938 20.47 4.21 -13.50
N GLU B 939 20.70 4.86 -14.64
CA GLU B 939 20.55 6.30 -14.71
C GLU B 939 19.10 6.69 -14.43
N THR B 940 18.93 7.77 -13.68
CA THR B 940 17.60 8.28 -13.39
C THR B 940 16.95 8.80 -14.66
N THR B 941 15.63 8.65 -14.75
CA THR B 941 14.90 9.05 -15.95
C THR B 941 15.00 10.56 -16.14
N GLU B 942 15.48 10.98 -17.30
CA GLU B 942 15.64 12.39 -17.59
C GLU B 942 14.29 13.05 -17.81
N VAL B 943 14.28 14.38 -17.73
CA VAL B 943 13.06 15.14 -17.95
C VAL B 943 12.62 15.00 -19.40
N ARG B 944 11.31 15.06 -19.61
CA ARG B 944 10.73 14.89 -20.94
C ARG B 944 10.14 16.21 -21.41
N LYS B 945 10.56 16.65 -22.58
CA LYS B 945 9.95 17.82 -23.20
C LYS B 945 8.55 17.48 -23.69
N THR B 946 7.57 18.29 -23.32
CA THR B 946 6.20 18.11 -23.74
C THR B 946 5.78 19.34 -24.54
N LYS B 947 5.49 19.14 -25.83
CA LYS B 947 5.07 20.22 -26.70
C LYS B 947 3.56 20.22 -26.84
N ILE B 948 3.01 21.41 -27.09
CA ILE B 948 1.56 21.55 -27.19
C ILE B 948 1.18 22.11 -28.56
N ARG B 949 1.62 23.33 -28.85
CA ARG B 949 1.29 23.95 -30.13
C ARG B 949 2.27 25.08 -30.41
N ASN B 950 2.42 25.39 -31.70
CA ASN B 950 3.26 26.49 -32.18
C ASN B 950 4.72 26.34 -31.74
N GLY B 951 5.15 25.11 -31.46
CA GLY B 951 6.50 24.88 -31.00
C GLY B 951 6.73 25.17 -29.54
N ILE B 952 5.71 25.59 -28.80
CA ILE B 952 5.85 25.84 -27.38
C ILE B 952 5.92 24.51 -26.65
N SER B 953 6.93 24.34 -25.80
CA SER B 953 7.12 23.13 -25.03
C SER B 953 7.41 23.48 -23.58
N PHE B 954 7.09 22.56 -22.68
CA PHE B 954 7.27 22.78 -21.26
C PHE B 954 7.58 21.45 -20.59
N THR B 955 8.18 21.55 -19.41
CA THR B 955 8.51 20.39 -18.58
C THR B 955 7.72 20.46 -17.29
N ILE B 956 7.91 19.45 -16.44
CA ILE B 956 7.19 19.40 -15.17
C ILE B 956 7.70 20.46 -14.21
N TRP B 957 8.88 21.01 -14.43
CA TRP B 957 9.45 22.02 -13.54
C TRP B 957 9.12 23.44 -13.94
N ASP B 958 8.31 23.63 -14.99
CA ASP B 958 8.01 24.96 -15.50
C ASP B 958 6.72 25.48 -14.91
N ARG B 959 6.73 26.75 -14.52
CA ARG B 959 5.55 27.46 -14.08
C ARG B 959 5.51 28.83 -14.73
N TRP B 960 4.31 29.31 -15.02
CA TRP B 960 4.11 30.61 -15.64
C TRP B 960 3.49 31.56 -14.63
N THR B 961 3.81 32.85 -14.77
CA THR B 961 3.36 33.86 -13.83
C THR B 961 2.64 34.98 -14.57
N VAL B 962 1.51 35.42 -14.00
CA VAL B 962 0.74 36.52 -14.54
C VAL B 962 0.41 37.49 -13.41
N HIS B 963 0.15 38.73 -13.78
CA HIS B 963 -0.21 39.77 -12.82
C HIS B 963 -1.45 40.50 -13.30
N GLY B 964 -2.33 40.84 -12.36
CA GLY B 964 -3.57 41.52 -12.71
C GLY B 964 -3.82 42.76 -11.90
N LYS B 965 -5.07 43.22 -11.87
CA LYS B 965 -5.45 44.42 -11.13
C LYS B 965 -6.87 44.25 -10.61
N GLU B 966 -7.45 45.36 -10.15
CA GLU B 966 -8.75 45.28 -9.48
C GLU B 966 -9.87 44.99 -10.47
N ASP B 967 -9.90 45.71 -11.59
CA ASP B 967 -10.88 45.48 -12.64
C ASP B 967 -10.47 44.38 -13.61
N PHE B 968 -9.46 43.58 -13.24
CA PHE B 968 -8.99 42.49 -14.07
C PHE B 968 -10.06 41.43 -14.18
N THR B 969 -10.65 41.28 -15.36
CA THR B 969 -11.69 40.30 -15.55
C THR B 969 -11.11 38.99 -16.07
N LEU B 970 -11.96 37.97 -16.18
CA LEU B 970 -11.51 36.68 -16.67
C LEU B 970 -10.96 36.78 -18.08
N LEU B 971 -11.66 37.50 -18.95
CA LEU B 971 -11.15 37.70 -20.31
C LEU B 971 -9.83 38.45 -20.29
N ASP B 972 -9.64 39.34 -19.31
CA ASP B 972 -8.35 40.01 -19.18
C ASP B 972 -7.24 39.00 -18.89
N PHE B 973 -7.47 38.07 -17.98
CA PHE B 973 -6.47 37.07 -17.64
C PHE B 973 -6.17 36.17 -18.84
N ILE B 974 -7.21 35.71 -19.52
CA ILE B 974 -7.03 34.84 -20.67
C ILE B 974 -6.26 35.57 -21.77
N ASN B 975 -6.63 36.82 -22.03
CA ASN B 975 -5.95 37.62 -23.04
C ASN B 975 -4.50 37.87 -22.66
N ALA B 976 -4.23 38.08 -21.37
CA ALA B 976 -2.86 38.30 -20.93
C ALA B 976 -2.02 37.06 -21.16
N VAL B 977 -2.54 35.89 -20.82
CA VAL B 977 -1.79 34.66 -21.05
C VAL B 977 -1.58 34.42 -22.54
N LYS B 978 -2.61 34.67 -23.36
CA LYS B 978 -2.48 34.50 -24.80
C LYS B 978 -1.43 35.45 -25.36
N GLU B 979 -1.39 36.69 -24.88
CA GLU B 979 -0.41 37.65 -25.37
C GLU B 979 0.99 37.26 -24.92
N LYS B 980 1.13 36.74 -23.70
CA LYS B 980 2.46 36.45 -23.17
C LYS B 980 3.05 35.19 -23.80
N TYR B 981 2.25 34.14 -23.98
CA TYR B 981 2.78 32.86 -24.42
C TYR B 981 2.29 32.41 -25.79
N GLY B 982 1.40 33.17 -26.43
CA GLY B 982 0.99 32.89 -27.79
C GLY B 982 -0.10 31.84 -27.94
N ILE B 983 -0.65 31.32 -26.85
CA ILE B 983 -1.69 30.30 -26.92
C ILE B 983 -2.86 30.71 -26.02
N GLU B 984 -4.07 30.31 -26.41
CA GLU B 984 -5.27 30.72 -25.72
C GLU B 984 -5.66 29.68 -24.68
N PRO B 985 -5.69 30.02 -23.40
CA PRO B 985 -6.30 29.12 -22.41
C PRO B 985 -7.78 28.94 -22.69
N THR B 986 -8.28 27.74 -22.40
CA THR B 986 -9.68 27.41 -22.62
C THR B 986 -10.43 27.08 -21.33
N MET B 987 -9.73 26.71 -20.27
CA MET B 987 -10.37 26.41 -18.99
C MET B 987 -9.37 26.62 -17.87
N VAL B 988 -9.83 27.26 -16.79
CA VAL B 988 -8.99 27.59 -15.65
C VAL B 988 -9.60 26.94 -14.42
N VAL B 989 -8.78 26.20 -13.68
CA VAL B 989 -9.24 25.50 -12.48
C VAL B 989 -8.19 25.63 -11.40
N GLN B 990 -8.62 26.05 -10.20
CA GLN B 990 -7.79 26.00 -9.01
C GLN B 990 -8.18 24.75 -8.25
N GLY B 991 -7.22 23.85 -8.07
CA GLY B 991 -7.47 22.62 -7.33
C GLY B 991 -8.57 21.79 -7.96
N VAL B 992 -9.74 21.76 -7.32
CA VAL B 992 -10.90 21.04 -7.81
C VAL B 992 -12.07 21.98 -8.07
N LYS B 993 -11.82 23.29 -8.08
CA LYS B 993 -12.86 24.28 -8.34
C LYS B 993 -12.76 24.79 -9.76
N MET B 994 -13.87 24.69 -10.50
CA MET B 994 -13.91 25.19 -11.86
C MET B 994 -14.17 26.68 -11.88
N LEU B 995 -13.47 27.38 -12.77
CA LEU B 995 -13.62 28.82 -12.92
C LEU B 995 -14.10 29.24 -14.30
N TYR B 996 -13.82 28.47 -15.34
CA TYR B 996 -14.25 28.82 -16.69
C TYR B 996 -14.32 27.55 -17.53
N VAL B 997 -15.53 27.14 -17.88
CA VAL B 997 -15.74 26.01 -18.79
C VAL B 997 -16.86 26.40 -19.76
N PRO B 998 -16.53 26.83 -20.98
CA PRO B 998 -17.54 27.42 -21.86
C PRO B 998 -18.71 26.49 -22.16
N VAL B 999 -18.45 25.20 -22.33
CA VAL B 999 -19.54 24.29 -22.69
C VAL B 999 -20.52 24.12 -21.55
N MET B 1000 -20.03 24.15 -20.31
CA MET B 1000 -20.91 24.01 -19.16
C MET B 1000 -21.91 25.16 -19.13
N PRO B 1001 -23.20 24.90 -18.96
CA PRO B 1001 -24.17 25.99 -18.86
C PRO B 1001 -23.90 26.86 -17.64
N GLY B 1002 -24.19 28.15 -17.79
CA GLY B 1002 -23.95 29.07 -16.70
C GLY B 1002 -22.53 29.57 -16.58
N HIS B 1003 -21.70 29.36 -17.59
CA HIS B 1003 -20.32 29.82 -17.56
C HIS B 1003 -19.91 30.71 -18.71
N ALA B 1004 -20.71 30.80 -19.78
CA ALA B 1004 -20.40 31.74 -20.85
C ALA B 1004 -20.40 33.18 -20.35
N LYS B 1005 -21.37 33.50 -19.49
CA LYS B 1005 -21.43 34.83 -18.89
C LYS B 1005 -20.36 35.05 -17.83
N ARG B 1006 -19.64 34.00 -17.43
CA ARG B 1006 -18.59 34.16 -16.43
C ARG B 1006 -17.38 34.93 -16.95
N LEU B 1007 -17.27 35.08 -18.27
CA LEU B 1007 -16.09 35.74 -18.84
C LEU B 1007 -15.99 37.19 -18.37
N LYS B 1008 -17.12 37.89 -18.29
CA LYS B 1008 -17.12 39.26 -17.81
C LYS B 1008 -16.70 39.35 -16.35
N LEU B 1009 -16.94 38.30 -15.58
CA LEU B 1009 -16.72 38.35 -14.14
C LEU B 1009 -15.25 38.58 -13.81
N THR B 1010 -15.00 39.43 -12.81
CA THR B 1010 -13.65 39.73 -12.37
C THR B 1010 -13.12 38.59 -11.51
N MET B 1011 -11.78 38.55 -11.36
CA MET B 1011 -11.15 37.46 -10.64
C MET B 1011 -11.62 37.41 -9.20
N HIS B 1012 -11.68 38.57 -8.54
CA HIS B 1012 -12.08 38.60 -7.13
C HIS B 1012 -13.49 38.08 -6.93
N LYS B 1013 -14.39 38.35 -7.86
CA LYS B 1013 -15.74 37.78 -7.75
C LYS B 1013 -15.77 36.32 -8.18
N LEU B 1014 -14.96 35.95 -9.18
CA LEU B 1014 -15.02 34.60 -9.72
C LEU B 1014 -14.52 33.57 -8.72
N VAL B 1015 -13.36 33.82 -8.11
CA VAL B 1015 -12.82 32.88 -7.14
C VAL B 1015 -13.23 33.22 -5.71
N LYS B 1016 -13.57 34.48 -5.43
CA LYS B 1016 -13.86 34.95 -4.08
C LYS B 1016 -12.70 34.57 -3.17
N PRO B 1017 -11.52 35.15 -3.37
CA PRO B 1017 -10.32 34.66 -2.71
C PRO B 1017 -10.24 35.11 -1.26
N THR B 1018 -9.30 34.52 -0.54
CA THR B 1018 -8.99 34.92 0.81
C THR B 1018 -7.92 36.00 0.80
N THR B 1019 -7.87 36.78 1.89
CA THR B 1019 -6.88 37.84 2.01
C THR B 1019 -5.54 37.33 2.53
N GLU B 1020 -5.43 36.03 2.82
CA GLU B 1020 -4.17 35.47 3.31
C GLU B 1020 -3.06 35.60 2.27
N LYS B 1021 -3.38 35.36 1.01
CA LYS B 1021 -2.40 35.42 -0.07
C LYS B 1021 -2.95 36.27 -1.21
N LYS B 1022 -2.05 36.97 -1.88
CA LYS B 1022 -2.42 37.76 -3.06
C LYS B 1022 -2.44 36.93 -4.34
N TYR B 1023 -1.98 35.68 -4.29
CA TYR B 1023 -1.88 34.86 -5.48
C TYR B 1023 -2.52 33.50 -5.25
N VAL B 1024 -3.01 32.91 -6.33
CA VAL B 1024 -3.62 31.58 -6.32
C VAL B 1024 -3.00 30.78 -7.45
N ASP B 1025 -2.74 29.50 -7.19
CA ASP B 1025 -2.18 28.61 -8.20
C ASP B 1025 -3.28 28.01 -9.05
N LEU B 1026 -3.13 28.09 -10.37
CA LEU B 1026 -4.15 27.69 -11.31
C LEU B 1026 -3.61 26.63 -12.25
N THR B 1027 -4.53 25.90 -12.87
CA THR B 1027 -4.22 24.94 -13.93
C THR B 1027 -5.03 25.31 -15.16
N VAL B 1028 -4.40 25.25 -16.33
CA VAL B 1028 -5.02 25.68 -17.57
C VAL B 1028 -4.94 24.55 -18.57
N SER B 1029 -5.69 24.71 -19.67
CA SER B 1029 -5.70 23.77 -20.77
C SER B 1029 -5.99 24.53 -22.05
N PHE B 1030 -5.65 23.91 -23.18
CA PHE B 1030 -5.75 24.59 -24.46
C PHE B 1030 -6.44 23.69 -25.48
N ALA B 1031 -7.09 24.32 -26.44
CA ALA B 1031 -7.84 23.57 -27.44
C ALA B 1031 -6.88 22.76 -28.31
N PRO B 1032 -7.27 21.54 -28.70
CA PRO B 1032 -6.39 20.74 -29.54
C PRO B 1032 -6.23 21.33 -30.93
N ASP B 1033 -5.07 21.07 -31.53
CA ASP B 1033 -4.82 21.51 -32.90
C ASP B 1033 -5.62 20.69 -33.91
N ILE B 1034 -6.10 19.52 -33.53
CA ILE B 1034 -6.91 18.66 -34.39
C ILE B 1034 -8.19 18.33 -33.65
N ASP B 1035 -9.33 18.49 -34.32
CA ASP B 1035 -10.61 18.23 -33.71
C ASP B 1035 -10.75 16.75 -33.36
N GLY B 1036 -11.56 16.48 -32.34
CA GLY B 1036 -11.78 15.12 -31.88
C GLY B 1036 -10.82 14.65 -30.80
N ASP B 1037 -9.81 15.44 -30.47
CA ASP B 1037 -8.83 15.08 -29.46
C ASP B 1037 -9.10 15.83 -28.17
N GLU B 1038 -8.65 15.24 -27.06
CA GLU B 1038 -8.82 15.87 -25.76
C GLU B 1038 -8.00 17.16 -25.68
N ASP B 1039 -8.32 17.96 -24.67
CA ASP B 1039 -7.64 19.23 -24.48
C ASP B 1039 -6.17 19.00 -24.15
N LEU B 1040 -5.31 19.83 -24.75
CA LEU B 1040 -3.88 19.72 -24.50
C LEU B 1040 -3.56 20.13 -23.07
N PRO B 1041 -2.64 19.43 -22.41
CA PRO B 1041 -2.27 19.81 -21.05
C PRO B 1041 -1.47 21.10 -21.04
N GLY B 1042 -1.39 21.71 -19.87
CA GLY B 1042 -0.64 22.93 -19.69
C GLY B 1042 0.04 23.01 -18.34
N PRO B 1043 1.17 23.71 -18.29
CA PRO B 1043 1.88 23.85 -17.03
C PRO B 1043 1.07 24.70 -16.06
N PRO B 1044 1.27 24.51 -14.75
CA PRO B 1044 0.55 25.34 -13.77
C PRO B 1044 0.94 26.80 -13.91
N VAL B 1045 -0.02 27.68 -13.61
CA VAL B 1045 0.14 29.11 -13.74
C VAL B 1045 -0.23 29.76 -12.42
N ARG B 1046 0.64 30.63 -11.92
CA ARG B 1046 0.41 31.38 -10.69
C ARG B 1046 0.06 32.82 -11.04
N TYR B 1047 -1.07 33.29 -10.51
CA TYR B 1047 -1.61 34.60 -10.85
C TYR B 1047 -1.74 35.46 -9.58
N TYR B 1048 -1.36 36.72 -9.68
CA TYR B 1048 -1.43 37.67 -8.59
C TYR B 1048 -2.56 38.66 -8.85
N PHE B 1049 -3.38 38.90 -7.83
CA PHE B 1049 -4.51 39.83 -7.97
C PHE B 1049 -4.08 41.28 -8.17
N SER B 1050 -2.82 41.61 -7.88
CA SER B 1050 -2.30 42.95 -8.11
C SER B 1050 -0.87 42.82 -8.62
N HIS B 1051 -0.15 43.94 -8.62
CA HIS B 1051 1.22 43.97 -9.11
C HIS B 1051 2.20 44.06 -7.94
C1 IHP C . -24.37 -8.50 7.83
C2 IHP C . -25.17 -8.58 9.13
C3 IHP C . -26.65 -8.74 8.76
C4 IHP C . -26.90 -9.95 7.85
C5 IHP C . -25.98 -9.99 6.61
C6 IHP C . -24.50 -9.78 7.00
O11 IHP C . -23.03 -8.17 8.04
P1 IHP C . -22.47 -6.67 7.61
O21 IHP C . -23.24 -5.61 8.41
O31 IHP C . -20.97 -6.70 7.95
O41 IHP C . -22.73 -6.55 6.11
O12 IHP C . -24.72 -9.61 9.97
P2 IHP C . -23.96 -9.30 11.43
O22 IHP C . -24.68 -8.12 12.08
O32 IHP C . -24.16 -10.63 12.16
O42 IHP C . -22.48 -8.99 11.13
O13 IHP C . -27.43 -8.83 9.90
P3 IHP C . -28.16 -7.45 10.47
O23 IHP C . -27.17 -6.77 11.41
O33 IHP C . -28.49 -6.56 9.27
O43 IHP C . -29.39 -8.05 11.15
O14 IHP C . -28.23 -9.95 7.42
P4 IHP C . -29.25 -11.24 7.73
O24 IHP C . -29.90 -10.94 9.09
O34 IHP C . -30.25 -11.12 6.58
O44 IHP C . -28.40 -12.51 7.72
O15 IHP C . -26.11 -11.19 5.96
P5 IHP C . -26.74 -11.29 4.41
O25 IHP C . -26.12 -10.17 3.57
O35 IHP C . -26.31 -12.69 3.99
O45 IHP C . -28.26 -11.12 4.54
O16 IHP C . -23.74 -9.67 5.85
P6 IHP C . -22.23 -10.36 5.71
O26 IHP C . -22.15 -11.15 4.41
O36 IHP C . -21.33 -9.11 5.69
O46 IHP C . -22.04 -11.26 6.94
PG ATP D . 5.84 -0.78 11.40
O1G ATP D . 6.80 -1.90 11.21
O2G ATP D . 4.75 -0.71 10.32
O3G ATP D . 5.18 -0.76 12.77
PB ATP D . 6.30 2.16 11.58
O1B ATP D . 4.87 2.47 11.55
O2B ATP D . 7.03 2.51 12.88
O3B ATP D . 6.59 0.62 11.30
PA ATP D . 8.54 2.78 9.76
O1A ATP D . 8.55 1.97 8.53
O2A ATP D . 9.47 2.28 10.85
O3A ATP D . 7.09 2.86 10.40
O5' ATP D . 8.88 4.29 9.46
C5' ATP D . 7.97 5.12 8.71
C4' ATP D . 7.68 6.38 9.49
O4' ATP D . 7.05 7.35 8.63
C3' ATP D . 6.75 6.19 10.69
O3' ATP D . 7.44 6.32 11.91
C2' ATP D . 5.69 7.30 10.52
O2' ATP D . 5.51 8.03 11.73
C1' ATP D . 6.30 8.20 9.45
N9 ATP D . 5.32 8.88 8.62
C8 ATP D . 4.40 8.31 7.80
N7 ATP D . 3.64 9.17 7.16
C5 ATP D . 4.10 10.40 7.60
C6 ATP D . 3.72 11.72 7.29
N6 ATP D . 2.73 12.04 6.45
N1 ATP D . 4.39 12.72 7.91
C2 ATP D . 5.37 12.42 8.76
N3 ATP D . 5.82 11.21 9.11
C4 ATP D . 5.14 10.23 8.49
#